data_3IRC
# 
_entry.id   3IRC 
# 
_audit_conform.dict_name       mmcif_pdbx.dic 
_audit_conform.dict_version    5.399 
_audit_conform.dict_location   http://mmcif.pdb.org/dictionaries/ascii/mmcif_pdbx.dic 
# 
loop_
_database_2.database_id 
_database_2.database_code 
_database_2.pdbx_database_accession 
_database_2.pdbx_DOI 
PDB   3IRC         pdb_00003irc 10.2210/pdb3irc/pdb 
RCSB  RCSB054768   ?            ?                   
WWPDB D_1000054768 ?            ?                   
# 
loop_
_pdbx_audit_revision_history.ordinal 
_pdbx_audit_revision_history.data_content_type 
_pdbx_audit_revision_history.major_revision 
_pdbx_audit_revision_history.minor_revision 
_pdbx_audit_revision_history.revision_date 
1 'Structure model' 1 0 2009-09-29 
2 'Structure model' 1 1 2011-07-13 
3 'Structure model' 1 2 2017-11-01 
4 'Structure model' 1 3 2022-04-13 
5 'Structure model' 1 4 2023-09-06 
6 'Structure model' 1 5 2024-11-27 
# 
_pdbx_audit_revision_details.ordinal             1 
_pdbx_audit_revision_details.revision_ordinal    1 
_pdbx_audit_revision_details.data_content_type   'Structure model' 
_pdbx_audit_revision_details.provider            repository 
_pdbx_audit_revision_details.type                'Initial release' 
_pdbx_audit_revision_details.description         ? 
_pdbx_audit_revision_details.details             ? 
# 
loop_
_pdbx_audit_revision_group.ordinal 
_pdbx_audit_revision_group.revision_ordinal 
_pdbx_audit_revision_group.data_content_type 
_pdbx_audit_revision_group.group 
1  2 'Structure model' Advisory                    
2  2 'Structure model' 'Version format compliance' 
3  3 'Structure model' Advisory                    
4  3 'Structure model' 'Refinement description'    
5  4 'Structure model' Advisory                    
6  4 'Structure model' 'Database references'       
7  4 'Structure model' 'Derived calculations'      
8  4 'Structure model' 'Structure summary'         
9  5 'Structure model' 'Data collection'           
10 5 'Structure model' 'Refinement description'    
11 6 'Structure model' 'Structure summary'         
# 
loop_
_pdbx_audit_revision_category.ordinal 
_pdbx_audit_revision_category.revision_ordinal 
_pdbx_audit_revision_category.data_content_type 
_pdbx_audit_revision_category.category 
1  3 'Structure model' pdbx_unobs_or_zero_occ_residues 
2  3 'Structure model' software                        
3  4 'Structure model' audit_author                    
4  4 'Structure model' database_2                      
5  4 'Structure model' pdbx_unobs_or_zero_occ_residues 
6  4 'Structure model' struct_ref_seq_dif              
7  4 'Structure model' struct_site                     
8  5 'Structure model' chem_comp_atom                  
9  5 'Structure model' chem_comp_bond                  
10 5 'Structure model' pdbx_initial_refinement_model   
11 6 'Structure model' pdbx_entry_details              
12 6 'Structure model' pdbx_modification_feature       
# 
loop_
_pdbx_audit_revision_item.ordinal 
_pdbx_audit_revision_item.revision_ordinal 
_pdbx_audit_revision_item.data_content_type 
_pdbx_audit_revision_item.item 
1  3 'Structure model' '_software.classification'            
2  3 'Structure model' '_software.contact_author'            
3  3 'Structure model' '_software.contact_author_email'      
4  3 'Structure model' '_software.date'                      
5  3 'Structure model' '_software.language'                  
6  3 'Structure model' '_software.location'                  
7  3 'Structure model' '_software.name'                      
8  3 'Structure model' '_software.type'                      
9  3 'Structure model' '_software.version'                   
10 4 'Structure model' '_audit_author.identifier_ORCID'      
11 4 'Structure model' '_database_2.pdbx_DOI'                
12 4 'Structure model' '_database_2.pdbx_database_accession' 
13 4 'Structure model' '_struct_ref_seq_dif.details'         
14 4 'Structure model' '_struct_site.pdbx_auth_asym_id'      
15 4 'Structure model' '_struct_site.pdbx_auth_comp_id'      
16 4 'Structure model' '_struct_site.pdbx_auth_seq_id'       
# 
_pdbx_database_PDB_obs_spr.id               SPRSDE 
_pdbx_database_PDB_obs_spr.date             2009-09-29 
_pdbx_database_PDB_obs_spr.pdb_id           3IRC 
_pdbx_database_PDB_obs_spr.replace_pdb_id   3EGP 
_pdbx_database_PDB_obs_spr.details          ? 
# 
_pdbx_database_status.entry_id                        3IRC 
_pdbx_database_status.status_code                     REL 
_pdbx_database_status.deposit_site                    RCSB 
_pdbx_database_status.process_site                    RCSB 
_pdbx_database_status.recvd_initial_deposition_date   2009-08-21 
_pdbx_database_status.status_code_sf                  REL 
_pdbx_database_status.status_code_mr                  ? 
_pdbx_database_status.SG_entry                        Y 
_pdbx_database_status.pdb_format_compatible           Y 
_pdbx_database_status.status_code_cs                  ? 
_pdbx_database_status.methods_development_category    ? 
_pdbx_database_status.status_code_nmr_data            ? 
# 
_pdbx_database_related.db_name        TargetDB 
_pdbx_database_related.db_id          IDP00272 
_pdbx_database_related.details        . 
_pdbx_database_related.content_type   unspecified 
# 
loop_
_audit_author.name 
_audit_author.pdbx_ordinal 
_audit_author.identifier_ORCID 
'Nelson, C.A.'                                                  1 ?                   
'Kim, T.'                                                       2 ?                   
'Warren, J.T.'                                                  3 ?                   
'Chruszcz, M.'                                                  4 ?                   
'Minor, W.'                                                     5 0000-0001-7075-7090 
'Fremont, D.H.'                                                 6 ?                   
'Center for Structural Genomics of Infectious Diseases (CSGID)' 7 ?                   
# 
_citation.id                        primary 
_citation.title                     'Crystal Structure Analysis of the Dengue-1 Envelope Protein Domain III' 
_citation.journal_abbrev            'To be Published' 
_citation.journal_volume            ? 
_citation.page_first                ? 
_citation.page_last                 ? 
_citation.year                      ? 
_citation.journal_id_ASTM           ? 
_citation.country                   ? 
_citation.journal_id_ISSN           ? 
_citation.journal_id_CSD            0353 
_citation.book_publisher            ? 
_citation.pdbx_database_id_PubMed   ? 
_citation.pdbx_database_id_DOI      ? 
# 
loop_
_citation_author.citation_id 
_citation_author.name 
_citation_author.ordinal 
_citation_author.identifier_ORCID 
primary 'Nelson, C.A.'  1 ? 
primary 'Kim, T.'       2 ? 
primary 'Warren, J.T.'  3 ? 
primary 'Fremont, D.H.' 4 ? 
# 
loop_
_entity.id 
_entity.type 
_entity.src_method 
_entity.pdbx_description 
_entity.formula_weight 
_entity.pdbx_number_of_molecules 
_entity.pdbx_ec 
_entity.pdbx_mutation 
_entity.pdbx_fragment 
_entity.details 
1 polymer     man 'ENVELOPE PROTEIN' 11696.393 1  ? ? 'DOMAIN III, residues 576-679' ? 
2 non-polymer syn 'SULFATE ION'      96.063    4  ? ? ?                              ? 
3 water       nat water              18.015    53 ? ? ?                              ? 
# 
_entity_poly.entity_id                      1 
_entity_poly.type                           'polypeptide(L)' 
_entity_poly.nstd_linkage                   no 
_entity_poly.nstd_monomer                   no 
_entity_poly.pdbx_seq_one_letter_code       
;MTLKGMSYVMCTGSFKLEKEVAETQHGTVLVQVKYEGTDAPCKIPFSTQDEKGATQNGRLITANPIVTDKEKPVNIEAEP
PFGESYIVVGAGEKALKLSWFKKGSSIG
;
_entity_poly.pdbx_seq_one_letter_code_can   
;MTLKGMSYVMCTGSFKLEKEVAETQHGTVLVQVKYEGTDAPCKIPFSTQDEKGATQNGRLITANPIVTDKEKPVNIEAEP
PFGESYIVVGAGEKALKLSWFKKGSSIG
;
_entity_poly.pdbx_strand_id                 A 
_entity_poly.pdbx_target_identifier         IDP00272 
# 
loop_
_pdbx_entity_nonpoly.entity_id 
_pdbx_entity_nonpoly.name 
_pdbx_entity_nonpoly.comp_id 
2 'SULFATE ION' SO4 
3 water         HOH 
# 
loop_
_entity_poly_seq.entity_id 
_entity_poly_seq.num 
_entity_poly_seq.mon_id 
_entity_poly_seq.hetero 
1 1   MET n 
1 2   THR n 
1 3   LEU n 
1 4   LYS n 
1 5   GLY n 
1 6   MET n 
1 7   SER n 
1 8   TYR n 
1 9   VAL n 
1 10  MET n 
1 11  CYS n 
1 12  THR n 
1 13  GLY n 
1 14  SER n 
1 15  PHE n 
1 16  LYS n 
1 17  LEU n 
1 18  GLU n 
1 19  LYS n 
1 20  GLU n 
1 21  VAL n 
1 22  ALA n 
1 23  GLU n 
1 24  THR n 
1 25  GLN n 
1 26  HIS n 
1 27  GLY n 
1 28  THR n 
1 29  VAL n 
1 30  LEU n 
1 31  VAL n 
1 32  GLN n 
1 33  VAL n 
1 34  LYS n 
1 35  TYR n 
1 36  GLU n 
1 37  GLY n 
1 38  THR n 
1 39  ASP n 
1 40  ALA n 
1 41  PRO n 
1 42  CYS n 
1 43  LYS n 
1 44  ILE n 
1 45  PRO n 
1 46  PHE n 
1 47  SER n 
1 48  THR n 
1 49  GLN n 
1 50  ASP n 
1 51  GLU n 
1 52  LYS n 
1 53  GLY n 
1 54  ALA n 
1 55  THR n 
1 56  GLN n 
1 57  ASN n 
1 58  GLY n 
1 59  ARG n 
1 60  LEU n 
1 61  ILE n 
1 62  THR n 
1 63  ALA n 
1 64  ASN n 
1 65  PRO n 
1 66  ILE n 
1 67  VAL n 
1 68  THR n 
1 69  ASP n 
1 70  LYS n 
1 71  GLU n 
1 72  LYS n 
1 73  PRO n 
1 74  VAL n 
1 75  ASN n 
1 76  ILE n 
1 77  GLU n 
1 78  ALA n 
1 79  GLU n 
1 80  PRO n 
1 81  PRO n 
1 82  PHE n 
1 83  GLY n 
1 84  GLU n 
1 85  SER n 
1 86  TYR n 
1 87  ILE n 
1 88  VAL n 
1 89  VAL n 
1 90  GLY n 
1 91  ALA n 
1 92  GLY n 
1 93  GLU n 
1 94  LYS n 
1 95  ALA n 
1 96  LEU n 
1 97  LYS n 
1 98  LEU n 
1 99  SER n 
1 100 TRP n 
1 101 PHE n 
1 102 LYS n 
1 103 LYS n 
1 104 GLY n 
1 105 SER n 
1 106 SER n 
1 107 ILE n 
1 108 GLY n 
# 
_entity_src_gen.entity_id                          1 
_entity_src_gen.pdbx_src_id                        1 
_entity_src_gen.pdbx_alt_source_flag               sample 
_entity_src_gen.pdbx_seq_type                      ? 
_entity_src_gen.pdbx_beg_seq_num                   ? 
_entity_src_gen.pdbx_end_seq_num                   ? 
_entity_src_gen.gene_src_common_name               ? 
_entity_src_gen.gene_src_genus                     ? 
_entity_src_gen.pdbx_gene_src_gene                 ENVELOPE 
_entity_src_gen.gene_src_species                   ? 
_entity_src_gen.gene_src_strain                    16007 
_entity_src_gen.gene_src_tissue                    ? 
_entity_src_gen.gene_src_tissue_fraction           ? 
_entity_src_gen.gene_src_details                   ? 
_entity_src_gen.pdbx_gene_src_fragment             ? 
_entity_src_gen.pdbx_gene_src_scientific_name      'Dengue virus 1' 
_entity_src_gen.pdbx_gene_src_ncbi_taxonomy_id     11053 
_entity_src_gen.pdbx_gene_src_variant              ? 
_entity_src_gen.pdbx_gene_src_cell_line            ? 
_entity_src_gen.pdbx_gene_src_atcc                 ? 
_entity_src_gen.pdbx_gene_src_organ                ? 
_entity_src_gen.pdbx_gene_src_organelle            ? 
_entity_src_gen.pdbx_gene_src_cell                 ? 
_entity_src_gen.pdbx_gene_src_cellular_location    ? 
_entity_src_gen.host_org_common_name               ? 
_entity_src_gen.pdbx_host_org_scientific_name      'Escherichia coli' 
_entity_src_gen.pdbx_host_org_ncbi_taxonomy_id     562 
_entity_src_gen.host_org_genus                     ? 
_entity_src_gen.pdbx_host_org_gene                 ? 
_entity_src_gen.pdbx_host_org_organ                ? 
_entity_src_gen.host_org_species                   ? 
_entity_src_gen.pdbx_host_org_tissue               ? 
_entity_src_gen.pdbx_host_org_tissue_fraction      ? 
_entity_src_gen.pdbx_host_org_strain               'BL21-CodonPlus(DE3)-RIL' 
_entity_src_gen.pdbx_host_org_variant              ? 
_entity_src_gen.pdbx_host_org_cell_line            ? 
_entity_src_gen.pdbx_host_org_atcc                 ? 
_entity_src_gen.pdbx_host_org_culture_collection   ? 
_entity_src_gen.pdbx_host_org_cell                 ? 
_entity_src_gen.pdbx_host_org_organelle            ? 
_entity_src_gen.pdbx_host_org_cellular_location    ? 
_entity_src_gen.pdbx_host_org_vector_type          plasmid 
_entity_src_gen.pdbx_host_org_vector               ? 
_entity_src_gen.host_org_details                   ? 
_entity_src_gen.expression_system_id               ? 
_entity_src_gen.plasmid_name                       pET21 
_entity_src_gen.plasmid_details                    ? 
_entity_src_gen.pdbx_description                   ? 
# 
loop_
_chem_comp.id 
_chem_comp.type 
_chem_comp.mon_nstd_flag 
_chem_comp.name 
_chem_comp.pdbx_synonyms 
_chem_comp.formula 
_chem_comp.formula_weight 
ALA 'L-peptide linking' y ALANINE         ? 'C3 H7 N O2'     89.093  
ARG 'L-peptide linking' y ARGININE        ? 'C6 H15 N4 O2 1' 175.209 
ASN 'L-peptide linking' y ASPARAGINE      ? 'C4 H8 N2 O3'    132.118 
ASP 'L-peptide linking' y 'ASPARTIC ACID' ? 'C4 H7 N O4'     133.103 
CYS 'L-peptide linking' y CYSTEINE        ? 'C3 H7 N O2 S'   121.158 
GLN 'L-peptide linking' y GLUTAMINE       ? 'C5 H10 N2 O3'   146.144 
GLU 'L-peptide linking' y 'GLUTAMIC ACID' ? 'C5 H9 N O4'     147.129 
GLY 'peptide linking'   y GLYCINE         ? 'C2 H5 N O2'     75.067  
HIS 'L-peptide linking' y HISTIDINE       ? 'C6 H10 N3 O2 1' 156.162 
HOH non-polymer         . WATER           ? 'H2 O'           18.015  
ILE 'L-peptide linking' y ISOLEUCINE      ? 'C6 H13 N O2'    131.173 
LEU 'L-peptide linking' y LEUCINE         ? 'C6 H13 N O2'    131.173 
LYS 'L-peptide linking' y LYSINE          ? 'C6 H15 N2 O2 1' 147.195 
MET 'L-peptide linking' y METHIONINE      ? 'C5 H11 N O2 S'  149.211 
PHE 'L-peptide linking' y PHENYLALANINE   ? 'C9 H11 N O2'    165.189 
PRO 'L-peptide linking' y PROLINE         ? 'C5 H9 N O2'     115.130 
SER 'L-peptide linking' y SERINE          ? 'C3 H7 N O3'     105.093 
SO4 non-polymer         . 'SULFATE ION'   ? 'O4 S -2'        96.063  
THR 'L-peptide linking' y THREONINE       ? 'C4 H9 N O3'     119.119 
TRP 'L-peptide linking' y TRYPTOPHAN      ? 'C11 H12 N2 O2'  204.225 
TYR 'L-peptide linking' y TYROSINE        ? 'C9 H11 N O3'    181.189 
VAL 'L-peptide linking' y VALINE          ? 'C5 H11 N O2'    117.146 
# 
loop_
_pdbx_poly_seq_scheme.asym_id 
_pdbx_poly_seq_scheme.entity_id 
_pdbx_poly_seq_scheme.seq_id 
_pdbx_poly_seq_scheme.mon_id 
_pdbx_poly_seq_scheme.ndb_seq_num 
_pdbx_poly_seq_scheme.pdb_seq_num 
_pdbx_poly_seq_scheme.auth_seq_num 
_pdbx_poly_seq_scheme.pdb_mon_id 
_pdbx_poly_seq_scheme.auth_mon_id 
_pdbx_poly_seq_scheme.pdb_strand_id 
_pdbx_poly_seq_scheme.pdb_ins_code 
_pdbx_poly_seq_scheme.hetero 
A 1 1   MET 1   292 ?   ?   ?   A . n 
A 1 2   THR 2   293 ?   ?   ?   A . n 
A 1 3   LEU 3   294 ?   ?   ?   A . n 
A 1 4   LYS 4   295 ?   ?   ?   A . n 
A 1 5   GLY 5   296 296 GLY GLY A . n 
A 1 6   MET 6   297 297 MET MET A . n 
A 1 7   SER 7   298 298 SER SER A . n 
A 1 8   TYR 8   299 299 TYR TYR A . n 
A 1 9   VAL 9   300 300 VAL VAL A . n 
A 1 10  MET 10  301 301 MET MET A . n 
A 1 11  CYS 11  302 302 CYS CYS A . n 
A 1 12  THR 12  303 303 THR THR A . n 
A 1 13  GLY 13  304 304 GLY GLY A . n 
A 1 14  SER 14  305 305 SER SER A . n 
A 1 15  PHE 15  306 306 PHE PHE A . n 
A 1 16  LYS 16  307 307 LYS LYS A . n 
A 1 17  LEU 17  308 308 LEU LEU A . n 
A 1 18  GLU 18  309 309 GLU GLU A . n 
A 1 19  LYS 19  310 310 LYS LYS A . n 
A 1 20  GLU 20  311 311 GLU GLU A . n 
A 1 21  VAL 21  312 312 VAL VAL A . n 
A 1 22  ALA 22  313 313 ALA ALA A . n 
A 1 23  GLU 23  314 314 GLU GLU A . n 
A 1 24  THR 24  315 315 THR THR A . n 
A 1 25  GLN 25  316 316 GLN GLN A . n 
A 1 26  HIS 26  317 317 HIS HIS A . n 
A 1 27  GLY 27  318 318 GLY GLY A . n 
A 1 28  THR 28  319 319 THR THR A . n 
A 1 29  VAL 29  320 320 VAL VAL A . n 
A 1 30  LEU 30  321 321 LEU LEU A . n 
A 1 31  VAL 31  322 322 VAL VAL A . n 
A 1 32  GLN 32  323 323 GLN GLN A . n 
A 1 33  VAL 33  324 324 VAL VAL A . n 
A 1 34  LYS 34  325 325 LYS LYS A . n 
A 1 35  TYR 35  326 326 TYR TYR A . n 
A 1 36  GLU 36  327 327 GLU GLU A . n 
A 1 37  GLY 37  328 328 GLY GLY A . n 
A 1 38  THR 38  329 329 THR THR A . n 
A 1 39  ASP 39  330 330 ASP ASP A . n 
A 1 40  ALA 40  331 331 ALA ALA A . n 
A 1 41  PRO 41  332 332 PRO PRO A . n 
A 1 42  CYS 42  333 333 CYS CYS A . n 
A 1 43  LYS 43  334 334 LYS LYS A . n 
A 1 44  ILE 44  335 335 ILE ILE A . n 
A 1 45  PRO 45  336 336 PRO PRO A . n 
A 1 46  PHE 46  337 337 PHE PHE A . n 
A 1 47  SER 47  338 338 SER SER A . n 
A 1 48  THR 48  339 339 THR THR A . n 
A 1 49  GLN 49  340 340 GLN GLN A . n 
A 1 50  ASP 50  341 341 ASP ASP A . n 
A 1 51  GLU 51  342 342 GLU GLU A . n 
A 1 52  LYS 52  343 343 LYS LYS A . n 
A 1 53  GLY 53  344 344 GLY GLY A . n 
A 1 54  ALA 54  345 345 ALA ALA A . n 
A 1 55  THR 55  346 346 THR THR A . n 
A 1 56  GLN 56  347 347 GLN GLN A . n 
A 1 57  ASN 57  348 348 ASN ASN A . n 
A 1 58  GLY 58  349 349 GLY GLY A . n 
A 1 59  ARG 59  350 350 ARG ARG A . n 
A 1 60  LEU 60  351 351 LEU LEU A . n 
A 1 61  ILE 61  352 352 ILE ILE A . n 
A 1 62  THR 62  353 353 THR THR A . n 
A 1 63  ALA 63  354 354 ALA ALA A . n 
A 1 64  ASN 64  355 355 ASN ASN A . n 
A 1 65  PRO 65  356 356 PRO PRO A . n 
A 1 66  ILE 66  357 357 ILE ILE A . n 
A 1 67  VAL 67  358 358 VAL VAL A . n 
A 1 68  THR 68  359 359 THR THR A . n 
A 1 69  ASP 69  360 360 ASP ASP A . n 
A 1 70  LYS 70  361 361 LYS LYS A . n 
A 1 71  GLU 71  362 362 GLU GLU A . n 
A 1 72  LYS 72  363 363 LYS LYS A . n 
A 1 73  PRO 73  364 364 PRO PRO A . n 
A 1 74  VAL 74  365 365 VAL VAL A . n 
A 1 75  ASN 75  366 366 ASN ASN A . n 
A 1 76  ILE 76  367 367 ILE ILE A . n 
A 1 77  GLU 77  368 368 GLU GLU A . n 
A 1 78  ALA 78  369 369 ALA ALA A . n 
A 1 79  GLU 79  370 370 GLU GLU A . n 
A 1 80  PRO 80  371 371 PRO PRO A . n 
A 1 81  PRO 81  372 372 PRO PRO A . n 
A 1 82  PHE 82  373 373 PHE PHE A . n 
A 1 83  GLY 83  374 374 GLY GLY A . n 
A 1 84  GLU 84  375 375 GLU GLU A . n 
A 1 85  SER 85  376 376 SER SER A . n 
A 1 86  TYR 86  377 377 TYR TYR A . n 
A 1 87  ILE 87  378 378 ILE ILE A . n 
A 1 88  VAL 88  379 379 VAL VAL A . n 
A 1 89  VAL 89  380 380 VAL VAL A . n 
A 1 90  GLY 90  381 381 GLY GLY A . n 
A 1 91  ALA 91  382 382 ALA ALA A . n 
A 1 92  GLY 92  383 383 GLY GLY A . n 
A 1 93  GLU 93  384 384 GLU GLU A . n 
A 1 94  LYS 94  385 385 LYS LYS A . n 
A 1 95  ALA 95  386 386 ALA ALA A . n 
A 1 96  LEU 96  387 387 LEU LEU A . n 
A 1 97  LYS 97  388 388 LYS LYS A . n 
A 1 98  LEU 98  389 389 LEU LEU A . n 
A 1 99  SER 99  390 390 SER SER A . n 
A 1 100 TRP 100 391 391 TRP TRP A . n 
A 1 101 PHE 101 392 392 PHE PHE A . n 
A 1 102 LYS 102 393 393 LYS LYS A . n 
A 1 103 LYS 103 394 394 LYS LYS A . n 
A 1 104 GLY 104 395 395 GLY GLY A . n 
A 1 105 SER 105 396 396 SER SER A . n 
A 1 106 SER 106 397 397 SER SER A . n 
A 1 107 ILE 107 398 398 ILE ILE A . n 
A 1 108 GLY 108 399 399 GLY GLY A . n 
# 
loop_
_pdbx_nonpoly_scheme.asym_id 
_pdbx_nonpoly_scheme.entity_id 
_pdbx_nonpoly_scheme.mon_id 
_pdbx_nonpoly_scheme.ndb_seq_num 
_pdbx_nonpoly_scheme.pdb_seq_num 
_pdbx_nonpoly_scheme.auth_seq_num 
_pdbx_nonpoly_scheme.pdb_mon_id 
_pdbx_nonpoly_scheme.auth_mon_id 
_pdbx_nonpoly_scheme.pdb_strand_id 
_pdbx_nonpoly_scheme.pdb_ins_code 
B 2 SO4 1  1   1   SO4 SO4 A . 
C 2 SO4 1  2   2   SO4 SO4 A . 
D 2 SO4 1  3   3   SO4 SO4 A . 
E 2 SO4 1  4   4   SO4 SO4 A . 
F 3 HOH 1  401 401 HOH HOH A . 
F 3 HOH 2  402 402 HOH HOH A . 
F 3 HOH 3  403 403 HOH HOH A . 
F 3 HOH 4  404 404 HOH HOH A . 
F 3 HOH 5  405 405 HOH HOH A . 
F 3 HOH 6  406 406 HOH HOH A . 
F 3 HOH 7  407 407 HOH HOH A . 
F 3 HOH 8  408 408 HOH HOH A . 
F 3 HOH 9  409 409 HOH HOH A . 
F 3 HOH 10 410 410 HOH HOH A . 
F 3 HOH 11 411 411 HOH HOH A . 
F 3 HOH 12 412 412 HOH HOH A . 
F 3 HOH 13 413 413 HOH HOH A . 
F 3 HOH 14 414 414 HOH HOH A . 
F 3 HOH 15 415 415 HOH HOH A . 
F 3 HOH 16 416 416 HOH HOH A . 
F 3 HOH 17 417 417 HOH HOH A . 
F 3 HOH 18 418 418 HOH HOH A . 
F 3 HOH 19 419 419 HOH HOH A . 
F 3 HOH 20 420 420 HOH HOH A . 
F 3 HOH 21 421 421 HOH HOH A . 
F 3 HOH 22 422 422 HOH HOH A . 
F 3 HOH 23 423 423 HOH HOH A . 
F 3 HOH 24 424 424 HOH HOH A . 
F 3 HOH 25 425 425 HOH HOH A . 
F 3 HOH 26 426 426 HOH HOH A . 
F 3 HOH 27 427 427 HOH HOH A . 
F 3 HOH 28 428 428 HOH HOH A . 
F 3 HOH 29 429 429 HOH HOH A . 
F 3 HOH 30 430 430 HOH HOH A . 
F 3 HOH 31 431 431 HOH HOH A . 
F 3 HOH 32 432 432 HOH HOH A . 
F 3 HOH 33 433 433 HOH HOH A . 
F 3 HOH 34 434 434 HOH HOH A . 
F 3 HOH 35 435 435 HOH HOH A . 
F 3 HOH 36 436 436 HOH HOH A . 
F 3 HOH 37 437 437 HOH HOH A . 
F 3 HOH 38 438 438 HOH HOH A . 
F 3 HOH 39 439 439 HOH HOH A . 
F 3 HOH 40 440 440 HOH HOH A . 
F 3 HOH 41 441 441 HOH HOH A . 
F 3 HOH 42 442 442 HOH HOH A . 
F 3 HOH 43 443 443 HOH HOH A . 
F 3 HOH 44 444 444 HOH HOH A . 
F 3 HOH 45 445 445 HOH HOH A . 
F 3 HOH 46 446 446 HOH HOH A . 
F 3 HOH 47 447 447 HOH HOH A . 
F 3 HOH 48 448 448 HOH HOH A . 
F 3 HOH 49 449 449 HOH HOH A . 
F 3 HOH 50 450 450 HOH HOH A . 
F 3 HOH 51 451 451 HOH HOH A . 
F 3 HOH 52 452 452 HOH HOH A . 
F 3 HOH 53 453 453 HOH HOH A . 
# 
loop_
_software.pdbx_ordinal 
_software.name 
_software.version 
_software.date 
_software.type 
_software.contact_author 
_software.contact_author_email 
_software.classification 
_software.location 
_software.language 
_software.citation_id 
1 DENZO       .        ?               package 'Zbyszek Otwinowski' hkl@hkl-xray.com            'data reduction'  
http://www.hkl-xray.com/                     ?          ? 
2 SCALEPACK   .        ?               package 'Zbyszek Otwinowski' hkl@hkl-xray.com            'data scaling'    
http://www.hkl-xray.com/                     ?          ? 
3 PHASER      .        ?               program 'Randy J. Read'      cimr-phaser@lists.cam.ac.uk phasing           
http://www-structmed.cimr.cam.ac.uk/phaser/  ?          ? 
4 REFMAC      5.5.0091 ?               program 'Garib N. Murshudov' garib@ysbl.york.ac.uk       refinement        
http://www.ccp4.ac.uk/dist/html/refmac5.html Fortran_77 ? 
5 PDB_EXTRACT 3.005    'June 11, 2008' package PDB                  help@deposit.rcsb.org       'data extraction' 
http://sw-tools.pdb.org/apps/PDB_EXTRACT/    C++        ? 
6 HKL-2000    .        ?               ?       ?                    ?                           'data reduction'  ? ?          ? 
# 
_cell.entry_id           3IRC 
_cell.length_a           88.087 
_cell.length_b           88.087 
_cell.length_c           88.087 
_cell.angle_alpha        90.00 
_cell.angle_beta         90.00 
_cell.angle_gamma        90.00 
_cell.Z_PDB              12 
_cell.pdbx_unique_axis   ? 
_cell.length_a_esd       ? 
_cell.length_b_esd       ? 
_cell.length_c_esd       ? 
_cell.angle_alpha_esd    ? 
_cell.angle_beta_esd     ? 
_cell.angle_gamma_esd    ? 
# 
_symmetry.entry_id                         3IRC 
_symmetry.space_group_name_H-M             'P 21 3' 
_symmetry.pdbx_full_space_group_name_H-M   ? 
_symmetry.cell_setting                     ? 
_symmetry.Int_Tables_number                198 
_symmetry.space_group_name_Hall            ? 
# 
_exptl.entry_id          3IRC 
_exptl.method            'X-RAY DIFFRACTION' 
_exptl.crystals_number   1 
# 
_exptl_crystal.id                    1 
_exptl_crystal.density_meas          ? 
_exptl_crystal.density_Matthews      5.076 
_exptl_crystal.density_percent_sol   75.77 
_exptl_crystal.description           ? 
_exptl_crystal.F_000                 ? 
_exptl_crystal.preparation           ? 
# 
_exptl_crystal_grow.crystal_id      1 
_exptl_crystal_grow.method          'VAPOR DIFFUSION, HANGING DROP' 
_exptl_crystal_grow.temp            293 
_exptl_crystal_grow.temp_details    ? 
_exptl_crystal_grow.pH              7.5 
_exptl_crystal_grow.pdbx_pH_range   ? 
_exptl_crystal_grow.pdbx_details    
'0.1M IMIDAZOLE, 0.2M LITHIUM SULFATE, 30% PEG 3000, PH 7.5, VAPOR DIFFUSION, HANGING DROP, TEMPERATURE 293K' 
# 
_diffrn.id                     1 
_diffrn.ambient_temp           100 
_diffrn.ambient_temp_details   ? 
_diffrn.crystal_id             1 
# 
_diffrn_detector.diffrn_id              1 
_diffrn_detector.detector               CCD 
_diffrn_detector.type                   NOIR-1 
_diffrn_detector.pdbx_collection_date   ? 
_diffrn_detector.details                ? 
# 
_diffrn_radiation.diffrn_id                        1 
_diffrn_radiation.wavelength_id                    1 
_diffrn_radiation.pdbx_monochromatic_or_laue_m_l   M 
_diffrn_radiation.monochromator                    ? 
_diffrn_radiation.pdbx_diffrn_protocol             'SINGLE WAVELENGTH' 
_diffrn_radiation.pdbx_scattering_type             x-ray 
# 
_diffrn_radiation_wavelength.id           1 
_diffrn_radiation_wavelength.wavelength   1.239 
_diffrn_radiation_wavelength.wt           1.0 
# 
_diffrn_source.diffrn_id                   1 
_diffrn_source.source                      SYNCHROTRON 
_diffrn_source.type                        'ALS BEAMLINE 4.2.2' 
_diffrn_source.pdbx_synchrotron_site       ALS 
_diffrn_source.pdbx_synchrotron_beamline   4.2.2 
_diffrn_source.pdbx_wavelength             ? 
_diffrn_source.pdbx_wavelength_list        1.239 
# 
_reflns.entry_id                     3IRC 
_reflns.observed_criterion_sigma_I   ? 
_reflns.observed_criterion_sigma_F   ? 
_reflns.d_resolution_low             35.97 
_reflns.d_resolution_high            2.20 
_reflns.number_obs                   10458 
_reflns.number_all                   ? 
_reflns.percent_possible_obs         99.3 
_reflns.pdbx_Rmerge_I_obs            0.039 
_reflns.pdbx_Rsym_value              0.038 
_reflns.pdbx_netI_over_sigmaI        17.7 
_reflns.B_iso_Wilson_estimate        ? 
_reflns.pdbx_redundancy              3.8 
_reflns.R_free_details               ? 
_reflns.limit_h_max                  ? 
_reflns.limit_h_min                  ? 
_reflns.limit_k_max                  ? 
_reflns.limit_k_min                  ? 
_reflns.limit_l_max                  ? 
_reflns.limit_l_min                  ? 
_reflns.observed_criterion_F_max     ? 
_reflns.observed_criterion_F_min     ? 
_reflns.pdbx_chi_squared             ? 
_reflns.pdbx_scaling_rejects         ? 
_reflns.pdbx_ordinal                 1 
_reflns.pdbx_diffrn_id               1 
# 
_reflns_shell.d_res_high             2.25 
_reflns_shell.d_res_low              2.29 
_reflns_shell.percent_possible_all   98.5 
_reflns_shell.Rmerge_I_obs           0.694 
_reflns_shell.pdbx_Rsym_value        0.627 
_reflns_shell.meanI_over_sigI_obs    1.92 
_reflns_shell.pdbx_redundancy        3.3 
_reflns_shell.percent_possible_obs   ? 
_reflns_shell.number_unique_all      ? 
_reflns_shell.number_measured_all    ? 
_reflns_shell.number_measured_obs    ? 
_reflns_shell.number_unique_obs      ? 
_reflns_shell.pdbx_chi_squared       ? 
_reflns_shell.pdbx_ordinal           1 
_reflns_shell.pdbx_diffrn_id         1 
# 
_refine.pdbx_refine_id                           'X-RAY DIFFRACTION' 
_refine.entry_id                                 3IRC 
_refine.ls_number_reflns_obs                     10458 
_refine.ls_number_reflns_all                     ? 
_refine.pdbx_ls_sigma_I                          ? 
_refine.pdbx_ls_sigma_F                          . 
_refine.pdbx_data_cutoff_high_absF               ? 
_refine.pdbx_data_cutoff_low_absF                ? 
_refine.pdbx_data_cutoff_high_rms_absF           ? 
_refine.ls_d_res_low                             35.97 
_refine.ls_d_res_high                            2.25 
_refine.ls_percent_reflns_obs                    99.09 
_refine.ls_R_factor_obs                          0.21193 
_refine.ls_R_factor_all                          ? 
_refine.ls_R_factor_R_work                       0.21145 
_refine.ls_R_factor_R_free                       0.22144 
_refine.ls_R_factor_R_free_error                 ? 
_refine.ls_R_factor_R_free_error_details         ? 
_refine.ls_percent_reflns_R_free                 4.7 
_refine.ls_number_reflns_R_free                  520 
_refine.ls_number_parameters                     ? 
_refine.ls_number_restraints                     ? 
_refine.occupancy_min                            0.00 
_refine.occupancy_max                            1.00 
_refine.correlation_coeff_Fo_to_Fc               0.956 
_refine.correlation_coeff_Fo_to_Fc_free          0.946 
_refine.B_iso_mean                               32.821 
_refine.aniso_B[1][1]                            ? 
_refine.aniso_B[2][2]                            ? 
_refine.aniso_B[3][3]                            ? 
_refine.aniso_B[1][2]                            ? 
_refine.aniso_B[1][3]                            ? 
_refine.aniso_B[2][3]                            ? 
_refine.solvent_model_details                    MASK 
_refine.solvent_model_param_ksol                 ? 
_refine.solvent_model_param_bsol                 ? 
_refine.pdbx_solvent_vdw_probe_radii             1.40 
_refine.pdbx_solvent_ion_probe_radii             0.80 
_refine.pdbx_solvent_shrinkage_radii             0.80 
_refine.pdbx_ls_cross_valid_method               THROUGHOUT 
_refine.details                                  'HYDROGENS HAVE BEEN ADDED IN THE RIDING POSITIONS' 
_refine.pdbx_starting_model                      1OAN 
_refine.pdbx_method_to_determine_struct          'MOLECULAR REPLACEMENT' 
_refine.pdbx_isotropic_thermal_model             ? 
_refine.pdbx_stereochemistry_target_values       'MAXIMUM LIKELIHOOD' 
_refine.pdbx_stereochem_target_val_spec_case     ? 
_refine.pdbx_R_Free_selection_details            RANDOM 
_refine.pdbx_overall_ESU_R                       0.165 
_refine.pdbx_overall_ESU_R_Free                  0.143 
_refine.overall_SU_ML                            0.098 
_refine.pdbx_overall_phase_error                 ? 
_refine.overall_SU_B                             8.794 
_refine.ls_redundancy_reflns_obs                 ? 
_refine.B_iso_min                                ? 
_refine.B_iso_max                                ? 
_refine.overall_SU_R_Cruickshank_DPI             ? 
_refine.overall_SU_R_free                        ? 
_refine.ls_wR_factor_R_free                      ? 
_refine.ls_wR_factor_R_work                      ? 
_refine.overall_FOM_free_R_set                   ? 
_refine.overall_FOM_work_R_set                   ? 
_refine.pdbx_TLS_residual_ADP_flag               'LIKELY RESIDUAL' 
_refine.pdbx_diffrn_id                           1 
_refine.pdbx_overall_SU_R_free_Cruickshank_DPI   ? 
_refine.pdbx_overall_SU_R_Blow_DPI               ? 
_refine.pdbx_overall_SU_R_free_Blow_DPI          ? 
# 
_refine_hist.pdbx_refine_id                   'X-RAY DIFFRACTION' 
_refine_hist.cycle_id                         LAST 
_refine_hist.pdbx_number_atoms_protein        787 
_refine_hist.pdbx_number_atoms_nucleic_acid   0 
_refine_hist.pdbx_number_atoms_ligand         20 
_refine_hist.number_atoms_solvent             53 
_refine_hist.number_atoms_total               860 
_refine_hist.d_res_high                       2.25 
_refine_hist.d_res_low                        35.97 
# 
loop_
_refine_ls_restr.type 
_refine_ls_restr.dev_ideal 
_refine_ls_restr.dev_ideal_target 
_refine_ls_restr.weight 
_refine_ls_restr.number 
_refine_ls_restr.pdbx_refine_id 
_refine_ls_restr.pdbx_restraint_function 
r_bond_refined_d             .017   .022   ? 783  'X-RAY DIFFRACTION' ? 
r_bond_other_d               ?      ?      ? ?    'X-RAY DIFFRACTION' ? 
r_angle_refined_deg          1.810  2.001  ? 1061 'X-RAY DIFFRACTION' ? 
r_angle_other_deg            ?      ?      ? ?    'X-RAY DIFFRACTION' ? 
r_dihedral_angle_1_deg       7.326  5.000  ? 98   'X-RAY DIFFRACTION' ? 
r_dihedral_angle_2_deg       34.602 26.071 ? 28   'X-RAY DIFFRACTION' ? 
r_dihedral_angle_3_deg       14.445 15.000 ? 137  'X-RAY DIFFRACTION' ? 
r_dihedral_angle_4_deg       37.329 15.000 ? 1    'X-RAY DIFFRACTION' ? 
r_chiral_restr               .094   .200   ? 116  'X-RAY DIFFRACTION' ? 
r_gen_planes_refined         .010   .021   ? 565  'X-RAY DIFFRACTION' ? 
r_gen_planes_other           ?      ?      ? ?    'X-RAY DIFFRACTION' ? 
r_nbd_refined                ?      ?      ? ?    'X-RAY DIFFRACTION' ? 
r_nbd_other                  ?      ?      ? ?    'X-RAY DIFFRACTION' ? 
r_nbtor_refined              ?      ?      ? ?    'X-RAY DIFFRACTION' ? 
r_nbtor_other                ?      ?      ? ?    'X-RAY DIFFRACTION' ? 
r_xyhbond_nbd_refined        ?      ?      ? ?    'X-RAY DIFFRACTION' ? 
r_xyhbond_nbd_other          ?      ?      ? ?    'X-RAY DIFFRACTION' ? 
r_metal_ion_refined          ?      ?      ? ?    'X-RAY DIFFRACTION' ? 
r_metal_ion_other            ?      ?      ? ?    'X-RAY DIFFRACTION' ? 
r_symmetry_vdw_refined       ?      ?      ? ?    'X-RAY DIFFRACTION' ? 
r_symmetry_vdw_other         ?      ?      ? ?    'X-RAY DIFFRACTION' ? 
r_symmetry_hbond_refined     ?      ?      ? ?    'X-RAY DIFFRACTION' ? 
r_symmetry_hbond_other       ?      ?      ? ?    'X-RAY DIFFRACTION' ? 
r_symmetry_metal_ion_refined ?      ?      ? ?    'X-RAY DIFFRACTION' ? 
r_symmetry_metal_ion_other   ?      ?      ? ?    'X-RAY DIFFRACTION' ? 
r_mcbond_it                  1.779  1.500  ? 491  'X-RAY DIFFRACTION' ? 
r_mcbond_other               ?      ?      ? ?    'X-RAY DIFFRACTION' ? 
r_mcangle_it                 2.911  2.000  ? 795  'X-RAY DIFFRACTION' ? 
r_scbond_it                  4.677  3.000  ? 292  'X-RAY DIFFRACTION' ? 
r_scangle_it                 7.116  4.500  ? 266  'X-RAY DIFFRACTION' ? 
r_rigid_bond_restr           ?      ?      ? ?    'X-RAY DIFFRACTION' ? 
r_sphericity_free            ?      ?      ? ?    'X-RAY DIFFRACTION' ? 
r_sphericity_bonded          ?      ?      ? ?    'X-RAY DIFFRACTION' ? 
# 
_refine_ls_shell.pdbx_refine_id                   'X-RAY DIFFRACTION' 
_refine_ls_shell.pdbx_total_number_of_bins_used   20 
_refine_ls_shell.d_res_high                       2.25 
_refine_ls_shell.d_res_low                        2.309 
_refine_ls_shell.number_reflns_R_work             766 
_refine_ls_shell.R_factor_R_work                  .332 
_refine_ls_shell.percent_reflns_obs               98.52 
_refine_ls_shell.R_factor_R_free                  .388 
_refine_ls_shell.R_factor_R_free_error            ? 
_refine_ls_shell.percent_reflns_R_free            ? 
_refine_ls_shell.number_reflns_R_free             35 
_refine_ls_shell.number_reflns_all                ? 
_refine_ls_shell.R_factor_all                     ? 
_refine_ls_shell.redundancy_reflns_obs            ? 
_refine_ls_shell.number_reflns_obs                ? 
# 
_struct.entry_id                  3IRC 
_struct.title                     'Crystal structure analysis of dengue-1 envelope protein domain III' 
_struct.pdbx_model_details        ? 
_struct.pdbx_CASP_flag            ? 
_struct.pdbx_model_type_details   ? 
# 
_struct_keywords.entry_id        3IRC 
_struct_keywords.text            
;VIRUS, ENVELOPE, VIRAL PROTEIN, STRUCTURAL GENOMICS, CENTER FOR STRUCTURAL GENOMICS OF INFECTIOUS DISEASES, CSGID, ATP-binding, Envelope protein, Helicase, Hydrolase, Membrane, Nucleotide-binding, RNA replication, Transmembrane, Virion
;
_struct_keywords.pdbx_keywords   'VIRAL PROTEIN' 
# 
loop_
_struct_asym.id 
_struct_asym.pdbx_blank_PDB_chainid_flag 
_struct_asym.pdbx_modified 
_struct_asym.entity_id 
_struct_asym.details 
A N N 1 ? 
B N N 2 ? 
C N N 2 ? 
D N N 2 ? 
E N N 2 ? 
F N N 3 ? 
# 
_struct_ref.id                         1 
_struct_ref.db_name                    UNP 
_struct_ref.db_code                    Q9J7C6_9FLAV 
_struct_ref.pdbx_db_accession          Q9J7C6 
_struct_ref.entity_id                  1 
_struct_ref.pdbx_seq_one_letter_code   
;GMSYVMCTGSFKLEKEVAETQHGTVLVQVKYEGTDAPCKIPFSTQDEKGATQNGRLITANPIVTDKEKPVNIEAEPPFGE
SYIVVGAGEKALKLSWFKKGSSIG
;
_struct_ref.pdbx_align_begin           576 
_struct_ref.pdbx_db_isoform            ? 
# 
_struct_ref_seq.align_id                      1 
_struct_ref_seq.ref_id                        1 
_struct_ref_seq.pdbx_PDB_id_code              3IRC 
_struct_ref_seq.pdbx_strand_id                A 
_struct_ref_seq.seq_align_beg                 5 
_struct_ref_seq.pdbx_seq_align_beg_ins_code   ? 
_struct_ref_seq.seq_align_end                 108 
_struct_ref_seq.pdbx_seq_align_end_ins_code   ? 
_struct_ref_seq.pdbx_db_accession             Q9J7C6 
_struct_ref_seq.db_align_beg                  576 
_struct_ref_seq.pdbx_db_align_beg_ins_code    ? 
_struct_ref_seq.db_align_end                  679 
_struct_ref_seq.pdbx_db_align_end_ins_code    ? 
_struct_ref_seq.pdbx_auth_seq_align_beg       296 
_struct_ref_seq.pdbx_auth_seq_align_end       399 
# 
loop_
_struct_ref_seq_dif.align_id 
_struct_ref_seq_dif.pdbx_pdb_id_code 
_struct_ref_seq_dif.mon_id 
_struct_ref_seq_dif.pdbx_pdb_strand_id 
_struct_ref_seq_dif.seq_num 
_struct_ref_seq_dif.pdbx_pdb_ins_code 
_struct_ref_seq_dif.pdbx_seq_db_name 
_struct_ref_seq_dif.pdbx_seq_db_accession_code 
_struct_ref_seq_dif.db_mon_id 
_struct_ref_seq_dif.pdbx_seq_db_seq_num 
_struct_ref_seq_dif.details 
_struct_ref_seq_dif.pdbx_auth_seq_num 
_struct_ref_seq_dif.pdbx_ordinal 
1 3IRC MET A 1 ? UNP Q9J7C6 ? ? 'expression tag' 292 1 
1 3IRC THR A 2 ? UNP Q9J7C6 ? ? 'expression tag' 293 2 
1 3IRC LEU A 3 ? UNP Q9J7C6 ? ? 'expression tag' 294 3 
1 3IRC LYS A 4 ? UNP Q9J7C6 ? ? 'expression tag' 295 4 
# 
loop_
_pdbx_struct_assembly.id 
_pdbx_struct_assembly.details 
_pdbx_struct_assembly.method_details 
_pdbx_struct_assembly.oligomeric_details 
_pdbx_struct_assembly.oligomeric_count 
1 author_defined_assembly   ?    monomeric 1 
2 software_defined_assembly PISA trimeric  3 
# 
loop_
_pdbx_struct_assembly_prop.biol_id 
_pdbx_struct_assembly_prop.type 
_pdbx_struct_assembly_prop.value 
_pdbx_struct_assembly_prop.details 
2 'ABSA (A^2)' 3010  ? 
2 MORE         -25   ? 
2 'SSA (A^2)'  16560 ? 
# 
loop_
_pdbx_struct_assembly_gen.assembly_id 
_pdbx_struct_assembly_gen.oper_expression 
_pdbx_struct_assembly_gen.asym_id_list 
1 1     A,B,C,D,E,F 
2 1,2,3 A,B,C,D,E,F 
# 
loop_
_pdbx_struct_oper_list.id 
_pdbx_struct_oper_list.type 
_pdbx_struct_oper_list.name 
_pdbx_struct_oper_list.symmetry_operation 
_pdbx_struct_oper_list.matrix[1][1] 
_pdbx_struct_oper_list.matrix[1][2] 
_pdbx_struct_oper_list.matrix[1][3] 
_pdbx_struct_oper_list.vector[1] 
_pdbx_struct_oper_list.matrix[2][1] 
_pdbx_struct_oper_list.matrix[2][2] 
_pdbx_struct_oper_list.matrix[2][3] 
_pdbx_struct_oper_list.vector[2] 
_pdbx_struct_oper_list.matrix[3][1] 
_pdbx_struct_oper_list.matrix[3][2] 
_pdbx_struct_oper_list.matrix[3][3] 
_pdbx_struct_oper_list.vector[3] 
1 'identity operation'         1_555 x,y,z 1.0000000000  0.0000000000  0.0000000000  0.0000000000  0.0000000000  1.0000000000 0.0000000000 0.0000000000  0.0000000000  0.0000000000 1.0000000000  0.0000000000   
2 'crystal symmetry operation' 5_555 z,x,y -0.1829729793 0.9639364810  -0.1932546235 -6.7123061935 -0.0275272221 0.1914728420 0.9811118197 20.7268859277 0.9827324869  0.1848367156 -0.0084998627 -19.1935502207 
3 'crystal symmetry operation' 9_555 y,z,x -0.1829729793 -0.0275272221 0.9827324869  18.2045082727 0.9639364810  0.1914728420 0.1848367156 6.0492738409  -0.1932546235 0.9811118197 -0.0084998627 -21.7957195182 
# 
_struct_biol.id        1 
_struct_biol.details   ? 
# 
_struct_conn.id                            disulf1 
_struct_conn.conn_type_id                  disulf 
_struct_conn.pdbx_leaving_atom_flag        ? 
_struct_conn.pdbx_PDB_id                   ? 
_struct_conn.ptnr1_label_asym_id           A 
_struct_conn.ptnr1_label_comp_id           CYS 
_struct_conn.ptnr1_label_seq_id            11 
_struct_conn.ptnr1_label_atom_id           SG 
_struct_conn.pdbx_ptnr1_label_alt_id       ? 
_struct_conn.pdbx_ptnr1_PDB_ins_code       ? 
_struct_conn.pdbx_ptnr1_standard_comp_id   ? 
_struct_conn.ptnr1_symmetry                1_555 
_struct_conn.ptnr2_label_asym_id           A 
_struct_conn.ptnr2_label_comp_id           CYS 
_struct_conn.ptnr2_label_seq_id            42 
_struct_conn.ptnr2_label_atom_id           SG 
_struct_conn.pdbx_ptnr2_label_alt_id       ? 
_struct_conn.pdbx_ptnr2_PDB_ins_code       ? 
_struct_conn.ptnr1_auth_asym_id            A 
_struct_conn.ptnr1_auth_comp_id            CYS 
_struct_conn.ptnr1_auth_seq_id             302 
_struct_conn.ptnr2_auth_asym_id            A 
_struct_conn.ptnr2_auth_comp_id            CYS 
_struct_conn.ptnr2_auth_seq_id             333 
_struct_conn.ptnr2_symmetry                1_555 
_struct_conn.pdbx_ptnr3_label_atom_id      ? 
_struct_conn.pdbx_ptnr3_label_seq_id       ? 
_struct_conn.pdbx_ptnr3_label_comp_id      ? 
_struct_conn.pdbx_ptnr3_label_asym_id      ? 
_struct_conn.pdbx_ptnr3_label_alt_id       ? 
_struct_conn.pdbx_ptnr3_PDB_ins_code       ? 
_struct_conn.details                       ? 
_struct_conn.pdbx_dist_value               2.088 
_struct_conn.pdbx_value_order              ? 
_struct_conn.pdbx_role                     ? 
# 
_struct_conn_type.id          disulf 
_struct_conn_type.criteria    ? 
_struct_conn_type.reference   ? 
# 
_pdbx_modification_feature.ordinal                            1 
_pdbx_modification_feature.label_comp_id                      CYS 
_pdbx_modification_feature.label_asym_id                      A 
_pdbx_modification_feature.label_seq_id                       11 
_pdbx_modification_feature.label_alt_id                       ? 
_pdbx_modification_feature.modified_residue_label_comp_id     CYS 
_pdbx_modification_feature.modified_residue_label_asym_id     A 
_pdbx_modification_feature.modified_residue_label_seq_id      42 
_pdbx_modification_feature.modified_residue_label_alt_id      ? 
_pdbx_modification_feature.auth_comp_id                       CYS 
_pdbx_modification_feature.auth_asym_id                       A 
_pdbx_modification_feature.auth_seq_id                        302 
_pdbx_modification_feature.PDB_ins_code                       ? 
_pdbx_modification_feature.symmetry                           1_555 
_pdbx_modification_feature.modified_residue_auth_comp_id      CYS 
_pdbx_modification_feature.modified_residue_auth_asym_id      A 
_pdbx_modification_feature.modified_residue_auth_seq_id       333 
_pdbx_modification_feature.modified_residue_PDB_ins_code      ? 
_pdbx_modification_feature.modified_residue_symmetry          1_555 
_pdbx_modification_feature.comp_id_linking_atom               SG 
_pdbx_modification_feature.modified_residue_id_linking_atom   SG 
_pdbx_modification_feature.modified_residue_id                . 
_pdbx_modification_feature.ref_pcm_id                         . 
_pdbx_modification_feature.ref_comp_id                        . 
_pdbx_modification_feature.type                               None 
_pdbx_modification_feature.category                           'Disulfide bridge' 
# 
_struct_mon_prot_cis.pdbx_id                1 
_struct_mon_prot_cis.label_comp_id          ALA 
_struct_mon_prot_cis.label_seq_id           40 
_struct_mon_prot_cis.label_asym_id          A 
_struct_mon_prot_cis.label_alt_id           . 
_struct_mon_prot_cis.pdbx_PDB_ins_code      ? 
_struct_mon_prot_cis.auth_comp_id           ALA 
_struct_mon_prot_cis.auth_seq_id            331 
_struct_mon_prot_cis.auth_asym_id           A 
_struct_mon_prot_cis.pdbx_label_comp_id_2   PRO 
_struct_mon_prot_cis.pdbx_label_seq_id_2    41 
_struct_mon_prot_cis.pdbx_label_asym_id_2   A 
_struct_mon_prot_cis.pdbx_PDB_ins_code_2    ? 
_struct_mon_prot_cis.pdbx_auth_comp_id_2    PRO 
_struct_mon_prot_cis.pdbx_auth_seq_id_2     332 
_struct_mon_prot_cis.pdbx_auth_asym_id_2    A 
_struct_mon_prot_cis.pdbx_PDB_model_num     1 
_struct_mon_prot_cis.pdbx_omega_angle       0.73 
# 
loop_
_struct_sheet.id 
_struct_sheet.type 
_struct_sheet.number_strands 
_struct_sheet.details 
A ? 3 ? 
B ? 4 ? 
C ? 2 ? 
D ? 3 ? 
# 
loop_
_struct_sheet_order.sheet_id 
_struct_sheet_order.range_id_1 
_struct_sheet_order.range_id_2 
_struct_sheet_order.offset 
_struct_sheet_order.sense 
A 1 2 ? anti-parallel 
A 2 3 ? anti-parallel 
B 1 2 ? anti-parallel 
B 2 3 ? anti-parallel 
B 3 4 ? anti-parallel 
C 1 2 ? anti-parallel 
D 1 2 ? anti-parallel 
D 2 3 ? anti-parallel 
# 
loop_
_struct_sheet_range.sheet_id 
_struct_sheet_range.id 
_struct_sheet_range.beg_label_comp_id 
_struct_sheet_range.beg_label_asym_id 
_struct_sheet_range.beg_label_seq_id 
_struct_sheet_range.pdbx_beg_PDB_ins_code 
_struct_sheet_range.end_label_comp_id 
_struct_sheet_range.end_label_asym_id 
_struct_sheet_range.end_label_seq_id 
_struct_sheet_range.pdbx_end_PDB_ins_code 
_struct_sheet_range.beg_auth_comp_id 
_struct_sheet_range.beg_auth_asym_id 
_struct_sheet_range.beg_auth_seq_id 
_struct_sheet_range.end_auth_comp_id 
_struct_sheet_range.end_auth_asym_id 
_struct_sheet_range.end_auth_seq_id 
A 1 PHE A 15 ? LEU A 17  ? PHE A 306 LEU A 308 
A 2 VAL A 29 ? TYR A 35  ? VAL A 320 TYR A 326 
A 3 ALA A 22 ? GLU A 23  ? ALA A 313 GLU A 314 
B 1 PHE A 15 ? LEU A 17  ? PHE A 306 LEU A 308 
B 2 VAL A 29 ? TYR A 35  ? VAL A 320 TYR A 326 
B 3 VAL A 74 ? GLU A 79  ? VAL A 365 GLU A 370 
B 4 ARG A 59 ? LEU A 60  ? ARG A 350 LEU A 351 
C 1 CYS A 42 ? LYS A 43  ? CYS A 333 LYS A 334 
C 2 ILE A 66 ? VAL A 67  ? ILE A 357 VAL A 358 
D 1 PHE A 46 ? ASP A 50  ? PHE A 337 ASP A 341 
D 2 GLY A 83 ? VAL A 89  ? GLY A 374 VAL A 380 
D 3 LEU A 96 ? LYS A 102 ? LEU A 387 LYS A 393 
# 
loop_
_pdbx_struct_sheet_hbond.sheet_id 
_pdbx_struct_sheet_hbond.range_id_1 
_pdbx_struct_sheet_hbond.range_id_2 
_pdbx_struct_sheet_hbond.range_1_label_atom_id 
_pdbx_struct_sheet_hbond.range_1_label_comp_id 
_pdbx_struct_sheet_hbond.range_1_label_asym_id 
_pdbx_struct_sheet_hbond.range_1_label_seq_id 
_pdbx_struct_sheet_hbond.range_1_PDB_ins_code 
_pdbx_struct_sheet_hbond.range_1_auth_atom_id 
_pdbx_struct_sheet_hbond.range_1_auth_comp_id 
_pdbx_struct_sheet_hbond.range_1_auth_asym_id 
_pdbx_struct_sheet_hbond.range_1_auth_seq_id 
_pdbx_struct_sheet_hbond.range_2_label_atom_id 
_pdbx_struct_sheet_hbond.range_2_label_comp_id 
_pdbx_struct_sheet_hbond.range_2_label_asym_id 
_pdbx_struct_sheet_hbond.range_2_label_seq_id 
_pdbx_struct_sheet_hbond.range_2_PDB_ins_code 
_pdbx_struct_sheet_hbond.range_2_auth_atom_id 
_pdbx_struct_sheet_hbond.range_2_auth_comp_id 
_pdbx_struct_sheet_hbond.range_2_auth_asym_id 
_pdbx_struct_sheet_hbond.range_2_auth_seq_id 
A 1 2 N LYS A 16 ? N LYS A 307 O LYS A 34  ? O LYS A 325 
A 2 3 O LEU A 30 ? O LEU A 321 N ALA A 22  ? N ALA A 313 
B 1 2 N LYS A 16 ? N LYS A 307 O LYS A 34  ? O LYS A 325 
B 2 3 N VAL A 29 ? N VAL A 320 O ALA A 78  ? O ALA A 369 
B 3 4 O GLU A 79 ? O GLU A 370 N ARG A 59  ? N ARG A 350 
C 1 2 N CYS A 42 ? N CYS A 333 O VAL A 67  ? O VAL A 358 
D 1 2 N SER A 47 ? N SER A 338 O VAL A 88  ? O VAL A 379 
D 2 3 N GLY A 83 ? N GLY A 374 O LYS A 102 ? O LYS A 393 
# 
loop_
_struct_site.id 
_struct_site.pdbx_evidence_code 
_struct_site.pdbx_auth_asym_id 
_struct_site.pdbx_auth_comp_id 
_struct_site.pdbx_auth_seq_id 
_struct_site.pdbx_auth_ins_code 
_struct_site.pdbx_num_residues 
_struct_site.details 
AC1 Software A SO4 1 ? 9 'BINDING SITE FOR RESIDUE SO4 A 1' 
AC2 Software A SO4 2 ? 2 'BINDING SITE FOR RESIDUE SO4 A 2' 
AC3 Software A SO4 3 ? 3 'BINDING SITE FOR RESIDUE SO4 A 3' 
AC4 Software A SO4 4 ? 2 'BINDING SITE FOR RESIDUE SO4 A 4' 
# 
loop_
_struct_site_gen.id 
_struct_site_gen.site_id 
_struct_site_gen.pdbx_num_res 
_struct_site_gen.label_comp_id 
_struct_site_gen.label_asym_id 
_struct_site_gen.label_seq_id 
_struct_site_gen.pdbx_auth_ins_code 
_struct_site_gen.auth_comp_id 
_struct_site_gen.auth_asym_id 
_struct_site_gen.auth_seq_id 
_struct_site_gen.label_atom_id 
_struct_site_gen.label_alt_id 
_struct_site_gen.symmetry 
_struct_site_gen.details 
1  AC1 9 VAL A 9  ? VAL A 300 . ? 5_555 ? 
2  AC1 9 MET A 10 ? MET A 301 . ? 9_555 ? 
3  AC1 9 MET A 10 ? MET A 301 . ? 1_555 ? 
4  AC1 9 MET A 10 ? MET A 301 . ? 5_555 ? 
5  AC1 9 HOH F .  ? HOH A 404 . ? 9_555 ? 
6  AC1 9 HOH F .  ? HOH A 404 . ? 1_555 ? 
7  AC1 9 HOH F .  ? HOH A 408 . ? 1_555 ? 
8  AC1 9 HOH F .  ? HOH A 408 . ? 9_555 ? 
9  AC1 9 HOH F .  ? HOH A 408 . ? 5_555 ? 
10 AC2 2 ASN A 75 ? ASN A 366 . ? 1_555 ? 
11 AC2 2 HOH F .  ? HOH A 422 . ? 1_555 ? 
12 AC3 3 THR A 38 ? THR A 329 . ? 5_555 ? 
13 AC3 3 GLY A 92 ? GLY A 383 . ? 1_555 ? 
14 AC3 3 GLU A 93 ? GLU A 384 . ? 1_555 ? 
15 AC4 2 LYS A 19 ? LYS A 310 . ? 1_555 ? 
16 AC4 2 GLN A 32 ? GLN A 323 . ? 1_555 ? 
# 
_pdbx_entry_details.entry_id                   3IRC 
_pdbx_entry_details.compound_details           ? 
_pdbx_entry_details.source_details             ? 
_pdbx_entry_details.nonpolymer_details         ? 
_pdbx_entry_details.sequence_details           ? 
_pdbx_entry_details.has_ligand_of_interest     ? 
_pdbx_entry_details.has_protein_modification   Y 
# 
loop_
_pdbx_validate_close_contact.id 
_pdbx_validate_close_contact.PDB_model_num 
_pdbx_validate_close_contact.auth_atom_id_1 
_pdbx_validate_close_contact.auth_asym_id_1 
_pdbx_validate_close_contact.auth_comp_id_1 
_pdbx_validate_close_contact.auth_seq_id_1 
_pdbx_validate_close_contact.PDB_ins_code_1 
_pdbx_validate_close_contact.label_alt_id_1 
_pdbx_validate_close_contact.auth_atom_id_2 
_pdbx_validate_close_contact.auth_asym_id_2 
_pdbx_validate_close_contact.auth_comp_id_2 
_pdbx_validate_close_contact.auth_seq_id_2 
_pdbx_validate_close_contact.PDB_ins_code_2 
_pdbx_validate_close_contact.label_alt_id_2 
_pdbx_validate_close_contact.dist 
1 1 O  A HOH 434 ? ? O A HOH 447 ? ? 2.11 
2 1 O4 A SO4 2   ? ? O A HOH 422 ? ? 2.19 
# 
loop_
_pdbx_validate_torsion.id 
_pdbx_validate_torsion.PDB_model_num 
_pdbx_validate_torsion.auth_comp_id 
_pdbx_validate_torsion.auth_asym_id 
_pdbx_validate_torsion.auth_seq_id 
_pdbx_validate_torsion.PDB_ins_code 
_pdbx_validate_torsion.label_alt_id 
_pdbx_validate_torsion.phi 
_pdbx_validate_torsion.psi 
1 1 ALA A 345 ? ? 126.62  179.66  
2 1 THR A 346 ? ? -106.44 72.77   
3 1 ASN A 348 ? ? -69.13  -161.74 
4 1 ALA A 354 ? ? -41.31  -78.28  
# 
_pdbx_SG_project.id                    1 
_pdbx_SG_project.project_name          ? 
_pdbx_SG_project.full_name_of_center   'Center for Structural Genomics of Infectious Diseases' 
_pdbx_SG_project.initial_of_center     CSGID 
# 
_pdbx_struct_special_symmetry.id              1 
_pdbx_struct_special_symmetry.PDB_model_num   1 
_pdbx_struct_special_symmetry.auth_asym_id    A 
_pdbx_struct_special_symmetry.auth_comp_id    SO4 
_pdbx_struct_special_symmetry.auth_seq_id     1 
_pdbx_struct_special_symmetry.PDB_ins_code    ? 
_pdbx_struct_special_symmetry.label_asym_id   B 
_pdbx_struct_special_symmetry.label_comp_id   SO4 
_pdbx_struct_special_symmetry.label_seq_id    . 
# 
loop_
_pdbx_refine_tls.pdbx_refine_id 
_pdbx_refine_tls.id 
_pdbx_refine_tls.details 
_pdbx_refine_tls.method 
_pdbx_refine_tls.origin_x 
_pdbx_refine_tls.origin_y 
_pdbx_refine_tls.origin_z 
_pdbx_refine_tls.T[1][1] 
_pdbx_refine_tls.T[2][2] 
_pdbx_refine_tls.T[3][3] 
_pdbx_refine_tls.T[1][2] 
_pdbx_refine_tls.T[1][3] 
_pdbx_refine_tls.T[2][3] 
_pdbx_refine_tls.L[1][1] 
_pdbx_refine_tls.L[2][2] 
_pdbx_refine_tls.L[3][3] 
_pdbx_refine_tls.L[1][2] 
_pdbx_refine_tls.L[1][3] 
_pdbx_refine_tls.L[2][3] 
_pdbx_refine_tls.S[1][1] 
_pdbx_refine_tls.S[1][2] 
_pdbx_refine_tls.S[1][3] 
_pdbx_refine_tls.S[2][1] 
_pdbx_refine_tls.S[2][2] 
_pdbx_refine_tls.S[2][3] 
_pdbx_refine_tls.S[3][1] 
_pdbx_refine_tls.S[3][2] 
_pdbx_refine_tls.S[3][3] 
'X-RAY DIFFRACTION' 1 ? refined 3.2172  -2.2452 -3.1422 0.2297 0.3046 0.2083 0.0945 0.0105  0.0836 6.5189  3.8226 8.4461  0.3160  -5.6337 -1.7086 -0.2186 -0.3028 -0.0546 0.1117  0.0157  -0.1362 0.4816  0.3166 0.2030  
'X-RAY DIFFRACTION' 2 ? refined 5.7219  0.5453  -1.8513 0.1354 0.2718 0.1757 0.0093 -0.0102 0.0659 12.7629 4.1336 13.1375 -1.0234 -7.1958 -0.0484 0.4186  -0.6001 0.6502  -0.3093 -0.1362 -0.5736 -0.2193 0.6681 -0.2824 
'X-RAY DIFFRACTION' 3 ? refined -6.0282 0.8047  5.3525  0.1676 0.0966 0.2360 0.0351 0.0242  0.0501 5.6433  2.4147 10.2739 -1.2889 -5.1218 1.9442  -0.0875 -0.1418 0.2926  -0.0989 -0.0340 0.1997  0.1715  0.1286 0.1214 
# 
loop_
_pdbx_refine_tls_group.pdbx_refine_id 
_pdbx_refine_tls_group.id 
_pdbx_refine_tls_group.refine_tls_id 
_pdbx_refine_tls_group.beg_auth_asym_id 
_pdbx_refine_tls_group.beg_auth_seq_id 
_pdbx_refine_tls_group.end_auth_asym_id 
_pdbx_refine_tls_group.end_auth_seq_id 
_pdbx_refine_tls_group.selection_details 
_pdbx_refine_tls_group.beg_label_asym_id 
_pdbx_refine_tls_group.beg_label_seq_id 
_pdbx_refine_tls_group.end_label_asym_id 
_pdbx_refine_tls_group.end_label_seq_id 
_pdbx_refine_tls_group.selection 
'X-RAY DIFFRACTION' 1 1 A 296 A 343 ? . . . . ? 
'X-RAY DIFFRACTION' 2 2 A 344 A 365 ? . . . . ? 
'X-RAY DIFFRACTION' 3 3 A 366 A 399 ? . . . . ? 
# 
_phasing.method   MR 
# 
loop_
_pdbx_unobs_or_zero_occ_residues.id 
_pdbx_unobs_or_zero_occ_residues.PDB_model_num 
_pdbx_unobs_or_zero_occ_residues.polymer_flag 
_pdbx_unobs_or_zero_occ_residues.occupancy_flag 
_pdbx_unobs_or_zero_occ_residues.auth_asym_id 
_pdbx_unobs_or_zero_occ_residues.auth_comp_id 
_pdbx_unobs_or_zero_occ_residues.auth_seq_id 
_pdbx_unobs_or_zero_occ_residues.PDB_ins_code 
_pdbx_unobs_or_zero_occ_residues.label_asym_id 
_pdbx_unobs_or_zero_occ_residues.label_comp_id 
_pdbx_unobs_or_zero_occ_residues.label_seq_id 
1  1 Y 1 A MET 292 ? A MET 1  
2  1 Y 1 A THR 293 ? A THR 2  
3  1 Y 1 A LEU 294 ? A LEU 3  
4  1 Y 1 A LYS 295 ? A LYS 4  
5  1 Y 0 A ASP 341 ? A ASP 50 
6  1 Y 0 A GLU 342 ? A GLU 51 
7  1 Y 0 A LYS 343 ? A LYS 52 
8  1 Y 0 A GLY 344 ? A GLY 53 
9  1 Y 0 A ALA 345 ? A ALA 54 
10 1 Y 0 A THR 346 ? A THR 55 
# 
loop_
_chem_comp_atom.comp_id 
_chem_comp_atom.atom_id 
_chem_comp_atom.type_symbol 
_chem_comp_atom.pdbx_aromatic_flag 
_chem_comp_atom.pdbx_stereo_config 
_chem_comp_atom.pdbx_ordinal 
ALA N    N N N 1   
ALA CA   C N S 2   
ALA C    C N N 3   
ALA O    O N N 4   
ALA CB   C N N 5   
ALA OXT  O N N 6   
ALA H    H N N 7   
ALA H2   H N N 8   
ALA HA   H N N 9   
ALA HB1  H N N 10  
ALA HB2  H N N 11  
ALA HB3  H N N 12  
ALA HXT  H N N 13  
ARG N    N N N 14  
ARG CA   C N S 15  
ARG C    C N N 16  
ARG O    O N N 17  
ARG CB   C N N 18  
ARG CG   C N N 19  
ARG CD   C N N 20  
ARG NE   N N N 21  
ARG CZ   C N N 22  
ARG NH1  N N N 23  
ARG NH2  N N N 24  
ARG OXT  O N N 25  
ARG H    H N N 26  
ARG H2   H N N 27  
ARG HA   H N N 28  
ARG HB2  H N N 29  
ARG HB3  H N N 30  
ARG HG2  H N N 31  
ARG HG3  H N N 32  
ARG HD2  H N N 33  
ARG HD3  H N N 34  
ARG HE   H N N 35  
ARG HH11 H N N 36  
ARG HH12 H N N 37  
ARG HH21 H N N 38  
ARG HH22 H N N 39  
ARG HXT  H N N 40  
ASN N    N N N 41  
ASN CA   C N S 42  
ASN C    C N N 43  
ASN O    O N N 44  
ASN CB   C N N 45  
ASN CG   C N N 46  
ASN OD1  O N N 47  
ASN ND2  N N N 48  
ASN OXT  O N N 49  
ASN H    H N N 50  
ASN H2   H N N 51  
ASN HA   H N N 52  
ASN HB2  H N N 53  
ASN HB3  H N N 54  
ASN HD21 H N N 55  
ASN HD22 H N N 56  
ASN HXT  H N N 57  
ASP N    N N N 58  
ASP CA   C N S 59  
ASP C    C N N 60  
ASP O    O N N 61  
ASP CB   C N N 62  
ASP CG   C N N 63  
ASP OD1  O N N 64  
ASP OD2  O N N 65  
ASP OXT  O N N 66  
ASP H    H N N 67  
ASP H2   H N N 68  
ASP HA   H N N 69  
ASP HB2  H N N 70  
ASP HB3  H N N 71  
ASP HD2  H N N 72  
ASP HXT  H N N 73  
CYS N    N N N 74  
CYS CA   C N R 75  
CYS C    C N N 76  
CYS O    O N N 77  
CYS CB   C N N 78  
CYS SG   S N N 79  
CYS OXT  O N N 80  
CYS H    H N N 81  
CYS H2   H N N 82  
CYS HA   H N N 83  
CYS HB2  H N N 84  
CYS HB3  H N N 85  
CYS HG   H N N 86  
CYS HXT  H N N 87  
GLN N    N N N 88  
GLN CA   C N S 89  
GLN C    C N N 90  
GLN O    O N N 91  
GLN CB   C N N 92  
GLN CG   C N N 93  
GLN CD   C N N 94  
GLN OE1  O N N 95  
GLN NE2  N N N 96  
GLN OXT  O N N 97  
GLN H    H N N 98  
GLN H2   H N N 99  
GLN HA   H N N 100 
GLN HB2  H N N 101 
GLN HB3  H N N 102 
GLN HG2  H N N 103 
GLN HG3  H N N 104 
GLN HE21 H N N 105 
GLN HE22 H N N 106 
GLN HXT  H N N 107 
GLU N    N N N 108 
GLU CA   C N S 109 
GLU C    C N N 110 
GLU O    O N N 111 
GLU CB   C N N 112 
GLU CG   C N N 113 
GLU CD   C N N 114 
GLU OE1  O N N 115 
GLU OE2  O N N 116 
GLU OXT  O N N 117 
GLU H    H N N 118 
GLU H2   H N N 119 
GLU HA   H N N 120 
GLU HB2  H N N 121 
GLU HB3  H N N 122 
GLU HG2  H N N 123 
GLU HG3  H N N 124 
GLU HE2  H N N 125 
GLU HXT  H N N 126 
GLY N    N N N 127 
GLY CA   C N N 128 
GLY C    C N N 129 
GLY O    O N N 130 
GLY OXT  O N N 131 
GLY H    H N N 132 
GLY H2   H N N 133 
GLY HA2  H N N 134 
GLY HA3  H N N 135 
GLY HXT  H N N 136 
HIS N    N N N 137 
HIS CA   C N S 138 
HIS C    C N N 139 
HIS O    O N N 140 
HIS CB   C N N 141 
HIS CG   C Y N 142 
HIS ND1  N Y N 143 
HIS CD2  C Y N 144 
HIS CE1  C Y N 145 
HIS NE2  N Y N 146 
HIS OXT  O N N 147 
HIS H    H N N 148 
HIS H2   H N N 149 
HIS HA   H N N 150 
HIS HB2  H N N 151 
HIS HB3  H N N 152 
HIS HD1  H N N 153 
HIS HD2  H N N 154 
HIS HE1  H N N 155 
HIS HE2  H N N 156 
HIS HXT  H N N 157 
HOH O    O N N 158 
HOH H1   H N N 159 
HOH H2   H N N 160 
ILE N    N N N 161 
ILE CA   C N S 162 
ILE C    C N N 163 
ILE O    O N N 164 
ILE CB   C N S 165 
ILE CG1  C N N 166 
ILE CG2  C N N 167 
ILE CD1  C N N 168 
ILE OXT  O N N 169 
ILE H    H N N 170 
ILE H2   H N N 171 
ILE HA   H N N 172 
ILE HB   H N N 173 
ILE HG12 H N N 174 
ILE HG13 H N N 175 
ILE HG21 H N N 176 
ILE HG22 H N N 177 
ILE HG23 H N N 178 
ILE HD11 H N N 179 
ILE HD12 H N N 180 
ILE HD13 H N N 181 
ILE HXT  H N N 182 
LEU N    N N N 183 
LEU CA   C N S 184 
LEU C    C N N 185 
LEU O    O N N 186 
LEU CB   C N N 187 
LEU CG   C N N 188 
LEU CD1  C N N 189 
LEU CD2  C N N 190 
LEU OXT  O N N 191 
LEU H    H N N 192 
LEU H2   H N N 193 
LEU HA   H N N 194 
LEU HB2  H N N 195 
LEU HB3  H N N 196 
LEU HG   H N N 197 
LEU HD11 H N N 198 
LEU HD12 H N N 199 
LEU HD13 H N N 200 
LEU HD21 H N N 201 
LEU HD22 H N N 202 
LEU HD23 H N N 203 
LEU HXT  H N N 204 
LYS N    N N N 205 
LYS CA   C N S 206 
LYS C    C N N 207 
LYS O    O N N 208 
LYS CB   C N N 209 
LYS CG   C N N 210 
LYS CD   C N N 211 
LYS CE   C N N 212 
LYS NZ   N N N 213 
LYS OXT  O N N 214 
LYS H    H N N 215 
LYS H2   H N N 216 
LYS HA   H N N 217 
LYS HB2  H N N 218 
LYS HB3  H N N 219 
LYS HG2  H N N 220 
LYS HG3  H N N 221 
LYS HD2  H N N 222 
LYS HD3  H N N 223 
LYS HE2  H N N 224 
LYS HE3  H N N 225 
LYS HZ1  H N N 226 
LYS HZ2  H N N 227 
LYS HZ3  H N N 228 
LYS HXT  H N N 229 
MET N    N N N 230 
MET CA   C N S 231 
MET C    C N N 232 
MET O    O N N 233 
MET CB   C N N 234 
MET CG   C N N 235 
MET SD   S N N 236 
MET CE   C N N 237 
MET OXT  O N N 238 
MET H    H N N 239 
MET H2   H N N 240 
MET HA   H N N 241 
MET HB2  H N N 242 
MET HB3  H N N 243 
MET HG2  H N N 244 
MET HG3  H N N 245 
MET HE1  H N N 246 
MET HE2  H N N 247 
MET HE3  H N N 248 
MET HXT  H N N 249 
PHE N    N N N 250 
PHE CA   C N S 251 
PHE C    C N N 252 
PHE O    O N N 253 
PHE CB   C N N 254 
PHE CG   C Y N 255 
PHE CD1  C Y N 256 
PHE CD2  C Y N 257 
PHE CE1  C Y N 258 
PHE CE2  C Y N 259 
PHE CZ   C Y N 260 
PHE OXT  O N N 261 
PHE H    H N N 262 
PHE H2   H N N 263 
PHE HA   H N N 264 
PHE HB2  H N N 265 
PHE HB3  H N N 266 
PHE HD1  H N N 267 
PHE HD2  H N N 268 
PHE HE1  H N N 269 
PHE HE2  H N N 270 
PHE HZ   H N N 271 
PHE HXT  H N N 272 
PRO N    N N N 273 
PRO CA   C N S 274 
PRO C    C N N 275 
PRO O    O N N 276 
PRO CB   C N N 277 
PRO CG   C N N 278 
PRO CD   C N N 279 
PRO OXT  O N N 280 
PRO H    H N N 281 
PRO HA   H N N 282 
PRO HB2  H N N 283 
PRO HB3  H N N 284 
PRO HG2  H N N 285 
PRO HG3  H N N 286 
PRO HD2  H N N 287 
PRO HD3  H N N 288 
PRO HXT  H N N 289 
SER N    N N N 290 
SER CA   C N S 291 
SER C    C N N 292 
SER O    O N N 293 
SER CB   C N N 294 
SER OG   O N N 295 
SER OXT  O N N 296 
SER H    H N N 297 
SER H2   H N N 298 
SER HA   H N N 299 
SER HB2  H N N 300 
SER HB3  H N N 301 
SER HG   H N N 302 
SER HXT  H N N 303 
SO4 S    S N N 304 
SO4 O1   O N N 305 
SO4 O2   O N N 306 
SO4 O3   O N N 307 
SO4 O4   O N N 308 
THR N    N N N 309 
THR CA   C N S 310 
THR C    C N N 311 
THR O    O N N 312 
THR CB   C N R 313 
THR OG1  O N N 314 
THR CG2  C N N 315 
THR OXT  O N N 316 
THR H    H N N 317 
THR H2   H N N 318 
THR HA   H N N 319 
THR HB   H N N 320 
THR HG1  H N N 321 
THR HG21 H N N 322 
THR HG22 H N N 323 
THR HG23 H N N 324 
THR HXT  H N N 325 
TRP N    N N N 326 
TRP CA   C N S 327 
TRP C    C N N 328 
TRP O    O N N 329 
TRP CB   C N N 330 
TRP CG   C Y N 331 
TRP CD1  C Y N 332 
TRP CD2  C Y N 333 
TRP NE1  N Y N 334 
TRP CE2  C Y N 335 
TRP CE3  C Y N 336 
TRP CZ2  C Y N 337 
TRP CZ3  C Y N 338 
TRP CH2  C Y N 339 
TRP OXT  O N N 340 
TRP H    H N N 341 
TRP H2   H N N 342 
TRP HA   H N N 343 
TRP HB2  H N N 344 
TRP HB3  H N N 345 
TRP HD1  H N N 346 
TRP HE1  H N N 347 
TRP HE3  H N N 348 
TRP HZ2  H N N 349 
TRP HZ3  H N N 350 
TRP HH2  H N N 351 
TRP HXT  H N N 352 
TYR N    N N N 353 
TYR CA   C N S 354 
TYR C    C N N 355 
TYR O    O N N 356 
TYR CB   C N N 357 
TYR CG   C Y N 358 
TYR CD1  C Y N 359 
TYR CD2  C Y N 360 
TYR CE1  C Y N 361 
TYR CE2  C Y N 362 
TYR CZ   C Y N 363 
TYR OH   O N N 364 
TYR OXT  O N N 365 
TYR H    H N N 366 
TYR H2   H N N 367 
TYR HA   H N N 368 
TYR HB2  H N N 369 
TYR HB3  H N N 370 
TYR HD1  H N N 371 
TYR HD2  H N N 372 
TYR HE1  H N N 373 
TYR HE2  H N N 374 
TYR HH   H N N 375 
TYR HXT  H N N 376 
VAL N    N N N 377 
VAL CA   C N S 378 
VAL C    C N N 379 
VAL O    O N N 380 
VAL CB   C N N 381 
VAL CG1  C N N 382 
VAL CG2  C N N 383 
VAL OXT  O N N 384 
VAL H    H N N 385 
VAL H2   H N N 386 
VAL HA   H N N 387 
VAL HB   H N N 388 
VAL HG11 H N N 389 
VAL HG12 H N N 390 
VAL HG13 H N N 391 
VAL HG21 H N N 392 
VAL HG22 H N N 393 
VAL HG23 H N N 394 
VAL HXT  H N N 395 
# 
loop_
_chem_comp_bond.comp_id 
_chem_comp_bond.atom_id_1 
_chem_comp_bond.atom_id_2 
_chem_comp_bond.value_order 
_chem_comp_bond.pdbx_aromatic_flag 
_chem_comp_bond.pdbx_stereo_config 
_chem_comp_bond.pdbx_ordinal 
ALA N   CA   sing N N 1   
ALA N   H    sing N N 2   
ALA N   H2   sing N N 3   
ALA CA  C    sing N N 4   
ALA CA  CB   sing N N 5   
ALA CA  HA   sing N N 6   
ALA C   O    doub N N 7   
ALA C   OXT  sing N N 8   
ALA CB  HB1  sing N N 9   
ALA CB  HB2  sing N N 10  
ALA CB  HB3  sing N N 11  
ALA OXT HXT  sing N N 12  
ARG N   CA   sing N N 13  
ARG N   H    sing N N 14  
ARG N   H2   sing N N 15  
ARG CA  C    sing N N 16  
ARG CA  CB   sing N N 17  
ARG CA  HA   sing N N 18  
ARG C   O    doub N N 19  
ARG C   OXT  sing N N 20  
ARG CB  CG   sing N N 21  
ARG CB  HB2  sing N N 22  
ARG CB  HB3  sing N N 23  
ARG CG  CD   sing N N 24  
ARG CG  HG2  sing N N 25  
ARG CG  HG3  sing N N 26  
ARG CD  NE   sing N N 27  
ARG CD  HD2  sing N N 28  
ARG CD  HD3  sing N N 29  
ARG NE  CZ   sing N N 30  
ARG NE  HE   sing N N 31  
ARG CZ  NH1  sing N N 32  
ARG CZ  NH2  doub N N 33  
ARG NH1 HH11 sing N N 34  
ARG NH1 HH12 sing N N 35  
ARG NH2 HH21 sing N N 36  
ARG NH2 HH22 sing N N 37  
ARG OXT HXT  sing N N 38  
ASN N   CA   sing N N 39  
ASN N   H    sing N N 40  
ASN N   H2   sing N N 41  
ASN CA  C    sing N N 42  
ASN CA  CB   sing N N 43  
ASN CA  HA   sing N N 44  
ASN C   O    doub N N 45  
ASN C   OXT  sing N N 46  
ASN CB  CG   sing N N 47  
ASN CB  HB2  sing N N 48  
ASN CB  HB3  sing N N 49  
ASN CG  OD1  doub N N 50  
ASN CG  ND2  sing N N 51  
ASN ND2 HD21 sing N N 52  
ASN ND2 HD22 sing N N 53  
ASN OXT HXT  sing N N 54  
ASP N   CA   sing N N 55  
ASP N   H    sing N N 56  
ASP N   H2   sing N N 57  
ASP CA  C    sing N N 58  
ASP CA  CB   sing N N 59  
ASP CA  HA   sing N N 60  
ASP C   O    doub N N 61  
ASP C   OXT  sing N N 62  
ASP CB  CG   sing N N 63  
ASP CB  HB2  sing N N 64  
ASP CB  HB3  sing N N 65  
ASP CG  OD1  doub N N 66  
ASP CG  OD2  sing N N 67  
ASP OD2 HD2  sing N N 68  
ASP OXT HXT  sing N N 69  
CYS N   CA   sing N N 70  
CYS N   H    sing N N 71  
CYS N   H2   sing N N 72  
CYS CA  C    sing N N 73  
CYS CA  CB   sing N N 74  
CYS CA  HA   sing N N 75  
CYS C   O    doub N N 76  
CYS C   OXT  sing N N 77  
CYS CB  SG   sing N N 78  
CYS CB  HB2  sing N N 79  
CYS CB  HB3  sing N N 80  
CYS SG  HG   sing N N 81  
CYS OXT HXT  sing N N 82  
GLN N   CA   sing N N 83  
GLN N   H    sing N N 84  
GLN N   H2   sing N N 85  
GLN CA  C    sing N N 86  
GLN CA  CB   sing N N 87  
GLN CA  HA   sing N N 88  
GLN C   O    doub N N 89  
GLN C   OXT  sing N N 90  
GLN CB  CG   sing N N 91  
GLN CB  HB2  sing N N 92  
GLN CB  HB3  sing N N 93  
GLN CG  CD   sing N N 94  
GLN CG  HG2  sing N N 95  
GLN CG  HG3  sing N N 96  
GLN CD  OE1  doub N N 97  
GLN CD  NE2  sing N N 98  
GLN NE2 HE21 sing N N 99  
GLN NE2 HE22 sing N N 100 
GLN OXT HXT  sing N N 101 
GLU N   CA   sing N N 102 
GLU N   H    sing N N 103 
GLU N   H2   sing N N 104 
GLU CA  C    sing N N 105 
GLU CA  CB   sing N N 106 
GLU CA  HA   sing N N 107 
GLU C   O    doub N N 108 
GLU C   OXT  sing N N 109 
GLU CB  CG   sing N N 110 
GLU CB  HB2  sing N N 111 
GLU CB  HB3  sing N N 112 
GLU CG  CD   sing N N 113 
GLU CG  HG2  sing N N 114 
GLU CG  HG3  sing N N 115 
GLU CD  OE1  doub N N 116 
GLU CD  OE2  sing N N 117 
GLU OE2 HE2  sing N N 118 
GLU OXT HXT  sing N N 119 
GLY N   CA   sing N N 120 
GLY N   H    sing N N 121 
GLY N   H2   sing N N 122 
GLY CA  C    sing N N 123 
GLY CA  HA2  sing N N 124 
GLY CA  HA3  sing N N 125 
GLY C   O    doub N N 126 
GLY C   OXT  sing N N 127 
GLY OXT HXT  sing N N 128 
HIS N   CA   sing N N 129 
HIS N   H    sing N N 130 
HIS N   H2   sing N N 131 
HIS CA  C    sing N N 132 
HIS CA  CB   sing N N 133 
HIS CA  HA   sing N N 134 
HIS C   O    doub N N 135 
HIS C   OXT  sing N N 136 
HIS CB  CG   sing N N 137 
HIS CB  HB2  sing N N 138 
HIS CB  HB3  sing N N 139 
HIS CG  ND1  sing Y N 140 
HIS CG  CD2  doub Y N 141 
HIS ND1 CE1  doub Y N 142 
HIS ND1 HD1  sing N N 143 
HIS CD2 NE2  sing Y N 144 
HIS CD2 HD2  sing N N 145 
HIS CE1 NE2  sing Y N 146 
HIS CE1 HE1  sing N N 147 
HIS NE2 HE2  sing N N 148 
HIS OXT HXT  sing N N 149 
HOH O   H1   sing N N 150 
HOH O   H2   sing N N 151 
ILE N   CA   sing N N 152 
ILE N   H    sing N N 153 
ILE N   H2   sing N N 154 
ILE CA  C    sing N N 155 
ILE CA  CB   sing N N 156 
ILE CA  HA   sing N N 157 
ILE C   O    doub N N 158 
ILE C   OXT  sing N N 159 
ILE CB  CG1  sing N N 160 
ILE CB  CG2  sing N N 161 
ILE CB  HB   sing N N 162 
ILE CG1 CD1  sing N N 163 
ILE CG1 HG12 sing N N 164 
ILE CG1 HG13 sing N N 165 
ILE CG2 HG21 sing N N 166 
ILE CG2 HG22 sing N N 167 
ILE CG2 HG23 sing N N 168 
ILE CD1 HD11 sing N N 169 
ILE CD1 HD12 sing N N 170 
ILE CD1 HD13 sing N N 171 
ILE OXT HXT  sing N N 172 
LEU N   CA   sing N N 173 
LEU N   H    sing N N 174 
LEU N   H2   sing N N 175 
LEU CA  C    sing N N 176 
LEU CA  CB   sing N N 177 
LEU CA  HA   sing N N 178 
LEU C   O    doub N N 179 
LEU C   OXT  sing N N 180 
LEU CB  CG   sing N N 181 
LEU CB  HB2  sing N N 182 
LEU CB  HB3  sing N N 183 
LEU CG  CD1  sing N N 184 
LEU CG  CD2  sing N N 185 
LEU CG  HG   sing N N 186 
LEU CD1 HD11 sing N N 187 
LEU CD1 HD12 sing N N 188 
LEU CD1 HD13 sing N N 189 
LEU CD2 HD21 sing N N 190 
LEU CD2 HD22 sing N N 191 
LEU CD2 HD23 sing N N 192 
LEU OXT HXT  sing N N 193 
LYS N   CA   sing N N 194 
LYS N   H    sing N N 195 
LYS N   H2   sing N N 196 
LYS CA  C    sing N N 197 
LYS CA  CB   sing N N 198 
LYS CA  HA   sing N N 199 
LYS C   O    doub N N 200 
LYS C   OXT  sing N N 201 
LYS CB  CG   sing N N 202 
LYS CB  HB2  sing N N 203 
LYS CB  HB3  sing N N 204 
LYS CG  CD   sing N N 205 
LYS CG  HG2  sing N N 206 
LYS CG  HG3  sing N N 207 
LYS CD  CE   sing N N 208 
LYS CD  HD2  sing N N 209 
LYS CD  HD3  sing N N 210 
LYS CE  NZ   sing N N 211 
LYS CE  HE2  sing N N 212 
LYS CE  HE3  sing N N 213 
LYS NZ  HZ1  sing N N 214 
LYS NZ  HZ2  sing N N 215 
LYS NZ  HZ3  sing N N 216 
LYS OXT HXT  sing N N 217 
MET N   CA   sing N N 218 
MET N   H    sing N N 219 
MET N   H2   sing N N 220 
MET CA  C    sing N N 221 
MET CA  CB   sing N N 222 
MET CA  HA   sing N N 223 
MET C   O    doub N N 224 
MET C   OXT  sing N N 225 
MET CB  CG   sing N N 226 
MET CB  HB2  sing N N 227 
MET CB  HB3  sing N N 228 
MET CG  SD   sing N N 229 
MET CG  HG2  sing N N 230 
MET CG  HG3  sing N N 231 
MET SD  CE   sing N N 232 
MET CE  HE1  sing N N 233 
MET CE  HE2  sing N N 234 
MET CE  HE3  sing N N 235 
MET OXT HXT  sing N N 236 
PHE N   CA   sing N N 237 
PHE N   H    sing N N 238 
PHE N   H2   sing N N 239 
PHE CA  C    sing N N 240 
PHE CA  CB   sing N N 241 
PHE CA  HA   sing N N 242 
PHE C   O    doub N N 243 
PHE C   OXT  sing N N 244 
PHE CB  CG   sing N N 245 
PHE CB  HB2  sing N N 246 
PHE CB  HB3  sing N N 247 
PHE CG  CD1  doub Y N 248 
PHE CG  CD2  sing Y N 249 
PHE CD1 CE1  sing Y N 250 
PHE CD1 HD1  sing N N 251 
PHE CD2 CE2  doub Y N 252 
PHE CD2 HD2  sing N N 253 
PHE CE1 CZ   doub Y N 254 
PHE CE1 HE1  sing N N 255 
PHE CE2 CZ   sing Y N 256 
PHE CE2 HE2  sing N N 257 
PHE CZ  HZ   sing N N 258 
PHE OXT HXT  sing N N 259 
PRO N   CA   sing N N 260 
PRO N   CD   sing N N 261 
PRO N   H    sing N N 262 
PRO CA  C    sing N N 263 
PRO CA  CB   sing N N 264 
PRO CA  HA   sing N N 265 
PRO C   O    doub N N 266 
PRO C   OXT  sing N N 267 
PRO CB  CG   sing N N 268 
PRO CB  HB2  sing N N 269 
PRO CB  HB3  sing N N 270 
PRO CG  CD   sing N N 271 
PRO CG  HG2  sing N N 272 
PRO CG  HG3  sing N N 273 
PRO CD  HD2  sing N N 274 
PRO CD  HD3  sing N N 275 
PRO OXT HXT  sing N N 276 
SER N   CA   sing N N 277 
SER N   H    sing N N 278 
SER N   H2   sing N N 279 
SER CA  C    sing N N 280 
SER CA  CB   sing N N 281 
SER CA  HA   sing N N 282 
SER C   O    doub N N 283 
SER C   OXT  sing N N 284 
SER CB  OG   sing N N 285 
SER CB  HB2  sing N N 286 
SER CB  HB3  sing N N 287 
SER OG  HG   sing N N 288 
SER OXT HXT  sing N N 289 
SO4 S   O1   doub N N 290 
SO4 S   O2   doub N N 291 
SO4 S   O3   sing N N 292 
SO4 S   O4   sing N N 293 
THR N   CA   sing N N 294 
THR N   H    sing N N 295 
THR N   H2   sing N N 296 
THR CA  C    sing N N 297 
THR CA  CB   sing N N 298 
THR CA  HA   sing N N 299 
THR C   O    doub N N 300 
THR C   OXT  sing N N 301 
THR CB  OG1  sing N N 302 
THR CB  CG2  sing N N 303 
THR CB  HB   sing N N 304 
THR OG1 HG1  sing N N 305 
THR CG2 HG21 sing N N 306 
THR CG2 HG22 sing N N 307 
THR CG2 HG23 sing N N 308 
THR OXT HXT  sing N N 309 
TRP N   CA   sing N N 310 
TRP N   H    sing N N 311 
TRP N   H2   sing N N 312 
TRP CA  C    sing N N 313 
TRP CA  CB   sing N N 314 
TRP CA  HA   sing N N 315 
TRP C   O    doub N N 316 
TRP C   OXT  sing N N 317 
TRP CB  CG   sing N N 318 
TRP CB  HB2  sing N N 319 
TRP CB  HB3  sing N N 320 
TRP CG  CD1  doub Y N 321 
TRP CG  CD2  sing Y N 322 
TRP CD1 NE1  sing Y N 323 
TRP CD1 HD1  sing N N 324 
TRP CD2 CE2  doub Y N 325 
TRP CD2 CE3  sing Y N 326 
TRP NE1 CE2  sing Y N 327 
TRP NE1 HE1  sing N N 328 
TRP CE2 CZ2  sing Y N 329 
TRP CE3 CZ3  doub Y N 330 
TRP CE3 HE3  sing N N 331 
TRP CZ2 CH2  doub Y N 332 
TRP CZ2 HZ2  sing N N 333 
TRP CZ3 CH2  sing Y N 334 
TRP CZ3 HZ3  sing N N 335 
TRP CH2 HH2  sing N N 336 
TRP OXT HXT  sing N N 337 
TYR N   CA   sing N N 338 
TYR N   H    sing N N 339 
TYR N   H2   sing N N 340 
TYR CA  C    sing N N 341 
TYR CA  CB   sing N N 342 
TYR CA  HA   sing N N 343 
TYR C   O    doub N N 344 
TYR C   OXT  sing N N 345 
TYR CB  CG   sing N N 346 
TYR CB  HB2  sing N N 347 
TYR CB  HB3  sing N N 348 
TYR CG  CD1  doub Y N 349 
TYR CG  CD2  sing Y N 350 
TYR CD1 CE1  sing Y N 351 
TYR CD1 HD1  sing N N 352 
TYR CD2 CE2  doub Y N 353 
TYR CD2 HD2  sing N N 354 
TYR CE1 CZ   doub Y N 355 
TYR CE1 HE1  sing N N 356 
TYR CE2 CZ   sing Y N 357 
TYR CE2 HE2  sing N N 358 
TYR CZ  OH   sing N N 359 
TYR OH  HH   sing N N 360 
TYR OXT HXT  sing N N 361 
VAL N   CA   sing N N 362 
VAL N   H    sing N N 363 
VAL N   H2   sing N N 364 
VAL CA  C    sing N N 365 
VAL CA  CB   sing N N 366 
VAL CA  HA   sing N N 367 
VAL C   O    doub N N 368 
VAL C   OXT  sing N N 369 
VAL CB  CG1  sing N N 370 
VAL CB  CG2  sing N N 371 
VAL CB  HB   sing N N 372 
VAL CG1 HG11 sing N N 373 
VAL CG1 HG12 sing N N 374 
VAL CG1 HG13 sing N N 375 
VAL CG2 HG21 sing N N 376 
VAL CG2 HG22 sing N N 377 
VAL CG2 HG23 sing N N 378 
VAL OXT HXT  sing N N 379 
# 
_pdbx_initial_refinement_model.id               1 
_pdbx_initial_refinement_model.entity_id_list   ? 
_pdbx_initial_refinement_model.type             'experimental model' 
_pdbx_initial_refinement_model.source_name      PDB 
_pdbx_initial_refinement_model.accession_code   1OAN 
_pdbx_initial_refinement_model.details          ? 
# 
_atom_sites.entry_id                    3IRC 
_atom_sites.fract_transf_matrix[1][1]   0.00051993 
_atom_sites.fract_transf_matrix[1][2]   -0.00045210 
_atom_sites.fract_transf_matrix[1][3]   -0.01133107 
_atom_sites.fract_transf_matrix[2][1]   0.00165886 
_atom_sites.fract_transf_matrix[2][2]   -0.01121792 
_atom_sites.fract_transf_matrix[2][3]   0.00052370 
_atom_sites.fract_transf_matrix[3][1]   -0.01121810 
_atom_sites.fract_transf_matrix[3][2]   -0.00167979 
_atom_sites.fract_transf_matrix[3][3]   -0.00044772 
_atom_sites.fract_transf_vector[1]      -0.318982 
_atom_sites.fract_transf_vector[2]      -0.065283 
_atom_sites.fract_transf_vector[3]      -0.114359 
# 
loop_
_atom_type.symbol 
C 
N 
O 
S 
# 
loop_
_atom_site.group_PDB 
_atom_site.id 
_atom_site.type_symbol 
_atom_site.label_atom_id 
_atom_site.label_alt_id 
_atom_site.label_comp_id 
_atom_site.label_asym_id 
_atom_site.label_entity_id 
_atom_site.label_seq_id 
_atom_site.pdbx_PDB_ins_code 
_atom_site.Cartn_x 
_atom_site.Cartn_y 
_atom_site.Cartn_z 
_atom_site.occupancy 
_atom_site.B_iso_or_equiv 
_atom_site.pdbx_formal_charge 
_atom_site.auth_seq_id 
_atom_site.auth_comp_id 
_atom_site.auth_asym_id 
_atom_site.auth_atom_id 
_atom_site.pdbx_PDB_model_num 
ATOM   1   N N   . GLY A 1 5   ? 20.521  9.374   -10.473 1.00 44.69  ? 296 GLY A N   1 
ATOM   2   C CA  . GLY A 1 5   ? 19.041  9.566   -10.583 1.00 44.34  ? 296 GLY A CA  1 
ATOM   3   C C   . GLY A 1 5   ? 18.559  9.072   -11.946 1.00 44.06  ? 296 GLY A C   1 
ATOM   4   O O   . GLY A 1 5   ? 19.366  9.055   -12.893 1.00 43.59  ? 296 GLY A O   1 
ATOM   5   N N   . MET A 1 6   ? 17.255  8.719   -12.030 1.00 40.90  ? 297 MET A N   1 
ATOM   6   C CA  . MET A 1 6   ? 16.605  7.921   -13.120 1.00 39.55  ? 297 MET A CA  1 
ATOM   7   C C   . MET A 1 6   ? 15.144  8.382   -13.280 1.00 39.03  ? 297 MET A C   1 
ATOM   8   O O   . MET A 1 6   ? 14.698  9.244   -12.536 1.00 40.35  ? 297 MET A O   1 
ATOM   9   C CB  . MET A 1 6   ? 16.579  6.420   -12.785 1.00 37.22  ? 297 MET A CB  1 
ATOM   10  C CG  . MET A 1 6   ? 17.945  5.718   -12.616 1.00 39.98  ? 297 MET A CG  1 
ATOM   11  S SD  . MET A 1 6   ? 18.825  5.746   -14.161 1.00 45.43  ? 297 MET A SD  1 
ATOM   12  C CE  . MET A 1 6   ? 20.462  5.169   -13.683 1.00 47.16  ? 297 MET A CE  1 
ATOM   13  N N   . SER A 1 7   ? 14.366  7.769   -14.177 1.00 35.38  ? 298 SER A N   1 
ATOM   14  C CA  . SER A 1 7   ? 12.996  8.275   -14.487 1.00 31.49  ? 298 SER A CA  1 
ATOM   15  C C   . SER A 1 7   ? 12.000  7.116   -14.674 1.00 27.17  ? 298 SER A C   1 
ATOM   16  O O   . SER A 1 7   ? 11.962  6.527   -15.716 1.00 25.94  ? 298 SER A O   1 
ATOM   17  C CB  . SER A 1 7   ? 13.098  9.128   -15.768 1.00 32.55  ? 298 SER A CB  1 
ATOM   18  O OG  . SER A 1 7   ? 11.839  9.566   -16.240 1.00 40.17  ? 298 SER A OG  1 
ATOM   19  N N   . TYR A 1 8   ? 11.216  6.758   -13.670 1.00 25.47  ? 299 TYR A N   1 
ATOM   20  C CA  . TYR A 1 8   ? 10.488  5.491   -13.731 1.00 24.25  ? 299 TYR A CA  1 
ATOM   21  C C   . TYR A 1 8   ? 8.999   5.626   -13.998 1.00 26.48  ? 299 TYR A C   1 
ATOM   22  O O   . TYR A 1 8   ? 8.344   6.589   -13.579 1.00 27.93  ? 299 TYR A O   1 
ATOM   23  C CB  . TYR A 1 8   ? 10.626  4.714   -12.422 1.00 25.60  ? 299 TYR A CB  1 
ATOM   24  C CG  . TYR A 1 8   ? 12.002  4.159   -12.070 1.00 27.83  ? 299 TYR A CG  1 
ATOM   25  C CD1 . TYR A 1 8   ? 12.989  4.049   -13.002 1.00 27.02  ? 299 TYR A CD1 1 
ATOM   26  C CD2 . TYR A 1 8   ? 12.279  3.698   -10.795 1.00 29.23  ? 299 TYR A CD2 1 
ATOM   27  C CE1 . TYR A 1 8   ? 14.248  3.521   -12.681 1.00 28.69  ? 299 TYR A CE1 1 
ATOM   28  C CE2 . TYR A 1 8   ? 13.544  3.161   -10.475 1.00 28.21  ? 299 TYR A CE2 1 
ATOM   29  C CZ  . TYR A 1 8   ? 14.516  3.083   -11.435 1.00 24.80  ? 299 TYR A CZ  1 
ATOM   30  O OH  . TYR A 1 8   ? 15.782  2.588   -11.195 1.00 26.86  ? 299 TYR A OH  1 
ATOM   31  N N   . VAL A 1 9   ? 8.428   4.611   -14.625 1.00 23.68  ? 300 VAL A N   1 
ATOM   32  C CA  . VAL A 1 9   ? 6.981   4.557   -14.699 1.00 23.26  ? 300 VAL A CA  1 
ATOM   33  C C   . VAL A 1 9   ? 6.358   4.060   -13.394 1.00 24.02  ? 300 VAL A C   1 
ATOM   34  O O   . VAL A 1 9   ? 7.017   3.423   -12.561 1.00 22.98  ? 300 VAL A O   1 
ATOM   35  C CB  . VAL A 1 9   ? 6.503   3.696   -15.870 1.00 23.37  ? 300 VAL A CB  1 
ATOM   36  C CG1 . VAL A 1 9   ? 7.201   4.115   -17.105 1.00 17.17  ? 300 VAL A CG1 1 
ATOM   37  C CG2 . VAL A 1 9   ? 6.699   2.194   -15.557 1.00 22.70  ? 300 VAL A CG2 1 
ATOM   38  N N   . MET A 1 10  ? 5.086   4.410   -13.199 1.00 25.43  ? 301 MET A N   1 
ATOM   39  C CA  . MET A 1 10  ? 4.252   3.755   -12.187 1.00 24.06  ? 301 MET A CA  1 
ATOM   40  C C   . MET A 1 10  ? 3.932   2.343   -12.655 1.00 25.77  ? 301 MET A C   1 
ATOM   41  O O   . MET A 1 10  ? 3.522   2.140   -13.809 1.00 26.13  ? 301 MET A O   1 
ATOM   42  C CB  . MET A 1 10  ? 2.944   4.498   -11.961 1.00 21.11  ? 301 MET A CB  1 
ATOM   43  C CG  . MET A 1 10  ? 3.065   5.925   -11.459 1.00 22.87  ? 301 MET A CG  1 
ATOM   44  S SD  . MET A 1 10  ? 3.996   6.255   -9.946  1.00 28.05  ? 301 MET A SD  1 
ATOM   45  C CE  . MET A 1 10  ? 3.003   5.329   -8.781  1.00 30.15  ? 301 MET A CE  1 
ATOM   46  N N   . CYS A 1 11  ? 4.163   1.368   -11.776 1.00 25.27  ? 302 CYS A N   1 
ATOM   47  C CA  . CYS A 1 11  ? 3.897   -0.037  -12.072 1.00 28.78  ? 302 CYS A CA  1 
ATOM   48  C C   . CYS A 1 11  ? 2.460   -0.198  -12.563 1.00 29.72  ? 302 CYS A C   1 
ATOM   49  O O   . CYS A 1 11  ? 1.530   0.272   -11.916 1.00 28.89  ? 302 CYS A O   1 
ATOM   50  C CB  . CYS A 1 11  ? 4.064   -0.862  -10.798 1.00 30.40  ? 302 CYS A CB  1 
ATOM   51  S SG  . CYS A 1 11  ? 5.687   -0.758  -10.005 1.00 34.66  ? 302 CYS A SG  1 
ATOM   52  N N   . THR A 1 12  ? 2.278   -0.896  -13.677 1.00 29.18  ? 303 THR A N   1 
ATOM   53  C CA  . THR A 1 12  ? 0.953   -1.070  -14.246 1.00 30.73  ? 303 THR A CA  1 
ATOM   54  C C   . THR A 1 12  ? 0.372   -2.461  -13.995 1.00 29.27  ? 303 THR A C   1 
ATOM   55  O O   . THR A 1 12  ? -0.779  -2.674  -14.315 1.00 32.56  ? 303 THR A O   1 
ATOM   56  C CB  . THR A 1 12  ? 0.935   -0.829  -15.785 1.00 30.73  ? 303 THR A CB  1 
ATOM   57  O OG1 . THR A 1 12  ? 1.850   -1.735  -16.428 1.00 35.58  ? 303 THR A OG1 1 
ATOM   58  C CG2 . THR A 1 12  ? 1.310   0.594   -16.130 1.00 27.35  ? 303 THR A CG2 1 
ATOM   59  N N   . GLY A 1 13  ? 1.154   -3.410  -13.476 1.00 27.51  ? 304 GLY A N   1 
ATOM   60  C CA  . GLY A 1 13  ? 0.699   -4.805  -13.345 1.00 25.48  ? 304 GLY A CA  1 
ATOM   61  C C   . GLY A 1 13  ? 0.044   -5.085  -12.013 1.00 25.82  ? 304 GLY A C   1 
ATOM   62  O O   . GLY A 1 13  ? -0.270  -4.161  -11.290 1.00 25.06  ? 304 GLY A O   1 
ATOM   63  N N   . SER A 1 14  ? -0.121  -6.363  -11.681 1.00 24.45  ? 305 SER A N   1 
ATOM   64  C CA  . SER A 1 14  ? -0.769  -6.767  -10.449 1.00 25.08  ? 305 SER A CA  1 
ATOM   65  C C   . SER A 1 14  ? 0.224   -6.975  -9.367  1.00 26.42  ? 305 SER A C   1 
ATOM   66  O O   . SER A 1 14  ? 1.338   -7.422  -9.627  1.00 24.96  ? 305 SER A O   1 
ATOM   67  C CB  . SER A 1 14  ? -1.458  -8.100  -10.594 1.00 25.86  ? 305 SER A CB  1 
ATOM   68  O OG  . SER A 1 14  ? -2.320  -8.067  -11.683 1.00 31.00  ? 305 SER A OG  1 
ATOM   69  N N   . PHE A 1 15  ? -0.246  -6.699  -8.153  1.00 24.30  ? 306 PHE A N   1 
ATOM   70  C CA  . PHE A 1 15  ? 0.438   -7.003  -6.915  1.00 27.32  ? 306 PHE A CA  1 
ATOM   71  C C   . PHE A 1 15  ? -0.346  -8.077  -6.154  1.00 26.27  ? 306 PHE A C   1 
ATOM   72  O O   . PHE A 1 15  ? -1.583  -8.072  -6.141  1.00 26.56  ? 306 PHE A O   1 
ATOM   73  C CB  . PHE A 1 15  ? 0.553   -5.747  -6.050  1.00 26.34  ? 306 PHE A CB  1 
ATOM   74  C CG  . PHE A 1 15  ? 1.497   -4.739  -6.588  1.00 29.79  ? 306 PHE A CG  1 
ATOM   75  C CD1 . PHE A 1 15  ? 2.811   -4.698  -6.148  1.00 24.01  ? 306 PHE A CD1 1 
ATOM   76  C CD2 . PHE A 1 15  ? 1.078   -3.831  -7.554  1.00 25.28  ? 306 PHE A CD2 1 
ATOM   77  C CE1 . PHE A 1 15  ? 3.681   -3.753  -6.649  1.00 25.24  ? 306 PHE A CE1 1 
ATOM   78  C CE2 . PHE A 1 15  ? 1.947   -2.887  -8.056  1.00 26.66  ? 306 PHE A CE2 1 
ATOM   79  C CZ  . PHE A 1 15  ? 3.261   -2.866  -7.614  1.00 26.21  ? 306 PHE A CZ  1 
ATOM   80  N N   . LYS A 1 16  ? 0.402   -9.011  -5.575  1.00 25.13  ? 307 LYS A N   1 
ATOM   81  C CA  . LYS A 1 16  ? -0.100  -10.042 -4.680  1.00 28.47  ? 307 LYS A CA  1 
ATOM   82  C C   . LYS A 1 16  ? 0.400   -9.767  -3.265  1.00 26.47  ? 307 LYS A C   1 
ATOM   83  O O   . LYS A 1 16  ? 1.453   -9.155  -3.078  1.00 23.98  ? 307 LYS A O   1 
ATOM   84  C CB  . LYS A 1 16  ? 0.368   -11.439 -5.143  1.00 28.14  ? 307 LYS A CB  1 
ATOM   85  C CG  . LYS A 1 16  ? -0.057  -11.843 -6.597  1.00 37.72  ? 307 LYS A CG  1 
ATOM   86  C CD  . LYS A 1 16  ? -1.613  -11.970 -6.857  1.00 45.35  ? 307 LYS A CD  1 
ATOM   87  C CE  . LYS A 1 16  ? -1.972  -11.827 -8.389  1.00 50.89  ? 307 LYS A CE  1 
ATOM   88  N NZ  . LYS A 1 16  ? -3.211  -10.971 -8.628  1.00 49.87  ? 307 LYS A NZ  1 
ATOM   89  N N   . LEU A 1 17  ? -0.374  -10.215 -2.281  1.00 25.70  ? 308 LEU A N   1 
ATOM   90  C CA  . LEU A 1 17  ? -0.018  -10.039 -0.891  1.00 25.10  ? 308 LEU A CA  1 
ATOM   91  C C   . LEU A 1 17  ? 0.854   -11.249 -0.538  1.00 25.78  ? 308 LEU A C   1 
ATOM   92  O O   . LEU A 1 17  ? 0.435   -12.394 -0.673  1.00 23.97  ? 308 LEU A O   1 
ATOM   93  C CB  . LEU A 1 17  ? -1.272  -9.970  -0.004  1.00 22.25  ? 308 LEU A CB  1 
ATOM   94  C CG  . LEU A 1 17  ? -1.013  -9.771  1.500   1.00 20.84  ? 308 LEU A CG  1 
ATOM   95  C CD1 . LEU A 1 17  ? -0.377  -8.378  1.765   1.00 22.57  ? 308 LEU A CD1 1 
ATOM   96  C CD2 . LEU A 1 17  ? -2.250  -9.967  2.342   1.00 16.22  ? 308 LEU A CD2 1 
ATOM   97  N N   . GLU A 1 18  ? 2.073   -10.991 -0.091  1.00 27.88  ? 309 GLU A N   1 
ATOM   98  C CA  . GLU A 1 18  ? 3.049   -12.050 0.069   1.00 28.82  ? 309 GLU A CA  1 
ATOM   99  C C   . GLU A 1 18  ? 2.859   -12.739 1.411   1.00 30.29  ? 309 GLU A C   1 
ATOM   100 O O   . GLU A 1 18  ? 3.024   -13.943 1.523   1.00 32.22  ? 309 GLU A O   1 
ATOM   101 C CB  . GLU A 1 18  ? 4.446   -11.463 -0.090  1.00 28.34  ? 309 GLU A CB  1 
ATOM   102 C CG  . GLU A 1 18  ? 5.580   -12.454 -0.299  1.00 36.28  ? 309 GLU A CG  1 
ATOM   103 C CD  . GLU A 1 18  ? 5.450   -13.396 -1.515  1.00 34.24  ? 309 GLU A CD  1 
ATOM   104 O OE1 . GLU A 1 18  ? 4.635   -13.219 -2.447  1.00 36.96  ? 309 GLU A OE1 1 
ATOM   105 O OE2 . GLU A 1 18  ? 6.213   -14.361 -1.514  1.00 42.92  ? 309 GLU A OE2 1 
ATOM   106 N N   . LYS A 1 19  ? 2.469   -11.986 2.425   1.00 30.83  ? 310 LYS A N   1 
ATOM   107 C CA  . LYS A 1 19  ? 2.180   -12.568 3.730   1.00 31.40  ? 310 LYS A CA  1 
ATOM   108 C C   . LYS A 1 19  ? 1.221   -11.660 4.465   1.00 32.09  ? 310 LYS A C   1 
ATOM   109 O O   . LYS A 1 19  ? 0.930   -10.576 3.986   1.00 30.11  ? 310 LYS A O   1 
ATOM   110 C CB  . LYS A 1 19  ? 3.464   -12.745 4.552   1.00 32.84  ? 310 LYS A CB  1 
ATOM   111 C CG  . LYS A 1 19  ? 4.211   -11.441 4.864   1.00 33.02  ? 310 LYS A CG  1 
ATOM   112 C CD  . LYS A 1 19  ? 5.493   -11.713 5.646   1.00 35.33  ? 310 LYS A CD  1 
ATOM   113 C CE  . LYS A 1 19  ? 6.288   -10.429 5.797   1.00 34.46  ? 310 LYS A CE  1 
ATOM   114 N NZ  . LYS A 1 19  ? 7.424   -10.577 6.739   1.00 34.27  ? 310 LYS A NZ  1 
ATOM   115 N N   . GLU A 1 20  ? 0.748   -12.090 5.634   1.00 30.96  ? 311 GLU A N   1 
ATOM   116 C CA  . GLU A 1 20  ? -0.267  -11.329 6.362   1.00 32.14  ? 311 GLU A CA  1 
ATOM   117 C C   . GLU A 1 20  ? 0.200   -9.935  6.741   1.00 31.31  ? 311 GLU A C   1 
ATOM   118 O O   . GLU A 1 20  ? 1.369   -9.729  7.037   1.00 30.65  ? 311 GLU A O   1 
ATOM   119 C CB  . GLU A 1 20  ? -0.724  -12.076 7.615   1.00 32.47  ? 311 GLU A CB  1 
ATOM   120 C CG  . GLU A 1 20  ? -1.949  -12.923 7.355   1.00 38.38  ? 311 GLU A CG  1 
ATOM   121 C CD  . GLU A 1 20  ? -2.436  -13.644 8.592   1.00 50.42  ? 311 GLU A CD  1 
ATOM   122 O OE1 . GLU A 1 20  ? -2.554  -12.992 9.667   1.00 51.00  ? 311 GLU A OE1 1 
ATOM   123 O OE2 . GLU A 1 20  ? -2.697  -14.872 8.487   1.00 53.86  ? 311 GLU A OE2 1 
ATOM   124 N N   . VAL A 1 21  ? -0.727  -8.978  6.721   1.00 31.78  ? 312 VAL A N   1 
ATOM   125 C CA  . VAL A 1 21  ? -0.400  -7.590  7.055   1.00 34.90  ? 312 VAL A CA  1 
ATOM   126 C C   . VAL A 1 21  ? -0.060  -7.604  8.530   1.00 35.00  ? 312 VAL A C   1 
ATOM   127 O O   . VAL A 1 21  ? -0.735  -8.274  9.282   1.00 34.54  ? 312 VAL A O   1 
ATOM   128 C CB  . VAL A 1 21  ? -1.571  -6.629  6.785   1.00 33.89  ? 312 VAL A CB  1 
ATOM   129 C CG1 . VAL A 1 21  ? -1.194  -5.208  7.187   1.00 40.04  ? 312 VAL A CG1 1 
ATOM   130 C CG2 . VAL A 1 21  ? -1.969  -6.677  5.323   1.00 35.84  ? 312 VAL A CG2 1 
ATOM   131 N N   . ALA A 1 22  ? 1.050   -6.973  8.909   1.00 35.21  ? 313 ALA A N   1 
ATOM   132 C CA  . ALA A 1 22  ? 1.454   -6.870  10.301  1.00 35.17  ? 313 ALA A CA  1 
ATOM   133 C C   . ALA A 1 22  ? 1.153   -5.454  10.768  1.00 33.80  ? 313 ALA A C   1 
ATOM   134 O O   . ALA A 1 22  ? 1.031   -4.533  9.984   1.00 34.19  ? 313 ALA A O   1 
ATOM   135 C CB  . ALA A 1 22  ? 2.945   -7.215  10.480  1.00 32.65  ? 313 ALA A CB  1 
ATOM   136 N N   . GLU A 1 23  ? 1.012   -5.309  12.068  1.00 34.91  ? 314 GLU A N   1 
ATOM   137 C CA  . GLU A 1 23  ? 0.597   -4.071  12.693  1.00 36.76  ? 314 GLU A CA  1 
ATOM   138 C C   . GLU A 1 23  ? 1.725   -3.650  13.612  1.00 35.74  ? 314 GLU A C   1 
ATOM   139 O O   . GLU A 1 23  ? 2.176   -4.453  14.398  1.00 35.25  ? 314 GLU A O   1 
ATOM   140 C CB  . GLU A 1 23  ? -0.647  -4.365  13.508  1.00 35.99  ? 314 GLU A CB  1 
ATOM   141 C CG  . GLU A 1 23  ? -1.674  -3.275  13.521  1.00 44.21  ? 314 GLU A CG  1 
ATOM   142 C CD  . GLU A 1 23  ? -2.938  -3.717  14.255  1.00 50.92  ? 314 GLU A CD  1 
ATOM   143 O OE1 . GLU A 1 23  ? -3.432  -4.859  14.019  1.00 52.33  ? 314 GLU A OE1 1 
ATOM   144 O OE2 . GLU A 1 23  ? -3.433  -2.914  15.067  1.00 53.48  ? 314 GLU A OE2 1 
ATOM   145 N N   . THR A 1 24  ? 2.210   -2.421  13.495  1.00 36.87  ? 315 THR A N   1 
ATOM   146 C CA  . THR A 1 24  ? 3.298   -1.958  14.350  1.00 36.75  ? 315 THR A CA  1 
ATOM   147 C C   . THR A 1 24  ? 2.807   -1.402  15.698  1.00 38.52  ? 315 THR A C   1 
ATOM   148 O O   . THR A 1 24  ? 1.602   -1.219  15.925  1.00 37.10  ? 315 THR A O   1 
ATOM   149 C CB  . THR A 1 24  ? 4.135   -0.879  13.667  1.00 36.44  ? 315 THR A CB  1 
ATOM   150 O OG1 . THR A 1 24  ? 3.424   0.362   13.707  1.00 36.81  ? 315 THR A OG1 1 
ATOM   151 C CG2 . THR A 1 24  ? 4.453   -1.264  12.234  1.00 35.78  ? 315 THR A CG2 1 
ATOM   152 N N   . GLN A 1 25  ? 3.763   -1.125  16.583  1.00 39.69  ? 316 GLN A N   1 
ATOM   153 C CA  . GLN A 1 25  ? 3.494   -0.563  17.914  1.00 41.02  ? 316 GLN A CA  1 
ATOM   154 C C   . GLN A 1 25  ? 2.849   0.845   17.859  1.00 40.75  ? 316 GLN A C   1 
ATOM   155 O O   . GLN A 1 25  ? 2.220   1.273   18.837  1.00 40.60  ? 316 GLN A O   1 
ATOM   156 C CB  . GLN A 1 25  ? 4.789   -0.575  18.772  1.00 40.81  ? 316 GLN A CB  1 
ATOM   157 C CG  . GLN A 1 25  ? 5.970   0.326   18.242  1.00 42.37  ? 316 GLN A CG  1 
ATOM   158 C CD  . GLN A 1 25  ? 6.931   -0.320  17.200  1.00 44.48  ? 316 GLN A CD  1 
ATOM   159 O OE1 . GLN A 1 25  ? 6.550   -1.159  16.378  1.00 41.53  ? 316 GLN A OE1 1 
ATOM   160 N NE2 . GLN A 1 25  ? 8.180   0.117   17.227  1.00 45.67  ? 316 GLN A NE2 1 
ATOM   161 N N   . HIS A 1 26  ? 2.988   1.526   16.707  1.00 40.35  ? 317 HIS A N   1 
ATOM   162 C CA  . HIS A 1 26  ? 2.606   2.945   16.537  1.00 39.61  ? 317 HIS A CA  1 
ATOM   163 C C   . HIS A 1 26  ? 1.581   3.224   15.432  1.00 38.79  ? 317 HIS A C   1 
ATOM   164 O O   . HIS A 1 26  ? 1.783   4.112   14.616  1.00 40.49  ? 317 HIS A O   1 
ATOM   165 C CB  . HIS A 1 26  ? 3.848   3.822   16.294  1.00 39.78  ? 317 HIS A CB  1 
ATOM   166 C CG  . HIS A 1 26  ? 4.813   3.269   15.285  1.00 39.86  ? 317 HIS A CG  1 
ATOM   167 N ND1 . HIS A 1 26  ? 5.819   2.390   15.626  1.00 39.62  ? 317 HIS A ND1 1 
ATOM   168 C CD2 . HIS A 1 26  ? 4.970   3.523   13.962  1.00 41.70  ? 317 HIS A CD2 1 
ATOM   169 C CE1 . HIS A 1 26  ? 6.536   2.100   14.552  1.00 41.84  ? 317 HIS A CE1 1 
ATOM   170 N NE2 . HIS A 1 26  ? 6.040   2.772   13.528  1.00 41.50  ? 317 HIS A NE2 1 
ATOM   171 N N   . GLY A 1 27  ? 0.477   2.487   15.411  1.00 37.27  ? 318 GLY A N   1 
ATOM   172 C CA  . GLY A 1 27  ? -0.647  2.809   14.511  1.00 34.95  ? 318 GLY A CA  1 
ATOM   173 C C   . GLY A 1 27  ? -0.457  2.685   12.999  1.00 33.47  ? 318 GLY A C   1 
ATOM   174 O O   . GLY A 1 27  ? -1.335  3.113   12.219  1.00 34.54  ? 318 GLY A O   1 
ATOM   175 N N   . THR A 1 28  ? 0.672   2.102   12.591  1.00 29.09  ? 319 THR A N   1 
ATOM   176 C CA  . THR A 1 28  ? 0.957   1.811   11.192  1.00 26.93  ? 319 THR A CA  1 
ATOM   177 C C   . THR A 1 28  ? 0.906   0.300   10.888  1.00 25.04  ? 319 THR A C   1 
ATOM   178 O O   . THR A 1 28  ? 0.899   -0.553  11.782  1.00 23.22  ? 319 THR A O   1 
ATOM   179 C CB  . THR A 1 28  ? 2.328   2.411   10.765  1.00 27.68  ? 319 THR A CB  1 
ATOM   180 O OG1 . THR A 1 28  ? 3.401   1.580   11.240  1.00 27.78  ? 319 THR A OG1 1 
ATOM   181 C CG2 . THR A 1 28  ? 2.479   3.824   11.320  1.00 27.87  ? 319 THR A CG2 1 
ATOM   182 N N   . VAL A 1 29  ? 0.846   -0.013  9.603   1.00 23.61  ? 320 VAL A N   1 
ATOM   183 C CA  . VAL A 1 29  ? 0.818   -1.401  9.143   1.00 26.90  ? 320 VAL A CA  1 
ATOM   184 C C   . VAL A 1 29  ? 2.009   -1.666  8.238   1.00 25.84  ? 320 VAL A C   1 
ATOM   185 O O   . VAL A 1 29  ? 2.435   -0.788  7.499   1.00 27.32  ? 320 VAL A O   1 
ATOM   186 C CB  . VAL A 1 29  ? -0.510  -1.769  8.382   1.00 25.94  ? 320 VAL A CB  1 
ATOM   187 C CG1 . VAL A 1 29  ? -1.713  -1.625  9.318   1.00 31.57  ? 320 VAL A CG1 1 
ATOM   188 C CG2 . VAL A 1 29  ? -0.692  -0.930  7.145   1.00 27.82  ? 320 VAL A CG2 1 
ATOM   189 N N   . LEU A 1 30  ? 2.528   -2.886  8.294   1.00 27.21  ? 321 LEU A N   1 
ATOM   190 C CA  . LEU A 1 30  ? 3.571   -3.339  7.386   1.00 26.33  ? 321 LEU A CA  1 
ATOM   191 C C   . LEU A 1 30  ? 2.969   -4.312  6.388   1.00 25.49  ? 321 LEU A C   1 
ATOM   192 O O   . LEU A 1 30  ? 2.416   -5.331  6.769   1.00 28.15  ? 321 LEU A O   1 
ATOM   193 C CB  . LEU A 1 30  ? 4.692   -4.013  8.175   1.00 26.74  ? 321 LEU A CB  1 
ATOM   194 C CG  . LEU A 1 30  ? 5.363   -3.156  9.279   1.00 31.01  ? 321 LEU A CG  1 
ATOM   195 C CD1 . LEU A 1 30  ? 6.202   -4.004  10.280  1.00 31.22  ? 321 LEU A CD1 1 
ATOM   196 C CD2 . LEU A 1 30  ? 6.194   -1.990  8.686   1.00 34.61  ? 321 LEU A CD2 1 
ATOM   197 N N   . VAL A 1 31  ? 3.081   -3.979  5.114   1.00 25.08  ? 322 VAL A N   1 
ATOM   198 C CA  . VAL A 1 31  ? 2.530   -4.768  4.028   1.00 27.63  ? 322 VAL A CA  1 
ATOM   199 C C   . VAL A 1 31  ? 3.689   -5.253  3.126   1.00 30.41  ? 322 VAL A C   1 
ATOM   200 O O   . VAL A 1 31  ? 4.550   -4.463  2.715   1.00 30.81  ? 322 VAL A O   1 
ATOM   201 C CB  . VAL A 1 31  ? 1.561   -3.890  3.230   1.00 28.01  ? 322 VAL A CB  1 
ATOM   202 C CG1 . VAL A 1 31  ? 1.039   -4.609  2.005   1.00 27.14  ? 322 VAL A CG1 1 
ATOM   203 C CG2 . VAL A 1 31  ? 0.377   -3.410  4.156   1.00 32.09  ? 322 VAL A CG2 1 
ATOM   204 N N   . GLN A 1 32  ? 3.725   -6.541  2.806   1.00 26.85  ? 323 GLN A N   1 
ATOM   205 C CA  . GLN A 1 32  ? 4.737   -7.038  1.888   1.00 25.68  ? 323 GLN A CA  1 
ATOM   206 C C   . GLN A 1 32  ? 4.070   -7.552  0.633   1.00 26.34  ? 323 GLN A C   1 
ATOM   207 O O   . GLN A 1 32  ? 3.241   -8.469  0.693   1.00 27.08  ? 323 GLN A O   1 
ATOM   208 C CB  . GLN A 1 32  ? 5.575   -8.133  2.516   1.00 22.36  ? 323 GLN A CB  1 
ATOM   209 C CG  . GLN A 1 32  ? 6.635   -8.642  1.582   1.00 24.07  ? 323 GLN A CG  1 
ATOM   210 C CD  . GLN A 1 32  ? 7.546   -9.611  2.244   1.00 29.12  ? 323 GLN A CD  1 
ATOM   211 O OE1 . GLN A 1 32  ? 7.411   -10.824 2.078   1.00 26.49  ? 323 GLN A OE1 1 
ATOM   212 N NE2 . GLN A 1 32  ? 8.468   -9.093  3.039   1.00 25.16  ? 323 GLN A NE2 1 
ATOM   213 N N   . VAL A 1 33  ? 4.418   -6.929  -0.492  1.00 26.37  ? 324 VAL A N   1 
ATOM   214 C CA  . VAL A 1 33  ? 3.811   -7.222  -1.772  1.00 26.98  ? 324 VAL A CA  1 
ATOM   215 C C   . VAL A 1 33  ? 4.810   -7.873  -2.731  1.00 26.15  ? 324 VAL A C   1 
ATOM   216 O O   . VAL A 1 33  ? 6.026   -7.737  -2.601  1.00 25.41  ? 324 VAL A O   1 
ATOM   217 C CB  . VAL A 1 33  ? 3.163   -5.966  -2.386  1.00 29.77  ? 324 VAL A CB  1 
ATOM   218 C CG1 . VAL A 1 33  ? 2.029   -5.457  -1.458  1.00 28.74  ? 324 VAL A CG1 1 
ATOM   219 C CG2 . VAL A 1 33  ? 4.221   -4.868  -2.696  1.00 28.38  ? 324 VAL A CG2 1 
ATOM   220 N N   . LYS A 1 34  ? 4.265   -8.678  -3.627  1.00 27.49  ? 325 LYS A N   1 
ATOM   221 C CA  . LYS A 1 34  ? 5.016   -9.293  -4.697  1.00 27.06  ? 325 LYS A CA  1 
ATOM   222 C C   . LYS A 1 34  ? 4.432   -8.788  -6.013  1.00 26.08  ? 325 LYS A C   1 
ATOM   223 O O   . LYS A 1 34  ? 3.236   -8.909  -6.261  1.00 25.36  ? 325 LYS A O   1 
ATOM   224 C CB  . LYS A 1 34  ? 4.880   -10.813 -4.593  1.00 28.63  ? 325 LYS A CB  1 
ATOM   225 C CG  . LYS A 1 34  ? 5.468   -11.650 -5.770  1.00 31.13  ? 325 LYS A CG  1 
ATOM   226 C CD  . LYS A 1 34  ? 7.001   -11.763 -5.791  1.00 29.54  ? 325 LYS A CD  1 
ATOM   227 C CE  . LYS A 1 34  ? 7.465   -12.559 -7.022  1.00 28.27  ? 325 LYS A CE  1 
ATOM   228 N NZ  . LYS A 1 34  ? 7.012   -11.911 -8.305  1.00 31.35  ? 325 LYS A NZ  1 
ATOM   229 N N   . TYR A 1 35  ? 5.269   -8.207  -6.855  1.00 25.80  ? 326 TYR A N   1 
ATOM   230 C CA  . TYR A 1 35  ? 4.807   -7.659  -8.105  1.00 26.09  ? 326 TYR A CA  1 
ATOM   231 C C   . TYR A 1 35  ? 4.775   -8.708  -9.219  1.00 26.67  ? 326 TYR A C   1 
ATOM   232 O O   . TYR A 1 35  ? 5.703   -9.495  -9.362  1.00 24.24  ? 326 TYR A O   1 
ATOM   233 C CB  . TYR A 1 35  ? 5.743   -6.540  -8.509  1.00 26.51  ? 326 TYR A CB  1 
ATOM   234 C CG  . TYR A 1 35  ? 5.277   -5.795  -9.710  1.00 27.55  ? 326 TYR A CG  1 
ATOM   235 C CD1 . TYR A 1 35  ? 3.986   -5.285  -9.756  1.00 26.24  ? 326 TYR A CD1 1 
ATOM   236 C CD2 . TYR A 1 35  ? 6.128   -5.558  -10.778 1.00 29.47  ? 326 TYR A CD2 1 
ATOM   237 C CE1 . TYR A 1 35  ? 3.547   -4.579  -10.816 1.00 25.37  ? 326 TYR A CE1 1 
ATOM   238 C CE2 . TYR A 1 35  ? 5.688   -4.833  -11.886 1.00 26.84  ? 326 TYR A CE2 1 
ATOM   239 C CZ  . TYR A 1 35  ? 4.390   -4.340  -11.881 1.00 30.42  ? 326 TYR A CZ  1 
ATOM   240 O OH  . TYR A 1 35  ? 3.891   -3.607  -12.930 1.00 28.66  ? 326 TYR A OH  1 
ATOM   241 N N   . GLU A 1 36  ? 3.745   -8.681  -10.055 1.00 28.21  ? 327 GLU A N   1 
ATOM   242 C CA  . GLU A 1 36  ? 3.645   -9.677  -11.100 1.00 31.39  ? 327 GLU A CA  1 
ATOM   243 C C   . GLU A 1 36  ? 3.679   -9.066  -12.493 1.00 32.19  ? 327 GLU A C   1 
ATOM   244 O O   . GLU A 1 36  ? 3.527   -9.760  -13.464 1.00 34.86  ? 327 GLU A O   1 
ATOM   245 C CB  . GLU A 1 36  ? 2.391   -10.542 -10.888 1.00 31.81  ? 327 GLU A CB  1 
ATOM   246 C CG  . GLU A 1 36  ? 2.504   -11.536 -9.703  1.00 36.75  ? 327 GLU A CG  1 
ATOM   247 C CD  . GLU A 1 36  ? 3.707   -12.524 -9.840  1.00 47.47  ? 327 GLU A CD  1 
ATOM   248 O OE1 . GLU A 1 36  ? 4.087   -12.911 -10.978 1.00 55.43  ? 327 GLU A OE1 1 
ATOM   249 O OE2 . GLU A 1 36  ? 4.285   -12.921 -8.803  1.00 52.75  ? 327 GLU A OE2 1 
ATOM   250 N N   . GLY A 1 37  ? 3.918   -7.774  -12.608 1.00 33.86  ? 328 GLY A N   1 
ATOM   251 C CA  . GLY A 1 37  ? 3.930   -7.147  -13.929 1.00 34.67  ? 328 GLY A CA  1 
ATOM   252 C C   . GLY A 1 37  ? 5.282   -7.238  -14.608 1.00 36.11  ? 328 GLY A C   1 
ATOM   253 O O   . GLY A 1 37  ? 6.196   -7.877  -14.094 1.00 35.50  ? 328 GLY A O   1 
ATOM   254 N N   . THR A 1 38  ? 5.410   -6.565  -15.745 1.00 35.99  ? 329 THR A N   1 
ATOM   255 C CA  . THR A 1 38  ? 6.605   -6.681  -16.545 1.00 37.09  ? 329 THR A CA  1 
ATOM   256 C C   . THR A 1 38  ? 7.280   -5.330  -16.804 1.00 36.18  ? 329 THR A C   1 
ATOM   257 O O   . THR A 1 38  ? 8.027   -5.190  -17.753 1.00 37.30  ? 329 THR A O   1 
ATOM   258 C CB  . THR A 1 38  ? 6.249   -7.317  -17.876 1.00 38.47  ? 329 THR A CB  1 
ATOM   259 O OG1 . THR A 1 38  ? 5.248   -6.498  -18.492 1.00 41.21  ? 329 THR A OG1 1 
ATOM   260 C CG2 . THR A 1 38  ? 5.738   -8.799  -17.667 1.00 39.06  ? 329 THR A CG2 1 
ATOM   261 N N   . ASP A 1 39  ? 7.066   -4.340  -15.956 1.00 33.05  ? 330 ASP A N   1 
ATOM   262 C CA  . ASP A 1 39  ? 7.690   -3.060  -16.218 1.00 32.23  ? 330 ASP A CA  1 
ATOM   263 C C   . ASP A 1 39  ? 8.660   -2.639  -15.116 1.00 31.31  ? 330 ASP A C   1 
ATOM   264 O O   . ASP A 1 39  ? 9.015   -1.437  -15.012 1.00 33.31  ? 330 ASP A O   1 
ATOM   265 C CB  . ASP A 1 39  ? 6.642   -1.964  -16.494 1.00 33.16  ? 330 ASP A CB  1 
ATOM   266 C CG  . ASP A 1 39  ? 5.483   -1.977  -15.502 1.00 40.75  ? 330 ASP A CG  1 
ATOM   267 O OD1 . ASP A 1 39  ? 5.528   -2.798  -14.548 1.00 36.38  ? 330 ASP A OD1 1 
ATOM   268 O OD2 . ASP A 1 39  ? 4.528   -1.180  -15.705 1.00 43.34  ? 330 ASP A OD2 1 
ATOM   269 N N   . ALA A 1 40  ? 9.125   -3.600  -14.314 1.00 27.93  ? 331 ALA A N   1 
ATOM   270 C CA  . ALA A 1 40  ? 10.088  -3.244  -13.288 1.00 26.07  ? 331 ALA A CA  1 
ATOM   271 C C   . ALA A 1 40  ? 11.398  -2.812  -13.987 1.00 27.12  ? 331 ALA A C   1 
ATOM   272 O O   . ALA A 1 40  ? 11.749  -3.354  -15.042 1.00 22.00  ? 331 ALA A O   1 
ATOM   273 C CB  . ALA A 1 40  ? 10.314  -4.394  -12.335 1.00 26.87  ? 331 ALA A CB  1 
ATOM   274 N N   . PRO A 1 41  ? 12.130  -1.838  -13.409 1.00 28.07  ? 332 PRO A N   1 
ATOM   275 C CA  . PRO A 1 41  ? 11.858  -1.119  -12.168 1.00 27.81  ? 332 PRO A CA  1 
ATOM   276 C C   . PRO A 1 41  ? 10.805  -0.041  -12.362 1.00 29.72  ? 332 PRO A C   1 
ATOM   277 O O   . PRO A 1 41  ? 10.740  0.590   -13.435 1.00 30.31  ? 332 PRO A O   1 
ATOM   278 C CB  . PRO A 1 41  ? 13.221  -0.527  -11.781 1.00 27.84  ? 332 PRO A CB  1 
ATOM   279 C CG  . PRO A 1 41  ? 13.932  -0.408  -13.031 1.00 26.58  ? 332 PRO A CG  1 
ATOM   280 C CD  . PRO A 1 41  ? 13.467  -1.518  -13.936 1.00 27.33  ? 332 PRO A CD  1 
ATOM   281 N N   . CYS A 1 42  ? 9.940   0.091   -11.353 1.00 29.31  ? 333 CYS A N   1 
ATOM   282 C CA  . CYS A 1 42  ? 8.755   0.927   -11.429 1.00 30.32  ? 333 CYS A CA  1 
ATOM   283 C C   . CYS A 1 42  ? 8.302   1.356   -10.031 1.00 31.15  ? 333 CYS A C   1 
ATOM   284 O O   . CYS A 1 42  ? 8.673   0.728   -9.025  1.00 34.08  ? 333 CYS A O   1 
ATOM   285 C CB  . CYS A 1 42  ? 7.644   0.202   -12.196 1.00 27.69  ? 333 CYS A CB  1 
ATOM   286 S SG  . CYS A 1 42  ? 7.022   -1.364  -11.491 1.00 32.69  ? 333 CYS A SG  1 
ATOM   287 N N   . LYS A 1 43  ? 7.561   2.461   -9.979  1.00 31.02  ? 334 LYS A N   1 
ATOM   288 C CA  . LYS A 1 43  ? 7.055   3.009   -8.733  1.00 32.27  ? 334 LYS A CA  1 
ATOM   289 C C   . LYS A 1 43  ? 5.694   2.398   -8.412  1.00 30.60  ? 334 LYS A C   1 
ATOM   290 O O   . LYS A 1 43  ? 4.816   2.256   -9.280  1.00 31.16  ? 334 LYS A O   1 
ATOM   291 C CB  . LYS A 1 43  ? 6.941   4.523   -8.820  1.00 29.59  ? 334 LYS A CB  1 
ATOM   292 C CG  . LYS A 1 43  ? 8.264   5.205   -8.958  1.00 32.44  ? 334 LYS A CG  1 
ATOM   293 C CD  . LYS A 1 43  ? 8.143   6.703   -8.759  1.00 32.92  ? 334 LYS A CD  1 
ATOM   294 C CE  . LYS A 1 43  ? 7.774   7.365   -10.055 1.00 39.14  ? 334 LYS A CE  1 
ATOM   295 N NZ  . LYS A 1 43  ? 7.620   8.853   -9.893  1.00 49.13  ? 334 LYS A NZ  1 
ATOM   296 N N   . ILE A 1 44  ? 5.543   2.011   -7.156  1.00 29.70  ? 335 ILE A N   1 
ATOM   297 C CA  . ILE A 1 44  ? 4.368   1.283   -6.698  1.00 27.29  ? 335 ILE A CA  1 
ATOM   298 C C   . ILE A 1 44  ? 3.268   2.312   -6.416  1.00 26.02  ? 335 ILE A C   1 
ATOM   299 O O   . ILE A 1 44  ? 3.450   3.171   -5.568  1.00 25.76  ? 335 ILE A O   1 
ATOM   300 C CB  . ILE A 1 44  ? 4.689   0.488   -5.402  1.00 26.33  ? 335 ILE A CB  1 
ATOM   301 C CG1 . ILE A 1 44  ? 5.782   -0.553  -5.677  1.00 27.05  ? 335 ILE A CG1 1 
ATOM   302 C CG2 . ILE A 1 44  ? 3.372   -0.155  -4.812  1.00 24.39  ? 335 ILE A CG2 1 
ATOM   303 C CD1 . ILE A 1 44  ? 6.251   -1.321  -4.411  1.00 28.90  ? 335 ILE A CD1 1 
ATOM   304 N N   . PRO A 1 45  ? 2.155   2.276   -7.170  1.00 24.15  ? 336 PRO A N   1 
ATOM   305 C CA  . PRO A 1 45  ? 0.981   3.061   -6.802  1.00 25.34  ? 336 PRO A CA  1 
ATOM   306 C C   . PRO A 1 45  ? 0.440   2.671   -5.425  1.00 27.34  ? 336 PRO A C   1 
ATOM   307 O O   . PRO A 1 45  ? 0.470   1.503   -5.066  1.00 30.20  ? 336 PRO A O   1 
ATOM   308 C CB  . PRO A 1 45  ? -0.038  2.710   -7.893  1.00 23.87  ? 336 PRO A CB  1 
ATOM   309 C CG  . PRO A 1 45  ? 0.725   2.065   -8.959  1.00 24.57  ? 336 PRO A CG  1 
ATOM   310 C CD  . PRO A 1 45  ? 1.887   1.422   -8.327  1.00 23.67  ? 336 PRO A CD  1 
ATOM   311 N N   . PHE A 1 46  ? -0.010  3.655   -4.657  1.00 27.84  ? 337 PHE A N   1 
ATOM   312 C CA  . PHE A 1 46  ? -0.461  3.433   -3.295  1.00 27.51  ? 337 PHE A CA  1 
ATOM   313 C C   . PHE A 1 46  ? -1.495  4.460   -2.959  1.00 26.76  ? 337 PHE A C   1 
ATOM   314 O O   . PHE A 1 46  ? -1.272  5.626   -3.158  1.00 27.29  ? 337 PHE A O   1 
ATOM   315 C CB  . PHE A 1 46  ? 0.680   3.567   -2.299  1.00 30.12  ? 337 PHE A CB  1 
ATOM   316 C CG  . PHE A 1 46  ? 0.277   3.260   -0.895  1.00 32.28  ? 337 PHE A CG  1 
ATOM   317 C CD1 . PHE A 1 46  ? 0.409   1.971   -0.395  1.00 34.54  ? 337 PHE A CD1 1 
ATOM   318 C CD2 . PHE A 1 46  ? -0.280  4.239   -0.096  1.00 30.68  ? 337 PHE A CD2 1 
ATOM   319 C CE1 . PHE A 1 46  ? -0.008  1.665   0.893   1.00 34.69  ? 337 PHE A CE1 1 
ATOM   320 C CE2 . PHE A 1 46  ? -0.713  3.943   1.190   1.00 40.08  ? 337 PHE A CE2 1 
ATOM   321 C CZ  . PHE A 1 46  ? -0.555  2.651   1.688   1.00 35.25  ? 337 PHE A CZ  1 
ATOM   322 N N   . SER A 1 47  ? -2.659  4.025   -2.515  1.00 23.17  ? 338 SER A N   1 
ATOM   323 C CA  . SER A 1 47  ? -3.686  4.940   -2.088  1.00 23.82  ? 338 SER A CA  1 
ATOM   324 C C   . SER A 1 47  ? -4.472  4.273   -0.964  1.00 25.03  ? 338 SER A C   1 
ATOM   325 O O   . SER A 1 47  ? -4.330  3.080   -0.705  1.00 22.85  ? 338 SER A O   1 
ATOM   326 C CB  . SER A 1 47  ? -4.629  5.291   -3.270  1.00 25.29  ? 338 SER A CB  1 
ATOM   327 O OG  . SER A 1 47  ? -5.018  4.152   -4.053  1.00 26.31  ? 338 SER A OG  1 
ATOM   328 N N   . THR A 1 48  ? -5.314  5.054   -0.309  1.00 26.61  ? 339 THR A N   1 
ATOM   329 C CA  . THR A 1 48  ? -6.192  4.538   0.707   1.00 29.40  ? 339 THR A CA  1 
ATOM   330 C C   . THR A 1 48  ? -7.549  5.035   0.261   1.00 29.03  ? 339 THR A C   1 
ATOM   331 O O   . THR A 1 48  ? -7.637  6.114   -0.307  1.00 31.28  ? 339 THR A O   1 
ATOM   332 C CB  . THR A 1 48  ? -5.778  5.015   2.124   1.00 29.52  ? 339 THR A CB  1 
ATOM   333 O OG1 . THR A 1 48  ? -5.881  6.430   2.188   1.00 37.92  ? 339 THR A OG1 1 
ATOM   334 C CG2 . THR A 1 48  ? -4.356  4.672   2.429   1.00 26.73  ? 339 THR A CG2 1 
ATOM   335 N N   . GLN A 1 49  ? -8.587  4.209   0.410   1.00 29.36  ? 340 GLN A N   1 
ATOM   336 C CA  . GLN A 1 49  ? -9.892  4.383   -0.242  1.00 30.07  ? 340 GLN A CA  1 
ATOM   337 C C   . GLN A 1 49  ? -11.006 3.978   0.716   1.00 29.35  ? 340 GLN A C   1 
ATOM   338 O O   . GLN A 1 49  ? -10.714 3.600   1.874   1.00 30.78  ? 340 GLN A O   1 
ATOM   339 C CB  . GLN A 1 49  ? -9.938  3.590   -1.582  1.00 29.99  ? 340 GLN A CB  1 
ATOM   340 C CG  . GLN A 1 49  ? -8.732  3.963   -2.582  1.00 35.78  ? 340 GLN A CG  1 
ATOM   341 C CD  . GLN A 1 49  ? -8.754  3.201   -3.937  1.00 33.04  ? 340 GLN A CD  1 
ATOM   342 O OE1 . GLN A 1 49  ? -9.774  2.639   -4.354  1.00 43.43  ? 340 GLN A OE1 1 
ATOM   343 N NE2 . GLN A 1 49  ? -7.616  3.115   -4.556  1.00 28.36  ? 340 GLN A NE2 1 
ATOM   344 N N   . ASP A 1 50  ? -12.265 4.207   0.344   0.00 60.00  ? 341 ASP A N   1 
ATOM   345 C CA  . ASP A 1 50  ? -13.323 4.333   1.350   0.00 60.00  ? 341 ASP A CA  1 
ATOM   346 C C   . ASP A 1 50  ? -14.066 3.065   1.772   0.00 60.00  ? 341 ASP A C   1 
ATOM   347 O O   . ASP A 1 50  ? -14.219 2.134   0.980   0.00 60.00  ? 341 ASP A O   1 
ATOM   348 C CB  . ASP A 1 50  ? -14.340 5.392   0.909   0.00 60.00  ? 341 ASP A CB  1 
ATOM   349 C CG  . ASP A 1 50  ? -15.409 5.640   1.952   0.00 60.00  ? 341 ASP A CG  1 
ATOM   350 O OD1 . ASP A 1 50  ? -15.357 5.008   3.027   0.00 60.00  ? 341 ASP A OD1 1 
ATOM   351 O OD2 . ASP A 1 50  ? -16.307 6.470   1.698   0.00 60.00  ? 341 ASP A OD2 1 
ATOM   352 N N   . GLU A 1 51  ? -14.543 3.044   3.019   0.00 60.00  ? 342 GLU A N   1 
ATOM   353 C CA  . GLU A 1 51  ? -15.469 1.995   3.438   0.00 60.00  ? 342 GLU A CA  1 
ATOM   354 C C   . GLU A 1 51  ? -16.647 1.870   2.470   0.00 60.00  ? 342 GLU A C   1 
ATOM   355 O O   . GLU A 1 51  ? -17.342 0.849   2.450   0.00 60.00  ? 342 GLU A O   1 
ATOM   356 C CB  . GLU A 1 51  ? -15.975 2.262   4.857   0.00 60.00  ? 342 GLU A CB  1 
ATOM   357 C CG  . GLU A 1 51  ? -16.755 3.558   5.005   0.00 60.00  ? 342 GLU A CG  1 
ATOM   358 C CD  . GLU A 1 51  ? -17.240 3.788   6.423   0.00 60.00  ? 342 GLU A CD  1 
ATOM   359 O OE1 . GLU A 1 51  ? -18.003 2.942   6.935   0.00 60.00  ? 342 GLU A OE1 1 
ATOM   360 O OE2 . GLU A 1 51  ? -16.841 4.804   7.029   0.00 60.00  ? 342 GLU A OE2 1 
ATOM   361 N N   . LYS A 1 52  ? -16.873 2.917   1.679   0.00 60.00  ? 343 LYS A N   1 
ATOM   362 C CA  . LYS A 1 52  ? -17.713 2.799   0.487   0.00 60.00  ? 343 LYS A CA  1 
ATOM   363 C C   . LYS A 1 52  ? -16.888 3.021   -0.781  0.00 60.00  ? 343 LYS A C   1 
ATOM   364 O O   . LYS A 1 52  ? -17.428 3.064   -1.882  0.00 60.00  ? 343 LYS A O   1 
ATOM   365 C CB  . LYS A 1 52  ? -18.879 3.789   0.553   0.00 60.00  ? 343 LYS A CB  1 
ATOM   366 C CG  . LYS A 1 52  ? -18.453 5.247   0.591   0.00 60.00  ? 343 LYS A CG  1 
ATOM   367 C CD  . LYS A 1 52  ? -19.657 6.165   0.656   0.00 60.00  ? 343 LYS A CD  1 
ATOM   368 C CE  . LYS A 1 52  ? -20.382 6.036   1.986   0.00 60.00  ? 343 LYS A CE  1 
ATOM   369 N NZ  . LYS A 1 52  ? -21.564 6.936   2.064   0.00 60.00  ? 343 LYS A NZ  1 
ATOM   370 N N   . GLY A 1 53  ? -15.573 3.126   -0.615  0.00 60.00  ? 344 GLY A N   1 
ATOM   371 C CA  . GLY A 1 53  ? -14.735 3.798   -1.598  0.00 60.00  ? 344 GLY A CA  1 
ATOM   372 C C   . GLY A 1 53  ? -14.843 5.307   -1.458  0.00 60.00  ? 344 GLY A C   1 
ATOM   373 O O   . GLY A 1 53  ? -15.642 5.804   -0.672  0.00 60.00  ? 344 GLY A O   1 
ATOM   374 N N   . ALA A 1 54  ? -14.037 6.021   -2.229  0.00 60.00  ? 345 ALA A N   1 
ATOM   375 C CA  . ALA A 1 54  ? -13.947 7.474   -2.095  0.00 60.00  ? 345 ALA A CA  1 
ATOM   376 C C   . ALA A 1 54  ? -12.443 7.668   -1.922  0.00 60.00  ? 345 ALA A C   1 
ATOM   377 O O   . ALA A 1 54  ? -11.675 6.705   -1.923  0.00 60.00  ? 345 ALA A O   1 
ATOM   378 C CB  . ALA A 1 54  ? -14.699 8.029   -0.896  0.00 60.00  ? 345 ALA A CB  1 
ATOM   379 N N   . THR A 1 55  ? -12.028 8.923   -1.779  0.00 60.00  ? 346 THR A N   1 
ATOM   380 C CA  . THR A 1 55  ? -10.613 9.257   -1.662  0.00 60.00  ? 346 THR A CA  1 
ATOM   381 C C   . THR A 1 55  ? -10.260 9.644   -0.232  0.00 60.00  ? 346 THR A C   1 
ATOM   382 O O   . THR A 1 55  ? -10.024 10.814  0.066   0.00 60.00  ? 346 THR A O   1 
ATOM   383 C CB  . THR A 1 55  ? -10.233 10.417  -2.585  0.00 60.00  ? 346 THR A CB  1 
ATOM   384 O OG1 . THR A 1 55  ? -8.818  10.634  -2.525  0.00 60.00  ? 346 THR A OG1 1 
ATOM   385 C CG2 . THR A 1 55  ? -10.946 11.691  -2.159  0.00 60.00  ? 346 THR A CG2 1 
ATOM   386 N N   . GLN A 1 56  ? -10.227 8.640   0.635   1.00 54.77  ? 347 GLN A N   1 
ATOM   387 C CA  . GLN A 1 56  ? -9.941  8.841   2.049   1.00 58.08  ? 347 GLN A CA  1 
ATOM   388 C C   . GLN A 1 56  ? -8.462  9.107   2.303   1.00 56.84  ? 347 GLN A C   1 
ATOM   389 O O   . GLN A 1 56  ? -7.589  8.584   1.609   1.00 59.52  ? 347 GLN A O   1 
ATOM   390 C CB  . GLN A 1 56  ? -10.402 7.630   2.865   1.00 57.35  ? 347 GLN A CB  1 
ATOM   391 C CG  . GLN A 1 56  ? -11.909 7.442   2.897   1.00 66.19  ? 347 GLN A CG  1 
ATOM   392 C CD  . GLN A 1 56  ? -12.325 6.199   3.652   1.00 67.78  ? 347 GLN A CD  1 
ATOM   393 O OE1 . GLN A 1 56  ? -11.557 5.244   3.766   1.00 70.29  ? 347 GLN A OE1 1 
ATOM   394 N NE2 . GLN A 1 56  ? -13.546 6.202   4.174   1.00 52.16  ? 347 GLN A NE2 1 
ATOM   395 N N   . ASN A 1 57  ? -8.202  9.933   3.311   1.00 55.98  ? 348 ASN A N   1 
ATOM   396 C CA  . ASN A 1 57  ? -6.844  10.280  3.727   1.00 53.88  ? 348 ASN A CA  1 
ATOM   397 C C   . ASN A 1 57  ? -6.198  9.054   4.346   1.00 51.85  ? 348 ASN A C   1 
ATOM   398 O O   . ASN A 1 57  ? -6.730  7.960   4.214   1.00 55.30  ? 348 ASN A O   1 
ATOM   399 C CB  . ASN A 1 57  ? -6.866  11.436  4.727   1.00 54.85  ? 348 ASN A CB  1 
ATOM   400 C CG  . ASN A 1 57  ? -7.881  11.226  5.842   1.00 57.28  ? 348 ASN A CG  1 
ATOM   401 O OD1 . ASN A 1 57  ? -7.769  10.281  6.632   1.00 62.99  ? 348 ASN A OD1 1 
ATOM   402 N ND2 . ASN A 1 57  ? -8.874  12.115  5.918   1.00 52.70  ? 348 ASN A ND2 1 
ATOM   403 N N   . GLY A 1 58  ? -5.129  9.244   5.110   1.00 46.73  ? 349 GLY A N   1 
ATOM   404 C CA  . GLY A 1 58  ? -4.133  8.186   5.325   1.00 40.22  ? 349 GLY A CA  1 
ATOM   405 C C   . GLY A 1 58  ? -2.758  8.688   4.894   1.00 38.83  ? 349 GLY A C   1 
ATOM   406 O O   . GLY A 1 58  ? -2.653  9.795   4.382   1.00 36.73  ? 349 GLY A O   1 
ATOM   407 N N   . ARG A 1 59  ? -1.713  7.871   5.056   1.00 34.70  ? 350 ARG A N   1 
ATOM   408 C CA  . ARG A 1 59  ? -0.310  8.321   4.892   1.00 34.27  ? 350 ARG A CA  1 
ATOM   409 C C   . ARG A 1 59  ? 0.518   7.139   4.502   1.00 32.56  ? 350 ARG A C   1 
ATOM   410 O O   . ARG A 1 59  ? 0.499   6.126   5.184   1.00 32.88  ? 350 ARG A O   1 
ATOM   411 C CB  . ARG A 1 59  ? 0.273   8.832   6.218   1.00 34.17  ? 350 ARG A CB  1 
ATOM   412 C CG  . ARG A 1 59  ? 0.619   10.290  6.301   1.00 37.73  ? 350 ARG A CG  1 
ATOM   413 C CD  . ARG A 1 59  ? 0.817   10.681  7.794   1.00 40.69  ? 350 ARG A CD  1 
ATOM   414 N NE  . ARG A 1 59  ? 0.454   12.074  8.077   1.00 44.07  ? 350 ARG A NE  1 
ATOM   415 C CZ  . ARG A 1 59  ? -0.391  12.471  9.036   1.00 47.77  ? 350 ARG A CZ  1 
ATOM   416 N NH1 . ARG A 1 59  ? -1.024  11.576  9.794   1.00 49.48  ? 350 ARG A NH1 1 
ATOM   417 N NH2 . ARG A 1 59  ? -0.623  13.769  9.228   1.00 40.25  ? 350 ARG A NH2 1 
ATOM   418 N N   . LEU A 1 60  ? 1.277   7.253   3.424   1.00 31.30  ? 351 LEU A N   1 
ATOM   419 C CA  . LEU A 1 60  ? 2.298   6.278   3.104   1.00 32.42  ? 351 LEU A CA  1 
ATOM   420 C C   . LEU A 1 60  ? 3.543   6.702   3.873   1.00 31.11  ? 351 LEU A C   1 
ATOM   421 O O   . LEU A 1 60  ? 3.975   7.840   3.757   1.00 30.05  ? 351 LEU A O   1 
ATOM   422 C CB  . LEU A 1 60  ? 2.544   6.302   1.600   1.00 31.65  ? 351 LEU A CB  1 
ATOM   423 C CG  . LEU A 1 60  ? 3.622   5.429   0.994   1.00 32.43  ? 351 LEU A CG  1 
ATOM   424 C CD1 . LEU A 1 60  ? 3.377   3.956   1.249   1.00 28.24  ? 351 LEU A CD1 1 
ATOM   425 C CD2 . LEU A 1 60  ? 3.705   5.795   -0.531  1.00 34.53  ? 351 LEU A CD2 1 
ATOM   426 N N   . ILE A 1 61  ? 4.081   5.819   4.716   1.00 30.10  ? 352 ILE A N   1 
ATOM   427 C CA  . ILE A 1 61  ? 5.271   6.154   5.502   1.00 28.29  ? 352 ILE A CA  1 
ATOM   428 C C   . ILE A 1 61  ? 6.556   5.877   4.685   1.00 30.12  ? 352 ILE A C   1 
ATOM   429 O O   . ILE A 1 61  ? 7.472   6.676   4.705   1.00 29.36  ? 352 ILE A O   1 
ATOM   430 C CB  . ILE A 1 61  ? 5.299   5.396   6.865   1.00 29.14  ? 352 ILE A CB  1 
ATOM   431 C CG1 . ILE A 1 61  ? 4.048   5.706   7.734   1.00 27.57  ? 352 ILE A CG1 1 
ATOM   432 C CG2 . ILE A 1 61  ? 6.617   5.673   7.610   1.00 21.67  ? 352 ILE A CG2 1 
ATOM   433 C CD1 . ILE A 1 61  ? 3.925   7.157   8.212   1.00 23.72  ? 352 ILE A CD1 1 
ATOM   434 N N   . THR A 1 62  ? 6.599   4.753   3.960   1.00 30.89  ? 353 THR A N   1 
ATOM   435 C CA  . THR A 1 62  ? 7.723   4.395   3.088   1.00 31.66  ? 353 THR A CA  1 
ATOM   436 C C   . THR A 1 62  ? 8.001   5.461   2.056   1.00 33.79  ? 353 THR A C   1 
ATOM   437 O O   . THR A 1 62  ? 7.137   5.784   1.233   1.00 32.75  ? 353 THR A O   1 
ATOM   438 C CB  . THR A 1 62  ? 7.470   3.094   2.356   1.00 31.29  ? 353 THR A CB  1 
ATOM   439 O OG1 . THR A 1 62  ? 7.190   2.093   3.322   1.00 32.16  ? 353 THR A OG1 1 
ATOM   440 C CG2 . THR A 1 62  ? 8.695   2.655   1.534   1.00 30.58  ? 353 THR A CG2 1 
ATOM   441 N N   . ALA A 1 63  ? 9.237   5.959   2.109   1.00 33.74  ? 354 ALA A N   1 
ATOM   442 C CA  . ALA A 1 63  ? 9.734   7.065   1.284   1.00 38.90  ? 354 ALA A CA  1 
ATOM   443 C C   . ALA A 1 63  ? 9.254   6.968   -0.166  1.00 39.31  ? 354 ALA A C   1 
ATOM   444 O O   . ALA A 1 63  ? 8.316   7.659   -0.561  1.00 44.63  ? 354 ALA A O   1 
ATOM   445 C CB  . ALA A 1 63  ? 11.294  7.164   1.360   1.00 36.71  ? 354 ALA A CB  1 
ATOM   446 N N   . ASN A 1 64  ? 9.859   6.121   -0.974  1.00 38.52  ? 355 ASN A N   1 
ATOM   447 C CA  . ASN A 1 64  ? 9.374   6.067   -2.328  1.00 39.69  ? 355 ASN A CA  1 
ATOM   448 C C   . ASN A 1 64  ? 9.351   4.630   -2.755  1.00 38.04  ? 355 ASN A C   1 
ATOM   449 O O   . ASN A 1 64  ? 10.326  4.137   -3.304  1.00 39.29  ? 355 ASN A O   1 
ATOM   450 C CB  . ASN A 1 64  ? 10.230  6.914   -3.292  1.00 41.52  ? 355 ASN A CB  1 
ATOM   451 C CG  . ASN A 1 64  ? 9.691   6.870   -4.743  1.00 46.19  ? 355 ASN A CG  1 
ATOM   452 O OD1 . ASN A 1 64  ? 8.661   6.206   -5.056  1.00 57.84  ? 355 ASN A OD1 1 
ATOM   453 N ND2 . ASN A 1 64  ? 10.382  7.548   -5.623  1.00 41.57  ? 355 ASN A ND2 1 
ATOM   454 N N   . PRO A 1 65  ? 8.228   3.953   -2.525  1.00 35.98  ? 356 PRO A N   1 
ATOM   455 C CA  . PRO A 1 65  ? 8.165   2.523   -2.769  1.00 33.00  ? 356 PRO A CA  1 
ATOM   456 C C   . PRO A 1 65  ? 8.377   2.160   -4.254  1.00 30.91  ? 356 PRO A C   1 
ATOM   457 O O   . PRO A 1 65  ? 7.690   2.684   -5.140  1.00 30.09  ? 356 PRO A O   1 
ATOM   458 C CB  . PRO A 1 65  ? 6.761   2.161   -2.266  1.00 32.01  ? 356 PRO A CB  1 
ATOM   459 C CG  . PRO A 1 65  ? 5.979   3.373   -2.511  1.00 30.92  ? 356 PRO A CG  1 
ATOM   460 C CD  . PRO A 1 65  ? 6.897   4.525   -2.266  1.00 33.80  ? 356 PRO A CD  1 
ATOM   461 N N   . ILE A 1 66  ? 9.338   1.271   -4.504  1.00 29.07  ? 357 ILE A N   1 
ATOM   462 C CA  . ILE A 1 66  ? 9.750   0.891   -5.857  1.00 29.58  ? 357 ILE A CA  1 
ATOM   463 C C   . ILE A 1 66  ? 9.916   -0.637  -5.983  1.00 30.78  ? 357 ILE A C   1 
ATOM   464 O O   . ILE A 1 66  ? 10.502  -1.270  -5.093  1.00 30.09  ? 357 ILE A O   1 
ATOM   465 C CB  . ILE A 1 66  ? 11.091  1.587   -6.215  1.00 31.54  ? 357 ILE A CB  1 
ATOM   466 C CG1 . ILE A 1 66  ? 10.879  3.089   -6.423  1.00 24.98  ? 357 ILE A CG1 1 
ATOM   467 C CG2 . ILE A 1 66  ? 11.750  0.988   -7.474  1.00 37.37  ? 357 ILE A CG2 1 
ATOM   468 C CD1 . ILE A 1 66  ? 12.179  3.926   -6.498  1.00 27.50  ? 357 ILE A CD1 1 
ATOM   469 N N   . VAL A 1 67  ? 9.417   -1.228  -7.074  1.00 29.98  ? 358 VAL A N   1 
ATOM   470 C CA  . VAL A 1 67  ? 9.814   -2.573  -7.434  1.00 28.50  ? 358 VAL A CA  1 
ATOM   471 C C   . VAL A 1 67  ? 11.118  -2.432  -8.199  1.00 29.01  ? 358 VAL A C   1 
ATOM   472 O O   . VAL A 1 67  ? 11.127  -1.859  -9.281  1.00 27.30  ? 358 VAL A O   1 
ATOM   473 C CB  . VAL A 1 67  ? 8.765   -3.286  -8.304  1.00 29.49  ? 358 VAL A CB  1 
ATOM   474 C CG1 . VAL A 1 67  ? 9.270   -4.655  -8.748  1.00 24.30  ? 358 VAL A CG1 1 
ATOM   475 C CG2 . VAL A 1 67  ? 7.474   -3.420  -7.554  1.00 31.31  ? 358 VAL A CG2 1 
ATOM   476 N N   . THR A 1 68  ? 12.228  -2.910  -7.629  1.00 28.61  ? 359 THR A N   1 
ATOM   477 C CA  . THR A 1 68  ? 13.514  -2.871  -8.335  1.00 29.29  ? 359 THR A CA  1 
ATOM   478 C C   . THR A 1 68  ? 13.706  -4.151  -9.155  1.00 27.24  ? 359 THR A C   1 
ATOM   479 O O   . THR A 1 68  ? 14.385  -4.131  -10.156 1.00 30.44  ? 359 THR A O   1 
ATOM   480 C CB  . THR A 1 68  ? 14.745  -2.651  -7.383  1.00 29.93  ? 359 THR A CB  1 
ATOM   481 O OG1 . THR A 1 68  ? 14.766  -3.687  -6.414  1.00 29.07  ? 359 THR A OG1 1 
ATOM   482 C CG2 . THR A 1 68  ? 14.711  -1.316  -6.632  1.00 32.52  ? 359 THR A CG2 1 
ATOM   483 N N   . ASP A 1 69  ? 13.133  -5.262  -8.705  1.00 28.08  ? 360 ASP A N   1 
ATOM   484 C CA  . ASP A 1 69  ? 13.279  -6.591  -9.326  1.00 28.93  ? 360 ASP A CA  1 
ATOM   485 C C   . ASP A 1 69  ? 11.992  -7.361  -8.995  1.00 30.15  ? 360 ASP A C   1 
ATOM   486 O O   . ASP A 1 69  ? 11.646  -7.538  -7.819  1.00 32.08  ? 360 ASP A O   1 
ATOM   487 C CB  . ASP A 1 69  ? 14.534  -7.301  -8.749  1.00 30.40  ? 360 ASP A CB  1 
ATOM   488 C CG  . ASP A 1 69  ? 14.714  -8.805  -9.219  1.00 36.98  ? 360 ASP A CG  1 
ATOM   489 O OD1 . ASP A 1 69  ? 13.805  -9.430  -9.843  1.00 41.61  ? 360 ASP A OD1 1 
ATOM   490 O OD2 . ASP A 1 69  ? 15.808  -9.372  -8.937  1.00 41.39  ? 360 ASP A OD2 1 
ATOM   491 N N   . LYS A 1 70  ? 11.255  -7.791  -10.009 1.00 27.94  ? 361 LYS A N   1 
ATOM   492 C CA  . LYS A 1 70  ? 9.948   -8.349  -9.731  1.00 26.07  ? 361 LYS A CA  1 
ATOM   493 C C   . LYS A 1 70  ? 9.972   -9.592  -8.876  1.00 27.37  ? 361 LYS A C   1 
ATOM   494 O O   . LYS A 1 70  ? 8.996   -9.875  -8.182  1.00 25.45  ? 361 LYS A O   1 
ATOM   495 C CB  . LYS A 1 70  ? 9.117   -8.540  -11.002 1.00 28.37  ? 361 LYS A CB  1 
ATOM   496 C CG  . LYS A 1 70  ? 9.299   -9.795  -11.862 1.00 30.81  ? 361 LYS A CG  1 
ATOM   497 C CD  . LYS A 1 70  ? 7.889   -10.185 -12.312 1.00 34.85  ? 361 LYS A CD  1 
ATOM   498 C CE  . LYS A 1 70  ? 7.828   -10.931 -13.592 1.00 37.31  ? 361 LYS A CE  1 
ATOM   499 N NZ  . LYS A 1 70  ? 6.495   -11.586 -13.625 1.00 42.93  ? 361 LYS A NZ  1 
ATOM   500 N N   . GLU A 1 71  ? 11.093  -10.310 -8.903  1.00 25.90  ? 362 GLU A N   1 
ATOM   501 C CA  . GLU A 1 71  ? 11.287  -11.475 -8.023  1.00 28.46  ? 362 GLU A CA  1 
ATOM   502 C C   . GLU A 1 71  ? 11.469  -11.129 -6.531  1.00 27.08  ? 362 GLU A C   1 
ATOM   503 O O   . GLU A 1 71  ? 11.291  -12.002 -5.710  1.00 26.15  ? 362 GLU A O   1 
ATOM   504 C CB  . GLU A 1 71  ? 12.470  -12.354 -8.482  1.00 27.44  ? 362 GLU A CB  1 
ATOM   505 C CG  . GLU A 1 71  ? 12.535  -12.739 -10.000 1.00 37.51  ? 362 GLU A CG  1 
ATOM   506 C CD  . GLU A 1 71  ? 11.191  -13.227 -10.646 1.00 46.40  ? 362 GLU A CD  1 
ATOM   507 O OE1 . GLU A 1 71  ? 10.227  -13.599 -9.903  1.00 48.60  ? 362 GLU A OE1 1 
ATOM   508 O OE2 . GLU A 1 71  ? 11.123  -13.225 -11.917 1.00 45.04  ? 362 GLU A OE2 1 
ATOM   509 N N   . LYS A 1 72  ? 11.835  -9.885  -6.195  1.00 27.08  ? 363 LYS A N   1 
ATOM   510 C CA  . LYS A 1 72  ? 12.016  -9.442  -4.801  1.00 27.81  ? 363 LYS A CA  1 
ATOM   511 C C   . LYS A 1 72  ? 10.751  -8.743  -4.304  1.00 27.24  ? 363 LYS A C   1 
ATOM   512 O O   . LYS A 1 72  ? 10.393  -7.676  -4.813  1.00 27.10  ? 363 LYS A O   1 
ATOM   513 C CB  . LYS A 1 72  ? 13.186  -8.450  -4.651  1.00 26.66  ? 363 LYS A CB  1 
ATOM   514 C CG  . LYS A 1 72  ? 14.555  -9.055  -4.395  1.00 34.47  ? 363 LYS A CG  1 
ATOM   515 C CD  . LYS A 1 72  ? 15.672  -8.199  -5.080  1.00 39.93  ? 363 LYS A CD  1 
ATOM   516 C CE  . LYS A 1 72  ? 16.830  -9.043  -5.634  1.00 33.58  ? 363 LYS A CE  1 
ATOM   517 N NZ  . LYS A 1 72  ? 17.779  -9.422  -4.560  1.00 36.40  ? 363 LYS A NZ  1 
ATOM   518 N N   . PRO A 1 73  ? 10.107  -9.313  -3.266  1.00 26.29  ? 364 PRO A N   1 
ATOM   519 C CA  . PRO A 1 73  ? 9.002   -8.622  -2.626  1.00 25.75  ? 364 PRO A CA  1 
ATOM   520 C C   . PRO A 1 73  ? 9.434   -7.301  -1.992  1.00 26.76  ? 364 PRO A C   1 
ATOM   521 O O   . PRO A 1 73  ? 10.587  -7.127  -1.633  1.00 25.76  ? 364 PRO A O   1 
ATOM   522 C CB  . PRO A 1 73  ? 8.547   -9.608  -1.550  1.00 25.27  ? 364 PRO A CB  1 
ATOM   523 C CG  . PRO A 1 73  ? 9.111   -10.941 -1.943  1.00 27.89  ? 364 PRO A CG  1 
ATOM   524 C CD  . PRO A 1 73  ? 10.406  -10.600 -2.609  1.00 24.48  ? 364 PRO A CD  1 
ATOM   525 N N   . VAL A 1 74  ? 8.494   -6.375  -1.876  1.00 26.87  ? 365 VAL A N   1 
ATOM   526 C CA  . VAL A 1 74  ? 8.750   -5.041  -1.343  1.00 28.66  ? 365 VAL A CA  1 
ATOM   527 C C   . VAL A 1 74  ? 7.932   -4.821  -0.076  1.00 29.97  ? 365 VAL A C   1 
ATOM   528 O O   . VAL A 1 74  ? 6.727   -5.140  -0.045  1.00 30.91  ? 365 VAL A O   1 
ATOM   529 C CB  . VAL A 1 74  ? 8.340   -3.972  -2.371  1.00 30.52  ? 365 VAL A CB  1 
ATOM   530 C CG1 . VAL A 1 74  ? 8.662   -2.549  -1.845  1.00 29.24  ? 365 VAL A CG1 1 
ATOM   531 C CG2 . VAL A 1 74  ? 9.007   -4.255  -3.735  1.00 27.10  ? 365 VAL A CG2 1 
ATOM   532 N N   . ASN A 1 75  ? 8.576   -4.275  0.954   1.00 28.52  ? 366 ASN A N   1 
ATOM   533 C CA  . ASN A 1 75  ? 7.893   -3.874  2.176   1.00 27.48  ? 366 ASN A CA  1 
ATOM   534 C C   . ASN A 1 75  ? 7.448   -2.432  2.122   1.00 27.66  ? 366 ASN A C   1 
ATOM   535 O O   . ASN A 1 75  ? 8.155   -1.557  1.636   1.00 29.84  ? 366 ASN A O   1 
ATOM   536 C CB  . ASN A 1 75  ? 8.783   -4.118  3.375   1.00 26.65  ? 366 ASN A CB  1 
ATOM   537 C CG  . ASN A 1 75  ? 9.147   -5.578  3.509   1.00 32.55  ? 366 ASN A CG  1 
ATOM   538 O OD1 . ASN A 1 75  ? 8.281   -6.424  3.668   1.00 38.86  ? 366 ASN A OD1 1 
ATOM   539 N ND2 . ASN A 1 75  ? 10.412  -5.886  3.361   1.00 31.96  ? 366 ASN A ND2 1 
ATOM   540 N N   . ILE A 1 76  ? 6.229   -2.204  2.567   1.00 27.15  ? 367 ILE A N   1 
ATOM   541 C CA  . ILE A 1 76  ? 5.641   -0.903  2.525   1.00 26.38  ? 367 ILE A CA  1 
ATOM   542 C C   . ILE A 1 76  ? 4.999   -0.660  3.872   1.00 30.40  ? 367 ILE A C   1 
ATOM   543 O O   . ILE A 1 76  ? 4.259   -1.498  4.404   1.00 29.70  ? 367 ILE A O   1 
ATOM   544 C CB  . ILE A 1 76  ? 4.544   -0.854  1.479   1.00 29.77  ? 367 ILE A CB  1 
ATOM   545 C CG1 . ILE A 1 76  ? 5.100   -1.012  0.060   1.00 31.04  ? 367 ILE A CG1 1 
ATOM   546 C CG2 . ILE A 1 76  ? 3.744   0.448   1.556   1.00 29.10  ? 367 ILE A CG2 1 
ATOM   547 C CD1 . ILE A 1 76  ? 3.919   -1.241  -0.912  1.00 35.64  ? 367 ILE A CD1 1 
ATOM   548 N N   . GLU A 1 77  ? 5.254   0.514   4.416   1.00 30.48  ? 368 GLU A N   1 
ATOM   549 C CA  . GLU A 1 77  ? 4.647   0.883   5.669   1.00 29.38  ? 368 GLU A CA  1 
ATOM   550 C C   . GLU A 1 77  ? 3.680   2.031   5.456   1.00 29.25  ? 368 GLU A C   1 
ATOM   551 O O   . GLU A 1 77  ? 3.996   2.998   4.761   1.00 29.88  ? 368 GLU A O   1 
ATOM   552 C CB  . GLU A 1 77  ? 5.713   1.278   6.679   1.00 26.44  ? 368 GLU A CB  1 
ATOM   553 C CG  . GLU A 1 77  ? 5.100   1.625   8.020   1.00 29.69  ? 368 GLU A CG  1 
ATOM   554 C CD  . GLU A 1 77  ? 6.134   1.942   9.077   1.00 34.23  ? 368 GLU A CD  1 
ATOM   555 O OE1 . GLU A 1 77  ? 7.313   2.155   8.711   1.00 34.89  ? 368 GLU A OE1 1 
ATOM   556 O OE2 . GLU A 1 77  ? 5.743   1.999   10.265  1.00 37.48  ? 368 GLU A OE2 1 
ATOM   557 N N   . ALA A 1 78  ? 2.513   1.915   6.073   1.00 27.61  ? 369 ALA A N   1 
ATOM   558 C CA  . ALA A 1 78  ? 1.419   2.836   5.836   1.00 30.57  ? 369 ALA A CA  1 
ATOM   559 C C   . ALA A 1 78  ? 0.698   3.092   7.126   1.00 30.71  ? 369 ALA A C   1 
ATOM   560 O O   . ALA A 1 78  ? 0.623   2.248   8.005   1.00 29.92  ? 369 ALA A O   1 
ATOM   561 C CB  . ALA A 1 78  ? 0.439   2.262   4.841   1.00 31.39  ? 369 ALA A CB  1 
ATOM   562 N N   . GLU A 1 79  ? 0.091   4.256   7.183   1.00 30.88  ? 370 GLU A N   1 
ATOM   563 C CA  . GLU A 1 79  ? -0.709  4.643   8.304   1.00 31.27  ? 370 GLU A CA  1 
ATOM   564 C C   . GLU A 1 79  ? -2.144  4.783   7.819   1.00 30.86  ? 370 GLU A C   1 
ATOM   565 O O   . GLU A 1 79  ? -2.535  5.796   7.254   1.00 30.30  ? 370 GLU A O   1 
ATOM   566 C CB  . GLU A 1 79  ? -0.163  5.945   8.829   1.00 29.57  ? 370 GLU A CB  1 
ATOM   567 C CG  . GLU A 1 79  ? -0.875  6.503   10.008  1.00 35.86  ? 370 GLU A CG  1 
ATOM   568 C CD  . GLU A 1 79  ? -0.172  7.768   10.487  1.00 43.19  ? 370 GLU A CD  1 
ATOM   569 O OE1 . GLU A 1 79  ? 1.064   7.735   10.714  1.00 47.22  ? 370 GLU A OE1 1 
ATOM   570 O OE2 . GLU A 1 79  ? -0.852  8.804   10.596  1.00 48.03  ? 370 GLU A OE2 1 
ATOM   571 N N   . PRO A 1 80  ? -2.944  3.753   8.022   1.00 30.76  ? 371 PRO A N   1 
ATOM   572 C CA  . PRO A 1 80  ? -4.315  3.919   7.575   1.00 33.03  ? 371 PRO A CA  1 
ATOM   573 C C   . PRO A 1 80  ? -5.139  4.906   8.374   1.00 35.02  ? 371 PRO A C   1 
ATOM   574 O O   . PRO A 1 80  ? -4.818  5.230   9.507   1.00 35.46  ? 371 PRO A O   1 
ATOM   575 C CB  . PRO A 1 80  ? -4.906  2.545   7.749   1.00 33.09  ? 371 PRO A CB  1 
ATOM   576 C CG  . PRO A 1 80  ? -3.967  1.774   8.637   1.00 35.54  ? 371 PRO A CG  1 
ATOM   577 C CD  . PRO A 1 80  ? -2.758  2.593   8.896   1.00 33.25  ? 371 PRO A CD  1 
ATOM   578 N N   . PRO A 1 81  ? -6.206  5.404   7.769   1.00 35.42  ? 372 PRO A N   1 
ATOM   579 C CA  . PRO A 1 81  ? -7.096  6.231   8.525   1.00 34.08  ? 372 PRO A CA  1 
ATOM   580 C C   . PRO A 1 81  ? -7.831  5.423   9.591   1.00 33.58  ? 372 PRO A C   1 
ATOM   581 O O   . PRO A 1 81  ? -7.851  4.180   9.546   1.00 32.12  ? 372 PRO A O   1 
ATOM   582 C CB  . PRO A 1 81  ? -8.085  6.734   7.481   1.00 35.09  ? 372 PRO A CB  1 
ATOM   583 C CG  . PRO A 1 81  ? -7.938  5.863   6.304   1.00 36.18  ? 372 PRO A CG  1 
ATOM   584 C CD  . PRO A 1 81  ? -6.788  4.952   6.499   1.00 34.76  ? 372 PRO A CD  1 
ATOM   585 N N   . PHE A 1 82  ? -8.420  6.135   10.547  1.00 30.41  ? 373 PHE A N   1 
ATOM   586 C CA  . PHE A 1 82  ? -9.274  5.524   11.552  1.00 28.55  ? 373 PHE A CA  1 
ATOM   587 C C   . PHE A 1 82  ? -10.557 5.055   10.878  1.00 29.15  ? 373 PHE A C   1 
ATOM   588 O O   . PHE A 1 82  ? -10.964 5.605   9.856   1.00 29.11  ? 373 PHE A O   1 
ATOM   589 C CB  . PHE A 1 82  ? -9.558  6.517   12.679  1.00 30.26  ? 373 PHE A CB  1 
ATOM   590 C CG  . PHE A 1 82  ? -8.390  6.742   13.569  1.00 26.93  ? 373 PHE A CG  1 
ATOM   591 C CD1 . PHE A 1 82  ? -8.139  5.885   14.614  1.00 22.30  ? 373 PHE A CD1 1 
ATOM   592 C CD2 . PHE A 1 82  ? -7.511  7.787   13.332  1.00 26.52  ? 373 PHE A CD2 1 
ATOM   593 C CE1 . PHE A 1 82  ? -7.030  6.061   15.427  1.00 30.34  ? 373 PHE A CE1 1 
ATOM   594 C CE2 . PHE A 1 82  ? -6.387  7.981   14.146  1.00 26.72  ? 373 PHE A CE2 1 
ATOM   595 C CZ  . PHE A 1 82  ? -6.143  7.114   15.191  1.00 26.84  ? 373 PHE A CZ  1 
ATOM   596 N N   . GLY A 1 83  ? -11.189 4.036   11.450  1.00 27.62  ? 374 GLY A N   1 
ATOM   597 C CA  . GLY A 1 83  ? -12.402 3.485   10.886  1.00 25.98  ? 374 GLY A CA  1 
ATOM   598 C C   . GLY A 1 83  ? -12.066 2.447   9.826   1.00 28.23  ? 374 GLY A C   1 
ATOM   599 O O   . GLY A 1 83  ? -11.012 1.827   9.866   1.00 28.55  ? 374 GLY A O   1 
ATOM   600 N N   . GLU A 1 84  ? -12.967 2.265   8.873   1.00 26.53  ? 375 GLU A N   1 
ATOM   601 C CA  . GLU A 1 84  ? -12.820 1.211   7.903   1.00 28.95  ? 375 GLU A CA  1 
ATOM   602 C C   . GLU A 1 84  ? -12.167 1.819   6.680   1.00 30.37  ? 375 GLU A C   1 
ATOM   603 O O   . GLU A 1 84  ? -12.603 2.855   6.229   1.00 28.62  ? 375 GLU A O   1 
ATOM   604 C CB  . GLU A 1 84  ? -14.168 0.601   7.506   1.00 26.35  ? 375 GLU A CB  1 
ATOM   605 C CG  . GLU A 1 84  ? -13.940 -0.504  6.480   1.00 34.61  ? 375 GLU A CG  1 
ATOM   606 C CD  . GLU A 1 84  ? -15.197 -1.084  5.855   1.00 39.11  ? 375 GLU A CD  1 
ATOM   607 O OE1 . GLU A 1 84  ? -16.313 -0.889  6.426   1.00 27.25  ? 375 GLU A OE1 1 
ATOM   608 O OE2 . GLU A 1 84  ? -15.008 -1.789  4.813   1.00 36.36  ? 375 GLU A OE2 1 
ATOM   609 N N   . SER A 1 85  ? -11.148 1.159   6.137   1.00 30.86  ? 376 SER A N   1 
ATOM   610 C CA  . SER A 1 85  ? -10.553 1.576   4.875   1.00 30.75  ? 376 SER A CA  1 
ATOM   611 C C   . SER A 1 85  ? -10.071 0.397   4.034   1.00 27.55  ? 376 SER A C   1 
ATOM   612 O O   . SER A 1 85  ? -10.127 -0.751  4.446   1.00 26.75  ? 376 SER A O   1 
ATOM   613 C CB  . SER A 1 85  ? -9.386  2.522   5.132   1.00 31.21  ? 376 SER A CB  1 
ATOM   614 O OG  . SER A 1 85  ? -8.294  1.830   5.715   1.00 31.33  ? 376 SER A OG  1 
ATOM   615 N N   . TYR A 1 86  ? -9.677  0.714   2.811   1.00 29.01  ? 377 TYR A N   1 
ATOM   616 C CA  . TYR A 1 86  ? -8.868  -0.148  1.964   1.00 29.36  ? 377 TYR A CA  1 
ATOM   617 C C   . TYR A 1 86  ? -7.490  0.471   1.777   1.00 31.19  ? 377 TYR A C   1 
ATOM   618 O O   . TYR A 1 86  ? -7.353  1.656   1.440   1.00 27.70  ? 377 TYR A O   1 
ATOM   619 C CB  . TYR A 1 86  ? -9.495  -0.299  0.581   1.00 28.63  ? 377 TYR A CB  1 
ATOM   620 C CG  . TYR A 1 86  ? -10.811 -0.985  0.599   1.00 32.38  ? 377 TYR A CG  1 
ATOM   621 C CD1 . TYR A 1 86  ? -10.901 -2.375  0.571   1.00 33.25  ? 377 TYR A CD1 1 
ATOM   622 C CD2 . TYR A 1 86  ? -11.970 -0.249  0.668   1.00 44.26  ? 377 TYR A CD2 1 
ATOM   623 C CE1 . TYR A 1 86  ? -12.122 -3.019  0.590   1.00 32.90  ? 377 TYR A CE1 1 
ATOM   624 C CE2 . TYR A 1 86  ? -13.201 -0.870  0.703   1.00 49.81  ? 377 TYR A CE2 1 
ATOM   625 C CZ  . TYR A 1 86  ? -13.277 -2.254  0.652   1.00 49.10  ? 377 TYR A CZ  1 
ATOM   626 O OH  . TYR A 1 86  ? -14.527 -2.831  0.696   1.00 51.78  ? 377 TYR A OH  1 
ATOM   627 N N   . ILE A 1 87  ? -6.468  -0.350  1.969   1.00 31.18  ? 378 ILE A N   1 
ATOM   628 C CA  . ILE A 1 87  ? -5.113  0.017   1.624   1.00 32.99  ? 378 ILE A CA  1 
ATOM   629 C C   . ILE A 1 87  ? -4.878  -0.614  0.249   1.00 32.28  ? 378 ILE A C   1 
ATOM   630 O O   . ILE A 1 87  ? -4.932  -1.839  0.111   1.00 29.83  ? 378 ILE A O   1 
ATOM   631 C CB  . ILE A 1 87  ? -4.112  -0.520  2.670   1.00 33.41  ? 378 ILE A CB  1 
ATOM   632 C CG1 . ILE A 1 87  ? -4.415  0.081   4.040   1.00 37.41  ? 378 ILE A CG1 1 
ATOM   633 C CG2 . ILE A 1 87  ? -2.666  -0.190  2.278   1.00 32.69  ? 378 ILE A CG2 1 
ATOM   634 C CD1 . ILE A 1 87  ? -3.788  -0.690  5.161   1.00 42.31  ? 378 ILE A CD1 1 
ATOM   635 N N   . VAL A 1 88  ? -4.676  0.231   -0.765  1.00 30.92  ? 379 VAL A N   1 
ATOM   636 C CA  . VAL A 1 88  ? -4.666  -0.211  -2.161  1.00 29.67  ? 379 VAL A CA  1 
ATOM   637 C C   . VAL A 1 88  ? -3.281  -0.045  -2.748  1.00 28.75  ? 379 VAL A C   1 
ATOM   638 O O   . VAL A 1 88  ? -2.714  1.034   -2.732  1.00 28.71  ? 379 VAL A O   1 
ATOM   639 C CB  . VAL A 1 88  ? -5.707  0.568   -2.981  1.00 31.35  ? 379 VAL A CB  1 
ATOM   640 C CG1 . VAL A 1 88  ? -5.761  0.056   -4.461  1.00 23.91  ? 379 VAL A CG1 1 
ATOM   641 C CG2 . VAL A 1 88  ? -7.108  0.490   -2.239  1.00 27.19  ? 379 VAL A CG2 1 
ATOM   642 N N   . VAL A 1 89  ? -2.717  -1.165  -3.179  1.00 29.57  ? 380 VAL A N   1 
ATOM   643 C CA  . VAL A 1 89  ? -1.401  -1.219  -3.804  1.00 29.93  ? 380 VAL A CA  1 
ATOM   644 C C   . VAL A 1 89  ? -1.611  -1.604  -5.258  1.00 28.92  ? 380 VAL A C   1 
ATOM   645 O O   . VAL A 1 89  ? -2.205  -2.645  -5.546  1.00 28.43  ? 380 VAL A O   1 
ATOM   646 C CB  . VAL A 1 89  ? -0.494  -2.277  -3.161  1.00 31.03  ? 380 VAL A CB  1 
ATOM   647 C CG1 . VAL A 1 89  ? 0.942   -2.136  -3.737  1.00 24.97  ? 380 VAL A CG1 1 
ATOM   648 C CG2 . VAL A 1 89  ? -0.514  -2.151  -1.617  1.00 26.32  ? 380 VAL A CG2 1 
ATOM   649 N N   . GLY A 1 90  ? -1.164  -0.739  -6.163  1.00 27.80  ? 381 GLY A N   1 
ATOM   650 C CA  . GLY A 1 90  ? -1.410  -0.929  -7.583  1.00 26.00  ? 381 GLY A CA  1 
ATOM   651 C C   . GLY A 1 90  ? -2.499  -0.021  -8.096  1.00 28.77  ? 381 GLY A C   1 
ATOM   652 O O   . GLY A 1 90  ? -3.173  0.682   -7.309  1.00 27.09  ? 381 GLY A O   1 
ATOM   653 N N   . ALA A 1 91  ? -2.667  -0.025  -9.421  1.00 26.20  ? 382 ALA A N   1 
ATOM   654 C CA  . ALA A 1 91  ? -3.627  0.866   -10.110 1.00 26.25  ? 382 ALA A CA  1 
ATOM   655 C C   . ALA A 1 91  ? -4.697  0.032   -10.792 1.00 27.71  ? 382 ALA A C   1 
ATOM   656 O O   . ALA A 1 91  ? -4.438  -1.104  -11.175 1.00 26.24  ? 382 ALA A O   1 
ATOM   657 C CB  . ALA A 1 91  ? -2.926  1.733   -11.171 1.00 24.56  ? 382 ALA A CB  1 
ATOM   658 N N   . GLY A 1 92  ? -5.880  0.619   -10.970 1.00 30.24  ? 383 GLY A N   1 
ATOM   659 C CA  . GLY A 1 92  ? -6.994  -0.034  -11.660 1.00 30.16  ? 383 GLY A CA  1 
ATOM   660 C C   . GLY A 1 92  ? -7.738  -1.142  -10.928 1.00 34.09  ? 383 GLY A C   1 
ATOM   661 O O   . GLY A 1 92  ? -7.572  -1.361  -9.722  1.00 30.27  ? 383 GLY A O   1 
ATOM   662 N N   . GLU A 1 93  ? -8.600  -1.827  -11.682 1.00 40.11  ? 384 GLU A N   1 
ATOM   663 C CA  . GLU A 1 93  ? -9.183  -3.105  -11.259 1.00 45.15  ? 384 GLU A CA  1 
ATOM   664 C C   . GLU A 1 93  ? -7.950  -4.001  -11.189 1.00 46.37  ? 384 GLU A C   1 
ATOM   665 O O   . GLU A 1 93  ? -6.913  -3.692  -11.798 1.00 48.60  ? 384 GLU A O   1 
ATOM   666 C CB  . GLU A 1 93  ? -10.218 -3.669  -12.282 1.00 46.49  ? 384 GLU A CB  1 
ATOM   667 C CG  . GLU A 1 93  ? -11.222 -2.661  -13.032 1.00 50.18  ? 384 GLU A CG  1 
ATOM   668 C CD  . GLU A 1 93  ? -12.142 -1.787  -12.119 1.00 54.73  ? 384 GLU A CD  1 
ATOM   669 O OE1 . GLU A 1 93  ? -11.714 -1.395  -10.990 1.00 50.78  ? 384 GLU A OE1 1 
ATOM   670 O OE2 . GLU A 1 93  ? -13.274 -1.463  -12.590 1.00 53.07  ? 384 GLU A OE2 1 
ATOM   671 N N   . LYS A 1 94  ? -8.001  -5.069  -10.416 1.00 45.72  ? 385 LYS A N   1 
ATOM   672 C CA  . LYS A 1 94  ? -6.765  -5.824  -10.166 1.00 47.14  ? 385 LYS A CA  1 
ATOM   673 C C   . LYS A 1 94  ? -5.734  -5.106  -9.285  1.00 45.31  ? 385 LYS A C   1 
ATOM   674 O O   . LYS A 1 94  ? -4.614  -5.630  -9.109  1.00 47.53  ? 385 LYS A O   1 
ATOM   675 C CB  . LYS A 1 94  ? -6.068  -6.244  -11.482 1.00 47.19  ? 385 LYS A CB  1 
ATOM   676 C CG  . LYS A 1 94  ? -6.896  -7.255  -12.342 1.00 54.16  ? 385 LYS A CG  1 
ATOM   677 C CD  . LYS A 1 94  ? -6.192  -7.690  -13.685 1.00 58.87  ? 385 LYS A CD  1 
ATOM   678 C CE  . LYS A 1 94  ? -7.069  -8.659  -14.541 1.00 61.80  ? 385 LYS A CE  1 
ATOM   679 N NZ  . LYS A 1 94  ? -7.369  -9.995  -13.872 1.00 65.19  ? 385 LYS A NZ  1 
ATOM   680 N N   . ALA A 1 95  ? -6.063  -3.917  -8.767  1.00 39.06  ? 386 ALA A N   1 
ATOM   681 C CA  . ALA A 1 95  ? -5.258  -3.341  -7.681  1.00 33.66  ? 386 ALA A CA  1 
ATOM   682 C C   . ALA A 1 95  ? -5.442  -4.273  -6.482  1.00 31.57  ? 386 ALA A C   1 
ATOM   683 O O   . ALA A 1 95  ? -6.496  -4.828  -6.294  1.00 30.98  ? 386 ALA A O   1 
ATOM   684 C CB  . ALA A 1 95  ? -5.686  -1.893  -7.355  1.00 31.04  ? 386 ALA A CB  1 
ATOM   685 N N   . LEU A 1 96  ? -4.395  -4.486  -5.706  1.00 30.81  ? 387 LEU A N   1 
ATOM   686 C CA  . LEU A 1 96  ? -4.497  -5.234  -4.464  1.00 29.56  ? 387 LEU A CA  1 
ATOM   687 C C   . LEU A 1 96  ? -5.161  -4.322  -3.443  1.00 29.93  ? 387 LEU A C   1 
ATOM   688 O O   . LEU A 1 96  ? -4.625  -3.256  -3.124  1.00 29.65  ? 387 LEU A O   1 
ATOM   689 C CB  . LEU A 1 96  ? -3.106  -5.648  -3.966  1.00 26.63  ? 387 LEU A CB  1 
ATOM   690 C CG  . LEU A 1 96  ? -2.941  -6.470  -2.684  1.00 30.72  ? 387 LEU A CG  1 
ATOM   691 C CD1 . LEU A 1 96  ? -3.709  -7.790  -2.790  1.00 22.79  ? 387 LEU A CD1 1 
ATOM   692 C CD2 . LEU A 1 96  ? -1.424  -6.676  -2.401  1.00 32.02  ? 387 LEU A CD2 1 
ATOM   693 N N   . LYS A 1 97  ? -6.325  -4.743  -2.941  1.00 28.83  ? 388 LYS A N   1 
ATOM   694 C CA  . LYS A 1 97  ? -7.082  -3.966  -1.943  1.00 30.31  ? 388 LYS A CA  1 
ATOM   695 C C   . LYS A 1 97  ? -7.122  -4.715  -0.614  1.00 30.87  ? 388 LYS A C   1 
ATOM   696 O O   . LYS A 1 97  ? -7.627  -5.832  -0.536  1.00 29.35  ? 388 LYS A O   1 
ATOM   697 C CB  . LYS A 1 97  ? -8.502  -3.702  -2.409  1.00 28.61  ? 388 LYS A CB  1 
ATOM   698 C CG  . LYS A 1 97  ? -8.579  -2.829  -3.612  1.00 37.66  ? 388 LYS A CG  1 
ATOM   699 C CD  . LYS A 1 97  ? -10.037 -2.473  -3.899  1.00 46.53  ? 388 LYS A CD  1 
ATOM   700 C CE  . LYS A 1 97  ? -10.220 -1.957  -5.326  1.00 53.17  ? 388 LYS A CE  1 
ATOM   701 N NZ  . LYS A 1 97  ? -11.509 -1.172  -5.451  1.00 61.85  ? 388 LYS A NZ  1 
ATOM   702 N N   . LEU A 1 98  ? -6.572  -4.091  0.416   1.00 26.45  ? 389 LEU A N   1 
ATOM   703 C CA  . LEU A 1 98  ? -6.415  -4.730  1.698   1.00 28.71  ? 389 LEU A CA  1 
ATOM   704 C C   . LEU A 1 98  ? -7.433  -4.109  2.608   1.00 29.83  ? 389 LEU A C   1 
ATOM   705 O O   . LEU A 1 98  ? -7.402  -2.912  2.747   1.00 30.06  ? 389 LEU A O   1 
ATOM   706 C CB  . LEU A 1 98  ? -5.012  -4.448  2.209   1.00 28.86  ? 389 LEU A CB  1 
ATOM   707 C CG  . LEU A 1 98  ? -3.926  -4.988  1.273   1.00 34.44  ? 389 LEU A CG  1 
ATOM   708 C CD1 . LEU A 1 98  ? -2.552  -4.522  1.690   1.00 38.41  ? 389 LEU A CD1 1 
ATOM   709 C CD2 . LEU A 1 98  ? -4.027  -6.494  1.245   1.00 26.08  ? 389 LEU A CD2 1 
ATOM   710 N N   . SER A 1 99  ? -8.354  -4.892  3.191   1.00 27.34  ? 390 SER A N   1 
ATOM   711 C CA  . SER A 1 99  ? -9.328  -4.333  4.136   1.00 27.26  ? 390 SER A CA  1 
ATOM   712 C C   . SER A 1 99  ? -8.661  -4.056  5.469   1.00 27.76  ? 390 SER A C   1 
ATOM   713 O O   . SER A 1 99  ? -7.827  -4.848  5.949   1.00 27.87  ? 390 SER A O   1 
ATOM   714 C CB  . SER A 1 99  ? -10.515 -5.254  4.348   1.00 25.72  ? 390 SER A CB  1 
ATOM   715 O OG  . SER A 1 99  ? -11.348 -5.234  3.216   1.00 28.41  ? 390 SER A OG  1 
ATOM   716 N N   . TRP A 1 100 ? -9.015  -2.927  6.066   1.00 24.41  ? 391 TRP A N   1 
ATOM   717 C CA  . TRP A 1 100 ? -8.446  -2.584  7.355   1.00 27.53  ? 391 TRP A CA  1 
ATOM   718 C C   . TRP A 1 100 ? -9.458  -1.850  8.221   1.00 27.43  ? 391 TRP A C   1 
ATOM   719 O O   . TRP A 1 100 ? -10.354 -1.188  7.701   1.00 28.73  ? 391 TRP A O   1 
ATOM   720 C CB  . TRP A 1 100 ? -7.165  -1.762  7.176   1.00 25.03  ? 391 TRP A CB  1 
ATOM   721 C CG  . TRP A 1 100 ? -6.354  -1.803  8.355   1.00 25.85  ? 391 TRP A CG  1 
ATOM   722 C CD1 . TRP A 1 100 ? -6.275  -0.848  9.335   1.00 27.21  ? 391 TRP A CD1 1 
ATOM   723 C CD2 . TRP A 1 100 ? -5.565  -2.909  8.796   1.00 24.53  ? 391 TRP A CD2 1 
ATOM   724 N NE1 . TRP A 1 100 ? -5.449  -1.284  10.337  1.00 27.93  ? 391 TRP A NE1 1 
ATOM   725 C CE2 . TRP A 1 100 ? -5.007  -2.551  10.037  1.00 26.33  ? 391 TRP A CE2 1 
ATOM   726 C CE3 . TRP A 1 100 ? -5.234  -4.146  8.237   1.00 25.96  ? 391 TRP A CE3 1 
ATOM   727 C CZ2 . TRP A 1 100 ? -4.154  -3.404  10.743  1.00 30.39  ? 391 TRP A CZ2 1 
ATOM   728 C CZ3 . TRP A 1 100 ? -4.402  -4.993  8.940   1.00 25.43  ? 391 TRP A CZ3 1 
ATOM   729 C CH2 . TRP A 1 100 ? -3.861  -4.619  10.173  1.00 29.61  ? 391 TRP A CH2 1 
ATOM   730 N N   . PHE A 1 101 ? -9.351  -2.030  9.536   1.00 26.54  ? 392 PHE A N   1 
ATOM   731 C CA  . PHE A 1 101 ? -10.169 -1.265  10.496  1.00 28.21  ? 392 PHE A CA  1 
ATOM   732 C C   . PHE A 1 101 ? -9.258  -0.777  11.613  1.00 28.29  ? 392 PHE A C   1 
ATOM   733 O O   . PHE A 1 101 ? -8.493  -1.551  12.165  1.00 29.87  ? 392 PHE A O   1 
ATOM   734 C CB  . PHE A 1 101 ? -11.348 -2.059  11.085  1.00 26.72  ? 392 PHE A CB  1 
ATOM   735 C CG  . PHE A 1 101 ? -12.372 -1.185  11.748  1.00 29.15  ? 392 PHE A CG  1 
ATOM   736 C CD1 . PHE A 1 101 ? -13.462 -0.726  11.038  1.00 30.55  ? 392 PHE A CD1 1 
ATOM   737 C CD2 . PHE A 1 101 ? -12.180 -0.730  13.041  1.00 27.26  ? 392 PHE A CD2 1 
ATOM   738 C CE1 . PHE A 1 101 ? -14.345 0.114   11.608  1.00 28.19  ? 392 PHE A CE1 1 
ATOM   739 C CE2 . PHE A 1 101 ? -13.078 0.112   13.615  1.00 26.89  ? 392 PHE A CE2 1 
ATOM   740 C CZ  . PHE A 1 101 ? -14.153 0.536   12.898  1.00 30.91  ? 392 PHE A CZ  1 
ATOM   741 N N   . LYS A 1 102 ? -9.284  0.521   11.888  1.00 26.73  ? 393 LYS A N   1 
ATOM   742 C CA  . LYS A 1 102 ? -8.443  1.088   12.924  1.00 27.06  ? 393 LYS A CA  1 
ATOM   743 C C   . LYS A 1 102 ? -9.355  1.777   13.915  1.00 26.83  ? 393 LYS A C   1 
ATOM   744 O O   . LYS A 1 102 ? -10.022 2.765   13.592  1.00 28.32  ? 393 LYS A O   1 
ATOM   745 C CB  . LYS A 1 102 ? -7.448  2.056   12.313  1.00 23.05  ? 393 LYS A CB  1 
ATOM   746 C CG  . LYS A 1 102 ? -6.456  2.704   13.283  1.00 32.70  ? 393 LYS A CG  1 
ATOM   747 C CD  . LYS A 1 102 ? -5.418  3.468   12.427  1.00 36.51  ? 393 LYS A CD  1 
ATOM   748 C CE  . LYS A 1 102 ? -4.545  4.409   13.210  1.00 38.14  ? 393 LYS A CE  1 
ATOM   749 N NZ  . LYS A 1 102 ? -3.880  5.414   12.288  1.00 45.98  ? 393 LYS A NZ  1 
ATOM   750 N N   . LYS A 1 103 ? -9.364  1.250   15.130  1.00 27.17  ? 394 LYS A N   1 
ATOM   751 C CA  . LYS A 1 103 ? -10.217 1.762   16.178  1.00 29.44  ? 394 LYS A CA  1 
ATOM   752 C C   . LYS A 1 103 ? -9.712  3.064   16.776  1.00 28.49  ? 394 LYS A C   1 
ATOM   753 O O   . LYS A 1 103 ? -8.533  3.331   16.783  1.00 26.29  ? 394 LYS A O   1 
ATOM   754 C CB  . LYS A 1 103 ? -10.340 0.721   17.272  1.00 29.44  ? 394 LYS A CB  1 
ATOM   755 C CG  . LYS A 1 103 ? -11.054 -0.560  16.817  1.00 29.36  ? 394 LYS A CG  1 
ATOM   756 C CD  . LYS A 1 103 ? -11.123 -1.565  17.987  1.00 36.67  ? 394 LYS A CD  1 
ATOM   757 C CE  . LYS A 1 103 ? -11.769 -2.861  17.631  1.00 40.65  ? 394 LYS A CE  1 
ATOM   758 N NZ  . LYS A 1 103 ? -11.727 -3.770  18.845  1.00 52.94  ? 394 LYS A NZ  1 
ATOM   759 N N   . GLY A 1 104 ? -10.636 3.881   17.257  1.00 26.95  ? 395 GLY A N   1 
ATOM   760 C CA  . GLY A 1 104 ? -10.300 5.024   18.062  1.00 24.40  ? 395 GLY A CA  1 
ATOM   761 C C   . GLY A 1 104 ? -10.192 6.292   17.267  1.00 25.97  ? 395 GLY A C   1 
ATOM   762 O O   . GLY A 1 104 ? -10.973 6.549   16.348  1.00 26.51  ? 395 GLY A O   1 
ATOM   763 N N   . SER A 1 105 ? -9.219  7.096   17.674  1.00 25.64  ? 396 SER A N   1 
ATOM   764 C CA  . SER A 1 105 ? -8.956  8.402   17.129  1.00 26.71  ? 396 SER A CA  1 
ATOM   765 C C   . SER A 1 105 ? -7.553  8.794   17.550  1.00 26.97  ? 396 SER A C   1 
ATOM   766 O O   . SER A 1 105 ? -6.955  8.177   18.446  1.00 27.94  ? 396 SER A O   1 
ATOM   767 C CB  . SER A 1 105 ? -9.919  9.416   17.737  1.00 28.13  ? 396 SER A CB  1 
ATOM   768 O OG  . SER A 1 105 ? -10.027 10.547  16.904  1.00 38.79  ? 396 SER A OG  1 
ATOM   769 N N   A SER A 1 106 ? -7.063  9.862   16.947  0.50 25.48  ? 397 SER A N   1 
ATOM   770 N N   B SER A 1 106 ? -7.001  9.828   16.923  0.50 24.47  ? 397 SER A N   1 
ATOM   771 C CA  A SER A 1 106 ? -5.800  10.449  17.342  0.50 28.51  ? 397 SER A CA  1 
ATOM   772 C CA  B SER A 1 106 ? -5.683  10.300  17.344  0.50 26.71  ? 397 SER A CA  1 
ATOM   773 C C   A SER A 1 106 ? -5.792  10.800  18.831  0.50 28.01  ? 397 SER A C   1 
ATOM   774 C C   B SER A 1 106 ? -5.750  10.803  18.782  0.50 26.87  ? 397 SER A C   1 
ATOM   775 O O   A SER A 1 106 ? -6.820  11.226  19.376  0.50 27.83  ? 397 SER A O   1 
ATOM   776 O O   B SER A 1 106 ? -6.780  11.321  19.236  0.50 26.68  ? 397 SER A O   1 
ATOM   777 C CB  A SER A 1 106 ? -5.568  11.708  16.529  0.50 27.48  ? 397 SER A CB  1 
ATOM   778 C CB  B SER A 1 106 ? -5.097  11.363  16.406  0.50 24.50  ? 397 SER A CB  1 
ATOM   779 O OG  A SER A 1 106 ? -4.338  12.263  16.886  0.50 30.68  ? 397 SER A OG  1 
ATOM   780 O OG  B SER A 1 106 ? -6.076  11.882  15.536  0.50 26.04  ? 397 SER A OG  1 
ATOM   781 N N   . ILE A 1 107 ? -4.642  10.601  19.487  1.00 27.95  ? 398 ILE A N   1 
ATOM   782 C CA  . ILE A 1 107 ? -4.489  10.964  20.897  1.00 29.84  ? 398 ILE A CA  1 
ATOM   783 C C   . ILE A 1 107 ? -3.949  12.386  20.982  1.00 30.11  ? 398 ILE A C   1 
ATOM   784 O O   . ILE A 1 107 ? -3.199  12.817  20.115  1.00 28.27  ? 398 ILE A O   1 
ATOM   785 C CB  . ILE A 1 107 ? -3.594  9.944   21.661  1.00 31.38  ? 398 ILE A CB  1 
ATOM   786 C CG1 . ILE A 1 107 ? -4.326  8.605   21.773  1.00 33.17  ? 398 ILE A CG1 1 
ATOM   787 C CG2 . ILE A 1 107 ? -3.257  10.426  23.071  1.00 30.24  ? 398 ILE A CG2 1 
ATOM   788 C CD1 . ILE A 1 107 ? -3.398  7.425   21.881  1.00 36.87  ? 398 ILE A CD1 1 
ATOM   789 N N   . GLY A 1 108 ? -4.418  13.130  21.983  1.00 29.74  ? 399 GLY A N   1 
ATOM   790 C CA  . GLY A 1 108 ? -4.034  14.532  22.188  1.00 32.52  ? 399 GLY A CA  1 
ATOM   791 C C   . GLY A 1 108 ? -4.805  15.548  21.357  1.00 33.14  ? 399 GLY A C   1 
ATOM   792 O O   . GLY A 1 108 ? -5.702  15.229  20.578  1.00 35.69  ? 399 GLY A O   1 
ATOM   793 O OXT . GLY A 1 108 ? -4.545  16.748  21.444  1.00 35.09  ? 399 GLY A OXT 1 
HETATM 794 S S   . SO4 B 2 .   ? 2.753   7.365   -14.908 0.33 41.75  ? 1   SO4 A S   1 
HETATM 795 O O1  . SO4 B 2 .   ? 2.132   7.315   -16.265 0.33 31.44  ? 1   SO4 A O1  1 
HETATM 796 O O2  . SO4 B 2 .   ? 3.552   8.538   -14.531 0.33 33.11  ? 1   SO4 A O2  1 
HETATM 797 O O3  . SO4 B 2 .   ? 1.630   7.345   -13.963 0.33 36.41  ? 1   SO4 A O3  1 
HETATM 798 O O4  . SO4 B 2 .   ? 3.637   6.187   -14.833 0.33 39.77  ? 1   SO4 A O4  1 
HETATM 799 S S   . SO4 C 2 .   ? 12.964  -3.174  3.863   1.00 125.86 ? 2   SO4 A S   1 
HETATM 800 O O1  . SO4 C 2 .   ? 13.762  -1.945  3.714   1.00 126.36 ? 2   SO4 A O1  1 
HETATM 801 O O2  . SO4 C 2 .   ? 13.829  -4.351  4.024   1.00 126.42 ? 2   SO4 A O2  1 
HETATM 802 O O3  . SO4 C 2 .   ? 12.110  -2.934  5.037   1.00 125.67 ? 2   SO4 A O3  1 
HETATM 803 O O4  . SO4 C 2 .   ? 12.138  -3.466  2.683   1.00 125.53 ? 2   SO4 A O4  1 
HETATM 804 S S   . SO4 D 2 .   ? -8.107  -1.484  -15.033 1.00 130.39 ? 3   SO4 A S   1 
HETATM 805 O O1  . SO4 D 2 .   ? -7.012  -1.648  -16.007 1.00 125.25 ? 3   SO4 A O1  1 
HETATM 806 O O2  . SO4 D 2 .   ? -7.749  -2.307  -13.890 1.00 130.88 ? 3   SO4 A O2  1 
HETATM 807 O O3  . SO4 D 2 .   ? -8.256  -0.072  -14.623 1.00 126.88 ? 3   SO4 A O3  1 
HETATM 808 O O4  . SO4 D 2 .   ? -9.383  -2.044  -15.510 1.00 129.69 ? 3   SO4 A O4  1 
HETATM 809 S S   . SO4 E 2 .   ? 10.555  -10.868 5.392   1.00 140.17 ? 4   SO4 A S   1 
HETATM 810 O O1  . SO4 E 2 .   ? 11.664  -10.959 4.441   1.00 140.74 ? 4   SO4 A O1  1 
HETATM 811 O O2  . SO4 E 2 .   ? 10.888  -11.611 6.607   1.00 141.32 ? 4   SO4 A O2  1 
HETATM 812 O O3  . SO4 E 2 .   ? 10.407  -9.442  5.722   1.00 139.04 ? 4   SO4 A O3  1 
HETATM 813 O O4  . SO4 E 2 .   ? 9.347   -11.502 4.839   1.00 138.69 ? 4   SO4 A O4  1 
HETATM 814 O O   . HOH F 3 .   ? -16.778 -1.836  8.387   0.33 12.85  ? 401 HOH A O   1 
HETATM 815 O O   . HOH F 3 .   ? 10.312  2.469   -15.198 1.00 23.83  ? 402 HOH A O   1 
HETATM 816 O O   . HOH F 3 .   ? -3.136  2.452   -5.234  1.00 23.20  ? 403 HOH A O   1 
HETATM 817 O O   . HOH F 3 .   ? 5.934   8.003   -12.820 1.00 21.29  ? 404 HOH A O   1 
HETATM 818 O O   . HOH F 3 .   ? -8.482  1.927   8.408   1.00 26.22  ? 405 HOH A O   1 
HETATM 819 O O   . HOH F 3 .   ? -0.437  -1.375  -10.675 1.00 27.21  ? 406 HOH A O   1 
HETATM 820 O O   . HOH F 3 .   ? 2.117   -8.094  4.382   1.00 18.73  ? 407 HOH A O   1 
HETATM 821 O O   . HOH F 3 .   ? 2.838   3.906   -15.765 1.00 27.34  ? 408 HOH A O   1 
HETATM 822 O O   . HOH F 3 .   ? 8.060   -8.136  -6.542  1.00 25.59  ? 409 HOH A O   1 
HETATM 823 O O   . HOH F 3 .   ? 17.696  2.232   -13.035 1.00 17.68  ? 410 HOH A O   1 
HETATM 824 O O   . HOH F 3 .   ? -2.543  -5.068  -8.102  1.00 35.53  ? 411 HOH A O   1 
HETATM 825 O O   . HOH F 3 .   ? 11.821  -5.373  -5.747  1.00 29.86  ? 412 HOH A O   1 
HETATM 826 O O   . HOH F 3 .   ? -3.560  -9.804  6.060   1.00 22.14  ? 413 HOH A O   1 
HETATM 827 O O   . HOH F 3 .   ? -7.319  -1.090  15.936  1.00 38.04  ? 414 HOH A O   1 
HETATM 828 O O   . HOH F 3 .   ? 10.689  0.433   -16.529 1.00 35.00  ? 415 HOH A O   1 
HETATM 829 O O   . HOH F 3 .   ? 0.500   -8.083  -14.006 1.00 28.91  ? 416 HOH A O   1 
HETATM 830 O O   . HOH F 3 .   ? 2.837   -4.922  -16.267 1.00 32.44  ? 417 HOH A O   1 
HETATM 831 O O   . HOH F 3 .   ? -15.160 3.926   8.796   1.00 37.48  ? 418 HOH A O   1 
HETATM 832 O O   . HOH F 3 .   ? 11.144  8.130   -11.154 1.00 31.95  ? 419 HOH A O   1 
HETATM 833 O O   . HOH F 3 .   ? -7.754  13.432  20.567  1.00 22.00  ? 420 HOH A O   1 
HETATM 834 O O   . HOH F 3 .   ? -2.995  -3.690  -10.225 1.00 39.49  ? 421 HOH A O   1 
HETATM 835 O O   . HOH F 3 .   ? 11.434  -3.439  0.612   1.00 34.60  ? 422 HOH A O   1 
HETATM 836 O O   . HOH F 3 .   ? -12.467 -2.731  4.153   1.00 38.18  ? 423 HOH A O   1 
HETATM 837 O O   . HOH F 3 .   ? -3.855  0.176   12.801  1.00 23.93  ? 424 HOH A O   1 
HETATM 838 O O   . HOH F 3 .   ? 12.218  -7.654  -13.088 1.00 29.41  ? 425 HOH A O   1 
HETATM 839 O O   . HOH F 3 .   ? 12.504  -1.600  -3.203  1.00 41.56  ? 426 HOH A O   1 
HETATM 840 O O   . HOH F 3 .   ? 3.626   -8.006  6.185   1.00 30.98  ? 427 HOH A O   1 
HETATM 841 O O   . HOH F 3 .   ? 10.942  0.648   -1.774  1.00 40.62  ? 428 HOH A O   1 
HETATM 842 O O   . HOH F 3 .   ? -11.821 8.518   14.558  1.00 40.36  ? 429 HOH A O   1 
HETATM 843 O O   . HOH F 3 .   ? -7.447  -7.226  -3.421  1.00 34.53  ? 430 HOH A O   1 
HETATM 844 O O   . HOH F 3 .   ? 8.700   -6.464  -14.129 1.00 35.57  ? 431 HOH A O   1 
HETATM 845 O O   . HOH F 3 .   ? -6.279  2.380   16.933  1.00 44.75  ? 432 HOH A O   1 
HETATM 846 O O   . HOH F 3 .   ? 12.675  7.015   -9.350  1.00 46.92  ? 433 HOH A O   1 
HETATM 847 O O   . HOH F 3 .   ? -8.218  11.295  14.613  1.00 32.23  ? 434 HOH A O   1 
HETATM 848 O O   . HOH F 3 .   ? 10.244  -0.667  0.458   1.00 49.56  ? 435 HOH A O   1 
HETATM 849 O O   . HOH F 3 .   ? -6.314  5.717   19.482  1.00 43.15  ? 436 HOH A O   1 
HETATM 850 O O   . HOH F 3 .   ? -2.374  8.845   17.852  1.00 36.08  ? 437 HOH A O   1 
HETATM 851 O O   . HOH F 3 .   ? 0.406   -6.720  -16.449 1.00 44.41  ? 438 HOH A O   1 
HETATM 852 O O   . HOH F 3 .   ? -2.869  9.392   14.918  1.00 41.92  ? 439 HOH A O   1 
HETATM 853 O O   . HOH F 3 .   ? 12.660  -5.092  -3.013  1.00 43.01  ? 440 HOH A O   1 
HETATM 854 O O   . HOH F 3 .   ? -10.388 10.311  13.367  1.00 41.16  ? 441 HOH A O   1 
HETATM 855 O O   . HOH F 3 .   ? -5.983  -2.018  13.875  1.00 30.39  ? 442 HOH A O   1 
HETATM 856 O O   . HOH F 3 .   ? 11.295  4.851   3.790   1.00 33.15  ? 443 HOH A O   1 
HETATM 857 O O   . HOH F 3 .   ? -4.274  5.435   18.576  1.00 46.59  ? 444 HOH A O   1 
HETATM 858 O O   . HOH F 3 .   ? 9.119   0.823   4.449   1.00 42.02  ? 445 HOH A O   1 
HETATM 859 O O   . HOH F 3 .   ? 1.465   -14.859 6.836   1.00 29.85  ? 446 HOH A O   1 
HETATM 860 O O   . HOH F 3 .   ? -6.609  11.377  13.245  1.00 45.05  ? 447 HOH A O   1 
HETATM 861 O O   . HOH F 3 .   ? 3.344   -15.558 -0.760  1.00 37.90  ? 448 HOH A O   1 
HETATM 862 O O   . HOH F 3 .   ? -11.993 6.021   6.893   1.00 40.94  ? 449 HOH A O   1 
HETATM 863 O O   . HOH F 3 .   ? 1.225   -8.193  13.670  1.00 35.85  ? 450 HOH A O   1 
HETATM 864 O O   . HOH F 3 .   ? -3.153  9.058   8.589   1.00 40.28  ? 451 HOH A O   1 
HETATM 865 O O   . HOH F 3 .   ? 16.948  7.003   -9.263  1.00 45.36  ? 452 HOH A O   1 
HETATM 866 O O   . HOH F 3 .   ? -8.006  8.957   10.295  1.00 51.73  ? 453 HOH A O   1 
# 
